data_8JU6
#
_entry.id   8JU6
#
_cell.length_a   1.00
_cell.length_b   1.00
_cell.length_c   1.00
_cell.angle_alpha   90.00
_cell.angle_beta   90.00
_cell.angle_gamma   90.00
#
_symmetry.space_group_name_H-M   'P 1'
#
loop_
_entity.id
_entity.type
_entity.pdbx_description
1 polymer 'Transient receptor potential cation channel subfamily V member 4,3C-GFP'
2 non-polymer 1-({(5S,7S)-3-[5-(2-hydroxypropan-2-yl)pyrazin-2-yl]-7-methyl-2-oxo-1-oxa-3-azaspiro[4.5]decan-7-yl}methyl)-1H-benzimidazole-6-carbonitrile
#
_entity_poly.entity_id   1
_entity_poly.type   'polypeptide(L)'
_entity_poly.pdbx_seq_one_letter_code
;MADSSEGPRAGPGEVAELPGDESGTPGGEAFPLSSLANLFEGEDGSLSPSPADASRPAGPGDGRPNLRMKFQGAFRKGVP
NPIDLLESTLYESSVVPGPKKAPMDSLFDYGTYRHHSSDNKRWRKKIIEKQPQSPKAPAPQPPPILKVFNRPILFDIVSR
GSTADLDGLLPFLLTHKKRLTDEEFREPSTGKTCLPKALLNLSNGRNDTIPVLLDIAERTGNMREFINSPFRDIYYRGQT
ALHIAIERRCKHYVELLVAQGADVHAQARGRFFQPKDEGGYFYFGELPLSLAACTNQPHIVNYLTENPHKKADMRRQDSR
GNTVLHALVAIADNTRENTKFVTKMYDLLLLKCARLFPDSNLEAVLNNDGLSPLMMAAKTGKIGIFQHIIRREVTDEDTR
HLSRKFKDWAYGPVYSSLYDLSSLDTCGEEASVLEILVYNSKIENRHEMLAVEPINELLRDKWRKFGAVSFYINVVSYLC
AMVIFTLTAYYQPLEGTPPYPYRTTVDYLRLAGEVITLFTGVLFFFTNIKDLFMKKCPGVNSLFIDGSFQLLYFIYSVLV
IVSAALYLAGIEAYLAVMVFALVLGWMNALYFTRGLKLTGTYSIMIQKILFKDLFRFLLVYLLFMIGYASALVSLLNPCA
NMKVCNEDQTNCTVPTYPSCRDSETFSTFLLDLFKLTIGMGDLEMLSSTKYPVVFIILLVTYIILTFVLLLNMLIALMGE
TVGQVSKESKHIWKLQWATTILDIERSFPVFLRKAFRSGEMVTVGKSSDGTPDRRWCFRVDEVNWSHWNQNLGIINEDPG
KNETYQYYGFSHTVGRLRRDRWSSVVPRVVELNKNSNPDEVVVPLDSMGNPRCDGHQQGYPRKWRTDDAPLAAALEVLFQ
GPSKGEELFTGVVPILVELDGDVNGHKFSVRGEGEGDATNGKLTLKFICTTGKLPVPWPTLVTTLTYGVQCFSRYPDHMK
RHDFFKSAMPEGYVQERTISFKDDGTYKTRAEVKFEGDTLVNRIELKGIDFKEDGNILGHKLEYNFNSHNVYITADKQKN
GIKANFKIRHNVEDGSVQLADHYQQNTPIGDGPVLLPDNHYLSTQSVLSKDPNEKRDHMVLLEFVTAAGITHGMDEWSHP
QFEKGGGSGGGSGGSAWSHPQFEK
;
_entity_poly.pdbx_strand_id   A,B,D,C
#
loop_
_chem_comp.id
_chem_comp.type
_chem_comp.name
_chem_comp.formula
XPW non-polymer 1-({(5S,7S)-3-[5-(2-hydroxypropan-2-yl)pyrazin-2-yl]-7-methyl-2-oxo-1-oxa-3-azaspiro[4.5]decan-7-yl}methyl)-1H-benzimidazole-6-carbonitrile 'C25 H28 N6 O3'
#
# COMPACT_ATOMS: atom_id res chain seq x y z
N VAL A 148 47.94 33.77 -50.36
CA VAL A 148 47.62 32.35 -50.45
C VAL A 148 46.61 31.97 -49.38
N PHE A 149 45.45 31.49 -49.79
CA PHE A 149 44.37 31.08 -48.89
C PHE A 149 43.99 29.65 -49.20
N ASN A 150 44.53 28.71 -48.44
CA ASN A 150 44.15 27.31 -48.58
C ASN A 150 42.97 27.01 -47.66
N ARG A 151 42.32 25.87 -47.92
CA ARG A 151 41.11 25.51 -47.17
C ARG A 151 41.34 25.37 -45.67
N PRO A 152 42.37 24.65 -45.19
CA PRO A 152 42.57 24.60 -43.73
C PRO A 152 42.77 25.97 -43.10
N ILE A 153 43.52 26.86 -43.76
CA ILE A 153 43.78 28.18 -43.21
C ILE A 153 42.48 28.98 -43.13
N LEU A 154 41.68 28.94 -44.20
CA LEU A 154 40.44 29.68 -44.21
C LEU A 154 39.48 29.16 -43.14
N PHE A 155 39.40 27.83 -42.99
CA PHE A 155 38.55 27.27 -41.94
C PHE A 155 39.04 27.67 -40.55
N ASP A 156 40.36 27.66 -40.33
CA ASP A 156 40.88 28.08 -39.03
C ASP A 156 40.53 29.54 -38.75
N ILE A 157 40.70 30.41 -39.75
CA ILE A 157 40.38 31.83 -39.57
C ILE A 157 38.91 32.02 -39.26
N VAL A 158 38.05 31.35 -40.04
CA VAL A 158 36.61 31.55 -39.87
C VAL A 158 36.11 30.94 -38.56
N SER A 159 36.74 29.86 -38.10
CA SER A 159 36.34 29.26 -36.83
C SER A 159 36.83 30.08 -35.65
N ARG A 160 37.98 30.74 -35.79
CA ARG A 160 38.49 31.63 -34.75
C ARG A 160 37.82 33.00 -34.79
N GLY A 161 37.06 33.29 -35.84
CA GLY A 161 36.38 34.57 -35.93
C GLY A 161 37.27 35.75 -36.20
N SER A 162 38.47 35.51 -36.75
CA SER A 162 39.40 36.59 -37.04
C SER A 162 39.00 37.25 -38.35
N THR A 163 38.16 38.29 -38.25
CA THR A 163 37.72 39.00 -39.44
C THR A 163 38.86 39.78 -40.08
N ALA A 164 39.91 40.08 -39.32
CA ALA A 164 41.02 40.87 -39.85
C ALA A 164 41.80 40.10 -40.92
N ASP A 165 41.92 38.78 -40.76
CA ASP A 165 42.74 37.97 -41.64
C ASP A 165 42.12 37.74 -43.01
N LEU A 166 40.98 38.37 -43.30
CA LEU A 166 40.25 38.14 -44.55
C LEU A 166 40.40 39.30 -45.53
N ASP A 167 41.25 40.27 -45.21
CA ASP A 167 41.43 41.41 -46.11
C ASP A 167 42.03 40.97 -47.45
N GLY A 168 43.00 40.07 -47.41
CA GLY A 168 43.66 39.66 -48.65
C GLY A 168 42.89 38.61 -49.42
N LEU A 169 41.77 38.14 -48.88
CA LEU A 169 40.98 37.14 -49.57
C LEU A 169 40.37 37.70 -50.85
N LEU A 170 39.94 38.95 -50.81
CA LEU A 170 39.32 39.57 -52.00
C LEU A 170 40.29 39.65 -53.18
N PRO A 171 41.52 40.17 -53.04
CA PRO A 171 42.43 40.15 -54.20
C PRO A 171 42.74 38.75 -54.68
N PHE A 172 42.84 37.78 -53.77
CA PHE A 172 43.11 36.40 -54.17
C PHE A 172 41.97 35.87 -55.03
N LEU A 173 40.73 36.08 -54.59
CA LEU A 173 39.59 35.56 -55.32
C LEU A 173 39.43 36.27 -56.66
N LEU A 174 39.64 37.60 -56.69
CA LEU A 174 39.45 38.35 -57.92
C LEU A 174 40.54 38.03 -58.94
N THR A 175 41.79 37.97 -58.50
CA THR A 175 42.90 37.80 -59.44
C THR A 175 42.97 36.38 -59.97
N HIS A 176 42.75 35.39 -59.10
CA HIS A 176 42.89 33.98 -59.46
C HIS A 176 41.63 33.39 -60.06
N LYS A 177 40.57 34.20 -60.21
CA LYS A 177 39.30 33.75 -60.77
C LYS A 177 38.73 32.58 -59.98
N LYS A 178 38.87 32.65 -58.66
CA LYS A 178 38.37 31.64 -57.75
C LYS A 178 37.17 32.18 -57.00
N ARG A 179 36.23 31.30 -56.68
CA ARG A 179 34.97 31.66 -56.04
C ARG A 179 34.83 30.94 -54.71
N LEU A 180 34.13 31.56 -53.78
CA LEU A 180 33.96 30.98 -52.45
C LEU A 180 33.15 29.70 -52.47
N THR A 181 32.43 29.41 -53.55
CA THR A 181 31.67 28.19 -53.68
C THR A 181 32.41 27.10 -54.44
N ASP A 182 33.70 27.30 -54.70
CA ASP A 182 34.48 26.31 -55.45
C ASP A 182 34.73 25.06 -54.60
N GLU A 183 35.01 23.96 -55.28
CA GLU A 183 35.28 22.70 -54.59
C GLU A 183 36.50 22.79 -53.69
N GLU A 184 37.47 23.64 -54.03
CA GLU A 184 38.68 23.76 -53.21
C GLU A 184 38.36 24.31 -51.83
N PHE A 185 37.23 24.98 -51.67
CA PHE A 185 36.84 25.57 -50.41
C PHE A 185 35.78 24.77 -49.67
N ARG A 186 35.51 23.54 -50.12
CA ARG A 186 34.50 22.67 -49.52
C ARG A 186 35.17 21.46 -48.90
N GLU A 187 34.64 21.03 -47.75
CA GLU A 187 35.14 19.80 -47.15
C GLU A 187 34.77 18.61 -48.03
N PRO A 188 35.75 17.78 -48.40
CA PRO A 188 35.43 16.64 -49.27
C PRO A 188 34.46 15.65 -48.64
N SER A 189 34.45 15.55 -47.31
CA SER A 189 33.62 14.56 -46.64
C SER A 189 32.14 14.89 -46.78
N THR A 190 31.76 16.15 -46.50
CA THR A 190 30.36 16.54 -46.44
C THR A 190 29.98 17.60 -47.46
N GLY A 191 30.93 18.40 -47.95
CA GLY A 191 30.57 19.56 -48.72
C GLY A 191 30.22 20.78 -47.90
N LYS A 192 30.41 20.71 -46.59
CA LYS A 192 30.16 21.85 -45.72
C LYS A 192 30.97 23.05 -46.16
N THR A 193 30.33 24.21 -46.21
CA THR A 193 30.94 25.42 -46.72
C THR A 193 31.38 26.29 -45.54
N CYS A 194 31.96 27.46 -45.81
CA CYS A 194 32.51 28.30 -44.74
C CYS A 194 31.42 28.82 -43.82
N LEU A 195 30.24 29.14 -44.37
CA LEU A 195 29.18 29.70 -43.53
C LEU A 195 28.70 28.73 -42.46
N PRO A 196 28.45 27.45 -42.75
CA PRO A 196 28.19 26.51 -41.64
C PRO A 196 29.33 26.41 -40.65
N LYS A 197 30.59 26.48 -41.10
CA LYS A 197 31.71 26.49 -40.18
C LYS A 197 31.61 27.66 -39.21
N ALA A 198 31.30 28.84 -39.73
CA ALA A 198 31.23 30.03 -38.89
C ALA A 198 30.04 29.98 -37.95
N LEU A 199 28.88 29.52 -38.44
CA LEU A 199 27.70 29.47 -37.60
C LEU A 199 27.82 28.43 -36.50
N LEU A 200 28.36 27.26 -36.81
CA LEU A 200 28.54 26.22 -35.79
C LEU A 200 29.51 26.69 -34.71
N ASN A 201 30.61 27.34 -35.11
CA ASN A 201 31.61 27.83 -34.17
C ASN A 201 31.27 29.26 -33.77
N LEU A 202 30.24 29.36 -32.93
CA LEU A 202 29.71 30.65 -32.49
C LEU A 202 30.32 31.04 -31.15
N SER A 203 30.83 32.27 -31.06
CA SER A 203 31.48 32.78 -29.86
C SER A 203 30.59 33.84 -29.22
N ASN A 204 29.99 33.50 -28.08
CA ASN A 204 29.14 34.43 -27.31
C ASN A 204 28.04 35.01 -28.19
N GLY A 205 27.43 34.17 -29.01
CA GLY A 205 26.28 34.57 -29.79
C GLY A 205 26.56 35.44 -30.99
N ARG A 206 27.82 35.80 -31.24
CA ARG A 206 28.16 36.67 -32.37
C ARG A 206 29.45 36.18 -33.01
N ASN A 207 29.44 36.01 -34.31
CA ASN A 207 30.65 35.81 -35.10
C ASN A 207 30.77 36.98 -36.06
N ASP A 208 31.91 37.70 -35.99
CA ASP A 208 32.08 38.91 -36.77
C ASP A 208 32.36 38.63 -38.25
N THR A 209 32.66 37.39 -38.61
CA THR A 209 32.99 37.06 -39.99
C THR A 209 31.77 36.87 -40.89
N ILE A 210 30.57 36.78 -40.32
CA ILE A 210 29.39 36.56 -41.15
C ILE A 210 29.14 37.70 -42.12
N PRO A 211 29.07 38.97 -41.69
CA PRO A 211 28.83 40.04 -42.68
C PRO A 211 29.91 40.16 -43.73
N VAL A 212 31.17 39.94 -43.36
CA VAL A 212 32.25 40.07 -44.35
C VAL A 212 32.18 38.91 -45.34
N LEU A 213 31.83 37.70 -44.88
CA LEU A 213 31.64 36.60 -45.82
C LEU A 213 30.46 36.87 -46.75
N LEU A 214 29.38 37.46 -46.23
CA LEU A 214 28.27 37.81 -47.09
C LEU A 214 28.68 38.83 -48.14
N ASP A 215 29.48 39.82 -47.73
CA ASP A 215 29.99 40.81 -48.67
C ASP A 215 30.85 40.15 -49.74
N ILE A 216 31.71 39.22 -49.33
CA ILE A 216 32.56 38.52 -50.29
C ILE A 216 31.71 37.73 -51.28
N ALA A 217 30.67 37.06 -50.79
CA ALA A 217 29.81 36.27 -51.66
C ALA A 217 29.08 37.15 -52.65
N GLU A 218 28.59 38.31 -52.20
CA GLU A 218 27.85 39.16 -53.13
C GLU A 218 28.79 39.87 -54.11
N ARG A 219 30.04 40.09 -53.72
CA ARG A 219 31.00 40.69 -54.65
C ARG A 219 31.50 39.68 -55.68
N THR A 220 31.67 38.41 -55.30
CA THR A 220 32.19 37.43 -56.22
C THR A 220 31.18 37.04 -57.30
N GLY A 221 29.94 37.47 -57.18
CA GLY A 221 28.92 37.21 -58.19
C GLY A 221 28.14 35.93 -57.99
N ASN A 222 28.44 35.16 -56.96
CA ASN A 222 27.79 33.86 -56.73
C ASN A 222 27.23 33.81 -55.32
N MET A 223 26.52 34.86 -54.93
CA MET A 223 25.91 34.93 -53.61
C MET A 223 24.85 33.85 -53.43
N ARG A 224 24.05 33.59 -54.47
CA ARG A 224 22.93 32.66 -54.35
C ARG A 224 23.41 31.27 -53.99
N GLU A 225 24.49 30.81 -54.64
CA GLU A 225 24.99 29.47 -54.37
C GLU A 225 25.66 29.35 -53.00
N PHE A 226 25.98 30.48 -52.36
CA PHE A 226 26.66 30.45 -51.06
C PHE A 226 25.68 30.31 -49.90
N ILE A 227 24.61 31.10 -49.90
CA ILE A 227 23.71 31.13 -48.75
C ILE A 227 23.05 29.77 -48.53
N ASN A 228 22.57 29.15 -49.59
CA ASN A 228 21.93 27.84 -49.52
C ASN A 228 22.76 26.79 -50.25
N SER A 229 23.73 26.23 -49.54
CA SER A 229 24.59 25.17 -50.07
C SER A 229 24.32 23.89 -49.29
N PRO A 230 23.58 22.94 -49.82
CA PRO A 230 23.24 21.73 -49.06
C PRO A 230 24.47 20.88 -48.80
N PHE A 231 24.46 20.22 -47.64
CA PHE A 231 25.47 19.23 -47.34
C PHE A 231 25.29 18.03 -48.27
N ARG A 232 26.40 17.41 -48.65
CA ARG A 232 26.37 16.33 -49.62
C ARG A 232 26.39 14.95 -48.99
N ASP A 233 26.88 14.80 -47.76
CA ASP A 233 26.96 13.50 -47.14
C ASP A 233 25.57 12.95 -46.86
N ILE A 234 25.45 11.63 -46.88
CA ILE A 234 24.17 10.96 -46.65
C ILE A 234 23.73 11.22 -45.21
N TYR A 235 24.68 11.55 -44.33
CA TYR A 235 24.38 11.69 -42.92
C TYR A 235 23.67 13.00 -42.60
N TYR A 236 24.03 14.08 -43.30
CA TYR A 236 23.45 15.41 -43.08
C TYR A 236 22.86 16.00 -44.35
N ARG A 237 22.41 15.15 -45.27
CA ARG A 237 22.03 15.60 -46.60
C ARG A 237 20.95 16.67 -46.55
N GLY A 238 21.14 17.73 -47.33
CA GLY A 238 20.15 18.76 -47.50
C GLY A 238 20.22 19.92 -46.54
N GLN A 239 20.89 19.75 -45.40
CA GLN A 239 20.93 20.81 -44.40
C GLN A 239 21.64 22.04 -44.95
N THR A 240 21.07 23.21 -44.70
CA THR A 240 21.64 24.47 -45.14
C THR A 240 22.03 25.31 -43.94
N ALA A 241 22.69 26.44 -44.22
CA ALA A 241 23.08 27.35 -43.16
C ALA A 241 21.88 27.89 -42.41
N LEU A 242 20.72 27.94 -43.06
CA LEU A 242 19.51 28.41 -42.39
C LEU A 242 19.12 27.47 -41.26
N HIS A 243 19.24 26.16 -41.48
CA HIS A 243 18.96 25.19 -40.42
C HIS A 243 19.87 25.41 -39.22
N ILE A 244 21.16 25.62 -39.47
CA ILE A 244 22.10 25.85 -38.37
C ILE A 244 21.75 27.14 -37.63
N ALA A 245 21.43 28.20 -38.37
CA ALA A 245 21.07 29.45 -37.73
C ALA A 245 19.85 29.30 -36.85
N ILE A 246 18.83 28.56 -37.33
CA ILE A 246 17.62 28.37 -36.55
C ILE A 246 17.89 27.50 -35.34
N GLU A 247 18.70 26.44 -35.51
CA GLU A 247 18.95 25.52 -34.41
C GLU A 247 19.77 26.18 -33.31
N ARG A 248 20.73 27.03 -33.68
CA ARG A 248 21.55 27.73 -32.69
C ARG A 248 20.77 28.80 -31.94
N ARG A 249 19.53 29.06 -32.33
CA ARG A 249 18.64 30.01 -31.65
C ARG A 249 19.18 31.44 -31.79
N CYS A 250 19.56 31.81 -33.00
CA CYS A 250 20.01 33.16 -33.31
C CYS A 250 18.97 33.82 -34.23
N LYS A 251 18.05 34.57 -33.63
CA LYS A 251 17.07 35.30 -34.43
C LYS A 251 17.73 36.33 -35.32
N HIS A 252 18.70 37.07 -34.79
CA HIS A 252 19.37 38.09 -35.60
C HIS A 252 20.15 37.46 -36.76
N TYR A 253 20.83 36.34 -36.51
CA TYR A 253 21.53 35.68 -37.62
C TYR A 253 20.57 35.13 -38.66
N VAL A 254 19.44 34.54 -38.25
CA VAL A 254 18.49 34.05 -39.26
C VAL A 254 17.90 35.22 -40.04
N GLU A 255 17.70 36.37 -39.38
CA GLU A 255 17.21 37.54 -40.10
C GLU A 255 18.21 38.00 -41.15
N LEU A 256 19.47 38.21 -40.76
CA LEU A 256 20.46 38.67 -41.72
C LEU A 256 20.75 37.62 -42.79
N LEU A 257 20.55 36.35 -42.48
CA LEU A 257 20.83 35.29 -43.42
C LEU A 257 19.69 35.11 -44.43
N VAL A 258 18.45 35.38 -44.02
CA VAL A 258 17.34 35.25 -44.96
C VAL A 258 17.12 36.55 -45.73
N ALA A 259 17.53 37.68 -45.18
CA ALA A 259 17.34 38.94 -45.89
C ALA A 259 18.15 39.01 -47.17
N GLN A 260 19.19 38.20 -47.30
CA GLN A 260 20.00 38.16 -48.51
C GLN A 260 19.60 36.99 -49.41
N GLY A 261 18.54 36.27 -49.07
CA GLY A 261 18.01 35.26 -49.95
C GLY A 261 18.24 33.82 -49.56
N ALA A 262 18.04 33.50 -48.28
CA ALA A 262 18.12 32.12 -47.82
C ALA A 262 16.83 31.39 -48.19
N ASP A 263 16.97 30.17 -48.69
CA ASP A 263 15.80 29.36 -49.05
C ASP A 263 15.13 28.87 -47.77
N VAL A 264 13.87 29.27 -47.57
CA VAL A 264 13.15 28.95 -46.35
C VAL A 264 12.33 27.68 -46.53
N HIS A 265 12.58 26.96 -47.61
CA HIS A 265 11.88 25.70 -47.86
C HIS A 265 12.84 24.54 -48.11
N ALA A 266 14.13 24.74 -47.86
CA ALA A 266 15.10 23.67 -48.06
C ALA A 266 14.85 22.53 -47.09
N GLN A 267 14.82 21.31 -47.60
CA GLN A 267 14.44 20.15 -46.82
C GLN A 267 15.67 19.38 -46.36
N ALA A 268 15.89 19.33 -45.05
CA ALA A 268 17.01 18.59 -44.48
C ALA A 268 16.57 17.14 -44.30
N ARG A 269 16.97 16.28 -45.23
CA ARG A 269 16.48 14.90 -45.27
C ARG A 269 17.59 13.88 -45.12
N GLY A 270 18.63 14.20 -44.37
CA GLY A 270 19.72 13.26 -44.16
C GLY A 270 19.34 12.16 -43.20
N ARG A 271 20.27 11.22 -43.02
CA ARG A 271 20.03 10.11 -42.10
C ARG A 271 19.96 10.57 -40.66
N PHE A 272 20.64 11.67 -40.32
CA PHE A 272 20.55 12.20 -38.97
C PHE A 272 19.17 12.78 -38.69
N PHE A 273 18.56 13.40 -39.70
CA PHE A 273 17.24 14.01 -39.55
C PHE A 273 16.13 13.03 -39.95
N GLN A 274 16.07 11.93 -39.23
CA GLN A 274 15.06 10.90 -39.44
C GLN A 274 14.47 10.50 -38.10
N PRO A 275 13.26 9.97 -38.08
CA PRO A 275 12.65 9.57 -36.81
C PRO A 275 13.50 8.53 -36.11
N LYS A 276 13.44 8.55 -34.78
CA LYS A 276 14.29 7.69 -33.96
C LYS A 276 14.13 6.22 -34.33
N ASP A 277 12.95 5.83 -34.80
CA ASP A 277 12.71 4.44 -35.15
C ASP A 277 13.28 4.06 -36.51
N GLU A 278 13.77 5.02 -37.28
CA GLU A 278 14.27 4.76 -38.63
C GLU A 278 15.73 5.21 -38.76
N GLY A 279 16.53 4.93 -37.73
CA GLY A 279 17.94 5.27 -37.78
C GLY A 279 18.20 6.77 -37.80
N GLY A 280 17.86 7.45 -36.72
CA GLY A 280 18.08 8.87 -36.62
C GLY A 280 17.94 9.33 -35.18
N TYR A 281 18.31 10.58 -34.95
CA TYR A 281 18.25 11.15 -33.61
C TYR A 281 17.28 12.32 -33.46
N PHE A 282 16.85 12.94 -34.55
CA PHE A 282 15.95 14.08 -34.43
C PHE A 282 15.17 14.25 -35.72
N TYR A 283 13.85 14.10 -35.64
CA TYR A 283 12.95 14.41 -36.75
C TYR A 283 12.09 15.59 -36.35
N PHE A 284 12.29 16.72 -37.02
CA PHE A 284 11.61 17.96 -36.68
C PHE A 284 10.66 18.42 -37.78
N GLY A 285 10.40 17.57 -38.77
CA GLY A 285 9.52 17.92 -39.86
C GLY A 285 10.22 18.29 -41.15
N GLU A 286 11.55 18.24 -41.18
CA GLU A 286 12.32 18.32 -42.42
C GLU A 286 12.12 19.66 -43.12
N LEU A 287 12.10 20.74 -42.35
CA LEU A 287 11.81 22.05 -42.93
C LEU A 287 12.21 23.15 -41.95
N PRO A 288 12.74 24.27 -42.44
CA PRO A 288 13.16 25.34 -41.50
C PRO A 288 12.05 25.84 -40.61
N LEU A 289 10.85 26.02 -41.15
CA LEU A 289 9.73 26.43 -40.31
C LEU A 289 9.37 25.35 -39.31
N SER A 290 9.33 24.09 -39.76
CA SER A 290 9.08 22.98 -38.84
C SER A 290 10.22 22.85 -37.84
N LEU A 291 11.44 23.24 -38.22
CA LEU A 291 12.56 23.20 -37.30
C LEU A 291 12.41 24.23 -36.20
N ALA A 292 12.08 25.47 -36.57
CA ALA A 292 11.86 26.50 -35.56
C ALA A 292 10.65 26.16 -34.71
N ALA A 293 9.68 25.44 -35.28
CA ALA A 293 8.51 25.05 -34.51
C ALA A 293 8.83 23.95 -33.52
N CYS A 294 9.67 22.98 -33.92
CA CYS A 294 9.92 21.81 -33.09
C CYS A 294 11.00 22.04 -32.05
N THR A 295 11.64 23.20 -32.04
CA THR A 295 12.62 23.54 -31.01
C THR A 295 12.15 24.69 -30.12
N ASN A 296 10.85 24.95 -30.09
CA ASN A 296 10.25 25.96 -29.21
C ASN A 296 10.87 27.34 -29.43
N GLN A 297 10.67 27.85 -30.64
CA GLN A 297 11.20 29.16 -31.04
C GLN A 297 10.06 29.96 -31.64
N PRO A 298 9.13 30.43 -30.82
CA PRO A 298 7.96 31.15 -31.37
C PRO A 298 8.31 32.41 -32.14
N HIS A 299 9.33 33.15 -31.70
CA HIS A 299 9.65 34.41 -32.36
C HIS A 299 10.26 34.19 -33.74
N ILE A 300 11.14 33.19 -33.86
CA ILE A 300 11.71 32.88 -35.17
C ILE A 300 10.63 32.41 -36.12
N VAL A 301 9.65 31.66 -35.60
CA VAL A 301 8.52 31.23 -36.42
C VAL A 301 7.69 32.42 -36.87
N ASN A 302 7.43 33.36 -35.95
CA ASN A 302 6.70 34.56 -36.33
C ASN A 302 7.42 35.32 -37.42
N TYR A 303 8.74 35.43 -37.32
CA TYR A 303 9.51 36.11 -38.35
C TYR A 303 9.44 35.36 -39.67
N LEU A 304 9.56 34.03 -39.64
CA LEU A 304 9.55 33.24 -40.86
C LEU A 304 8.21 33.34 -41.57
N THR A 305 7.12 33.37 -40.80
CA THR A 305 5.79 33.42 -41.42
C THR A 305 5.51 34.78 -42.03
N GLU A 306 5.94 35.86 -41.39
CA GLU A 306 5.72 37.21 -41.88
C GLU A 306 7.05 37.96 -41.93
N ASN A 307 7.54 38.20 -43.14
CA ASN A 307 8.74 38.99 -43.37
C ASN A 307 8.68 39.54 -44.79
N PRO A 308 9.24 40.73 -45.03
CA PRO A 308 9.15 41.31 -46.38
C PRO A 308 9.81 40.50 -47.47
N HIS A 309 10.89 39.77 -47.16
CA HIS A 309 11.69 39.16 -48.23
C HIS A 309 11.04 37.88 -48.75
N LYS A 310 10.90 36.87 -47.90
CA LYS A 310 10.40 35.58 -48.34
C LYS A 310 9.67 34.91 -47.19
N LYS A 311 8.40 34.58 -47.41
CA LYS A 311 7.52 34.04 -46.38
C LYS A 311 7.35 32.54 -46.58
N ALA A 312 7.56 31.77 -45.52
CA ALA A 312 7.37 30.33 -45.55
C ALA A 312 5.96 30.01 -45.09
N ASP A 313 5.14 29.46 -45.98
CA ASP A 313 3.76 29.15 -45.63
C ASP A 313 3.69 27.87 -44.79
N MET A 314 2.69 27.83 -43.91
CA MET A 314 2.53 26.72 -43.00
C MET A 314 2.03 25.46 -43.69
N ARG A 315 1.51 25.58 -44.92
CA ARG A 315 0.87 24.46 -45.58
C ARG A 315 1.85 23.55 -46.31
N ARG A 316 3.11 23.94 -46.45
CA ARG A 316 4.05 23.13 -47.21
C ARG A 316 4.33 21.82 -46.48
N GLN A 317 4.35 20.73 -47.23
CA GLN A 317 4.63 19.41 -46.70
C GLN A 317 6.05 18.99 -47.06
N ASP A 318 6.65 18.19 -46.19
CA ASP A 318 7.98 17.66 -46.42
C ASP A 318 7.90 16.42 -47.32
N SER A 319 9.00 15.68 -47.43
CA SER A 319 9.01 14.50 -48.27
C SER A 319 8.02 13.45 -47.78
N ARG A 320 7.93 13.26 -46.46
CA ARG A 320 6.97 12.33 -45.90
C ARG A 320 5.53 12.81 -46.05
N GLY A 321 5.32 14.07 -46.41
CA GLY A 321 4.01 14.67 -46.41
C GLY A 321 3.65 15.36 -45.11
N ASN A 322 4.45 15.18 -44.07
CA ASN A 322 4.16 15.78 -42.77
C ASN A 322 4.23 17.29 -42.86
N THR A 323 3.14 17.96 -42.50
CA THR A 323 3.15 19.41 -42.41
C THR A 323 3.77 19.84 -41.10
N VAL A 324 3.62 21.12 -40.77
CA VAL A 324 4.17 21.62 -39.52
C VAL A 324 3.52 20.94 -38.33
N LEU A 325 2.21 20.72 -38.39
CA LEU A 325 1.49 20.15 -37.25
C LEU A 325 1.78 18.66 -37.10
N HIS A 326 1.94 17.93 -38.21
CA HIS A 326 2.38 16.54 -38.09
C HIS A 326 3.72 16.45 -37.40
N ALA A 327 4.64 17.36 -37.75
CA ALA A 327 5.94 17.40 -37.09
C ALA A 327 5.81 17.71 -35.62
N LEU A 328 5.01 18.72 -35.27
CA LEU A 328 4.84 19.10 -33.88
C LEU A 328 4.21 17.97 -33.07
N VAL A 329 3.40 17.13 -33.72
CA VAL A 329 2.94 15.91 -33.08
C VAL A 329 4.09 14.91 -32.93
N ALA A 330 4.92 14.79 -33.96
CA ALA A 330 5.96 13.75 -33.98
C ALA A 330 6.95 13.94 -32.86
N ILE A 331 7.33 15.19 -32.56
CA ILE A 331 8.25 15.45 -31.46
C ILE A 331 7.57 15.46 -30.11
N ALA A 332 6.24 15.54 -30.07
CA ALA A 332 5.54 15.66 -28.79
C ALA A 332 5.78 14.43 -27.94
N ASP A 333 5.91 14.65 -26.63
CA ASP A 333 6.04 13.58 -25.67
C ASP A 333 4.91 13.69 -24.66
N ASN A 334 4.87 12.73 -23.75
CA ASN A 334 3.89 12.76 -22.68
C ASN A 334 4.42 13.45 -21.43
N THR A 335 5.67 13.89 -21.44
CA THR A 335 6.21 14.67 -20.35
C THR A 335 5.59 16.07 -20.34
N ARG A 336 5.42 16.62 -19.14
CA ARG A 336 4.79 17.93 -19.02
C ARG A 336 5.61 19.02 -19.69
N GLU A 337 6.93 19.02 -19.47
CA GLU A 337 7.76 20.11 -19.96
C GLU A 337 7.80 20.14 -21.48
N ASN A 338 7.34 19.08 -22.13
CA ASN A 338 7.20 19.04 -23.58
C ASN A 338 5.81 19.50 -24.01
N THR A 339 4.78 18.96 -23.37
CA THR A 339 3.41 19.27 -23.74
C THR A 339 3.09 20.76 -23.57
N LYS A 340 3.62 21.37 -22.51
CA LYS A 340 3.27 22.76 -22.22
C LYS A 340 3.62 23.69 -23.37
N PHE A 341 4.64 23.36 -24.16
CA PHE A 341 4.89 24.19 -25.33
C PHE A 341 4.37 23.59 -26.62
N VAL A 342 4.30 22.26 -26.72
CA VAL A 342 3.77 21.64 -27.93
C VAL A 342 2.33 22.10 -28.17
N THR A 343 1.48 22.00 -27.15
CA THR A 343 0.09 22.38 -27.33
C THR A 343 -0.05 23.88 -27.58
N LYS A 344 0.69 24.68 -26.80
CA LYS A 344 0.64 26.13 -26.97
C LYS A 344 0.98 26.53 -28.40
N MET A 345 2.07 25.99 -28.93
CA MET A 345 2.54 26.46 -30.22
C MET A 345 1.76 25.80 -31.35
N TYR A 346 1.17 24.62 -31.10
CA TYR A 346 0.20 24.07 -32.03
C TYR A 346 -0.98 25.02 -32.19
N ASP A 347 -1.52 25.51 -31.08
CA ASP A 347 -2.60 26.49 -31.17
C ASP A 347 -2.14 27.75 -31.88
N LEU A 348 -0.93 28.23 -31.56
CA LEU A 348 -0.41 29.42 -32.21
C LEU A 348 -0.37 29.26 -33.73
N LEU A 349 0.24 28.18 -34.20
CA LEU A 349 0.38 27.96 -35.63
C LEU A 349 -0.97 27.76 -36.31
N LEU A 350 -1.88 27.04 -35.66
CA LEU A 350 -3.19 26.82 -36.27
C LEU A 350 -3.94 28.13 -36.42
N LEU A 351 -3.92 28.98 -35.39
CA LEU A 351 -4.58 30.27 -35.48
C LEU A 351 -3.93 31.14 -36.55
N LYS A 352 -2.60 31.11 -36.64
CA LYS A 352 -1.93 31.92 -37.66
C LYS A 352 -2.30 31.46 -39.07
N CYS A 353 -2.32 30.14 -39.30
CA CYS A 353 -2.68 29.64 -40.61
C CYS A 353 -4.13 29.96 -40.94
N ALA A 354 -5.01 29.93 -39.94
CA ALA A 354 -6.40 30.33 -40.16
C ALA A 354 -6.49 31.80 -40.55
N ARG A 355 -5.77 32.65 -39.82
CA ARG A 355 -5.90 34.09 -40.05
C ARG A 355 -5.35 34.49 -41.41
N LEU A 356 -4.15 34.02 -41.77
CA LEU A 356 -3.61 34.34 -43.09
C LEU A 356 -4.42 33.67 -44.19
N PHE A 357 -4.74 32.39 -44.01
CA PHE A 357 -5.48 31.66 -45.03
C PHE A 357 -6.82 31.20 -44.45
N PRO A 358 -7.91 31.95 -44.66
CA PRO A 358 -9.19 31.53 -44.04
C PRO A 358 -9.85 30.38 -44.76
N ASP A 359 -9.61 30.22 -46.07
CA ASP A 359 -10.29 29.17 -46.82
C ASP A 359 -9.83 27.79 -46.39
N SER A 360 -8.52 27.60 -46.21
CA SER A 360 -7.98 26.29 -45.92
C SER A 360 -7.98 26.02 -44.41
N ASN A 361 -7.93 24.74 -44.06
CA ASN A 361 -7.77 24.29 -42.68
C ASN A 361 -6.48 23.51 -42.60
N LEU A 362 -5.56 23.95 -41.73
CA LEU A 362 -4.24 23.33 -41.69
C LEU A 362 -4.30 21.92 -41.13
N GLU A 363 -5.25 21.63 -40.24
CA GLU A 363 -5.45 20.28 -39.75
C GLU A 363 -6.00 19.34 -40.81
N ALA A 364 -6.50 19.88 -41.92
CA ALA A 364 -7.22 19.10 -42.92
C ALA A 364 -6.32 18.58 -44.04
N VAL A 365 -5.01 18.81 -43.96
CA VAL A 365 -4.09 18.33 -44.98
C VAL A 365 -3.37 17.10 -44.44
N LEU A 366 -3.33 16.05 -45.25
CA LEU A 366 -2.85 14.75 -44.83
C LEU A 366 -1.42 14.52 -45.31
N ASN A 367 -0.74 13.58 -44.69
CA ASN A 367 0.60 13.21 -45.12
C ASN A 367 0.52 12.06 -46.12
N ASN A 368 1.65 11.44 -46.43
CA ASN A 368 1.66 10.35 -47.40
C ASN A 368 1.02 9.10 -46.84
N ASP A 369 0.85 9.02 -45.52
CA ASP A 369 0.17 7.91 -44.89
C ASP A 369 -1.33 8.12 -44.78
N GLY A 370 -1.84 9.28 -45.17
CA GLY A 370 -3.25 9.57 -45.14
C GLY A 370 -3.76 10.08 -43.81
N LEU A 371 -2.92 10.16 -42.79
CA LEU A 371 -3.35 10.60 -41.47
C LEU A 371 -3.37 12.12 -41.40
N SER A 372 -4.02 12.62 -40.36
CA SER A 372 -4.08 14.04 -40.02
C SER A 372 -3.44 14.20 -38.66
N PRO A 373 -3.10 15.44 -38.27
CA PRO A 373 -2.40 15.61 -36.98
C PRO A 373 -3.11 14.95 -35.81
N LEU A 374 -4.44 15.03 -35.74
CA LEU A 374 -5.15 14.33 -34.68
C LEU A 374 -5.06 12.83 -34.86
N MET A 375 -5.28 12.34 -36.08
CA MET A 375 -5.16 10.91 -36.34
C MET A 375 -3.74 10.43 -36.10
N MET A 376 -2.75 11.23 -36.49
CA MET A 376 -1.36 10.84 -36.28
C MET A 376 -1.02 10.79 -34.80
N ALA A 377 -1.51 11.75 -34.02
CA ALA A 377 -1.33 11.71 -32.58
C ALA A 377 -2.09 10.57 -31.94
N ALA A 378 -3.15 10.08 -32.59
CA ALA A 378 -3.93 8.98 -32.01
C ALA A 378 -3.17 7.67 -32.08
N LYS A 379 -2.55 7.38 -33.22
CA LYS A 379 -1.89 6.09 -33.40
C LYS A 379 -0.44 6.09 -32.95
N THR A 380 0.11 7.25 -32.56
CA THR A 380 1.45 7.30 -32.02
C THR A 380 1.47 7.38 -30.50
N GLY A 381 0.34 7.71 -29.87
CA GLY A 381 0.24 7.70 -28.42
C GLY A 381 0.76 8.97 -27.78
N LYS A 382 0.27 10.11 -28.24
CA LYS A 382 0.66 11.41 -27.70
C LYS A 382 -0.55 12.01 -26.99
N ILE A 383 -0.72 11.68 -25.71
CA ILE A 383 -1.89 12.14 -24.96
C ILE A 383 -1.90 13.66 -24.88
N GLY A 384 -0.76 14.26 -24.58
CA GLY A 384 -0.73 15.69 -24.27
C GLY A 384 -1.29 16.54 -25.39
N ILE A 385 -0.99 16.18 -26.64
CA ILE A 385 -1.54 16.93 -27.76
C ILE A 385 -2.86 16.34 -28.24
N PHE A 386 -3.11 15.05 -28.01
CA PHE A 386 -4.37 14.44 -28.43
C PHE A 386 -5.55 15.04 -27.70
N GLN A 387 -5.49 15.06 -26.36
CA GLN A 387 -6.60 15.63 -25.61
C GLN A 387 -6.69 17.13 -25.82
N HIS A 388 -5.56 17.81 -26.05
CA HIS A 388 -5.61 19.24 -26.30
C HIS A 388 -6.27 19.55 -27.63
N ILE A 389 -6.06 18.69 -28.63
CA ILE A 389 -6.71 18.87 -29.92
C ILE A 389 -8.20 18.61 -29.79
N ILE A 390 -8.59 17.56 -29.06
CA ILE A 390 -10.02 17.26 -28.96
C ILE A 390 -10.75 18.34 -28.17
N ARG A 391 -10.20 18.76 -27.04
CA ARG A 391 -10.92 19.62 -26.12
C ARG A 391 -10.72 21.11 -26.37
N ARG A 392 -10.09 21.49 -27.48
CA ARG A 392 -9.80 22.90 -27.70
C ARG A 392 -11.06 23.67 -28.05
N GLU A 393 -11.11 24.92 -27.62
CA GLU A 393 -12.17 25.85 -28.02
C GLU A 393 -11.55 27.22 -28.17
N VAL A 394 -12.04 27.99 -29.14
CA VAL A 394 -11.47 29.29 -29.48
C VAL A 394 -12.51 30.35 -29.13
N THR A 395 -12.12 31.29 -28.26
CA THR A 395 -13.04 32.35 -27.85
C THR A 395 -13.19 33.43 -28.93
N ASP A 396 -12.13 33.69 -29.68
CA ASP A 396 -12.20 34.73 -30.71
C ASP A 396 -13.17 34.34 -31.81
N GLU A 397 -14.10 35.26 -32.11
CA GLU A 397 -15.09 35.00 -33.16
C GLU A 397 -14.44 34.87 -34.53
N ASP A 398 -13.26 35.46 -34.71
CA ASP A 398 -12.60 35.41 -36.01
C ASP A 398 -12.25 33.98 -36.41
N THR A 399 -11.76 33.18 -35.46
CA THR A 399 -11.32 31.81 -35.73
C THR A 399 -11.98 30.84 -34.76
N ARG A 400 -13.22 31.12 -34.36
CA ARG A 400 -13.93 30.20 -33.48
C ARG A 400 -14.39 28.95 -34.20
N HIS A 401 -14.55 29.01 -35.53
CA HIS A 401 -15.09 27.89 -36.27
C HIS A 401 -14.22 26.63 -36.18
N LEU A 402 -12.92 26.78 -35.95
CA LEU A 402 -12.03 25.63 -35.80
C LEU A 402 -11.87 25.22 -34.34
N SER A 403 -13.00 25.07 -33.66
CA SER A 403 -13.03 24.51 -32.31
C SER A 403 -13.68 23.14 -32.37
N ARG A 404 -13.45 22.34 -31.33
CA ARG A 404 -14.03 21.01 -31.27
C ARG A 404 -14.83 20.77 -29.99
N LYS A 405 -15.09 21.81 -29.22
CA LYS A 405 -15.94 21.70 -28.03
C LYS A 405 -16.67 23.02 -27.88
N PHE A 406 -17.99 22.99 -28.09
CA PHE A 406 -18.81 24.18 -27.98
C PHE A 406 -19.72 24.06 -26.76
N LYS A 407 -20.08 25.21 -26.19
CA LYS A 407 -20.98 25.28 -25.05
C LYS A 407 -22.38 25.57 -25.57
N ASP A 408 -23.26 24.56 -25.54
CA ASP A 408 -24.58 24.70 -26.13
C ASP A 408 -25.44 25.67 -25.31
N TRP A 409 -25.74 25.31 -24.07
CA TRP A 409 -26.60 26.14 -23.23
C TRP A 409 -26.17 25.98 -21.78
N ALA A 410 -26.60 26.93 -20.95
CA ALA A 410 -26.33 26.88 -19.53
C ALA A 410 -27.52 27.41 -18.77
N TYR A 411 -27.86 26.72 -17.68
CA TYR A 411 -28.90 27.18 -16.77
C TYR A 411 -28.39 26.94 -15.35
N GLY A 412 -27.90 27.99 -14.71
CA GLY A 412 -27.30 27.86 -13.41
C GLY A 412 -26.14 26.89 -13.46
N PRO A 413 -26.05 26.01 -12.48
CA PRO A 413 -24.95 25.03 -12.41
C PRO A 413 -25.19 23.79 -13.26
N VAL A 414 -25.67 23.99 -14.48
CA VAL A 414 -25.77 22.90 -15.44
C VAL A 414 -25.27 23.40 -16.79
N TYR A 415 -24.02 23.13 -17.10
CA TYR A 415 -23.40 23.54 -18.36
C TYR A 415 -23.34 22.33 -19.29
N SER A 416 -24.02 22.43 -20.43
CA SER A 416 -24.05 21.36 -21.42
C SER A 416 -23.22 21.78 -22.62
N SER A 417 -21.92 21.49 -22.57
CA SER A 417 -21.03 21.69 -23.70
C SER A 417 -21.09 20.46 -24.59
N LEU A 418 -21.00 20.68 -25.90
CA LEU A 418 -21.12 19.58 -26.83
C LEU A 418 -19.85 19.48 -27.65
N TYR A 419 -19.27 18.27 -27.68
CA TYR A 419 -18.03 18.02 -28.38
C TYR A 419 -18.30 17.69 -29.84
N ASP A 420 -17.33 18.01 -30.69
CA ASP A 420 -17.40 17.72 -32.10
C ASP A 420 -16.76 16.37 -32.37
N LEU A 421 -17.48 15.49 -33.04
CA LEU A 421 -16.95 14.20 -33.49
C LEU A 421 -17.01 14.06 -35.01
N SER A 422 -16.75 15.15 -35.72
CA SER A 422 -16.71 15.09 -37.17
C SER A 422 -15.67 14.08 -37.66
N SER A 423 -14.60 13.87 -36.88
CA SER A 423 -13.55 12.93 -37.24
C SER A 423 -13.50 11.69 -36.34
N LEU A 424 -13.98 11.79 -35.10
CA LEU A 424 -13.91 10.65 -34.19
C LEU A 424 -14.80 9.51 -34.65
N ASP A 425 -15.96 9.83 -35.18
CA ASP A 425 -16.96 8.84 -35.60
C ASP A 425 -17.43 9.20 -37.00
N THR A 426 -16.88 8.50 -38.00
CA THR A 426 -17.20 8.78 -39.40
C THR A 426 -18.10 7.75 -40.05
N CYS A 427 -18.48 6.69 -39.34
CA CYS A 427 -19.33 5.64 -39.88
C CYS A 427 -18.70 5.03 -41.14
N GLY A 428 -17.41 4.75 -41.07
CA GLY A 428 -16.71 4.11 -42.16
C GLY A 428 -16.64 4.93 -43.43
N GLU A 429 -16.32 6.20 -43.31
CA GLU A 429 -16.20 7.04 -44.49
C GLU A 429 -14.87 7.76 -44.59
N GLU A 430 -14.29 8.19 -43.45
CA GLU A 430 -13.11 9.05 -43.50
C GLU A 430 -12.07 8.63 -42.47
N ALA A 431 -11.87 7.31 -42.32
CA ALA A 431 -10.80 6.77 -41.48
C ALA A 431 -10.87 7.33 -40.06
N SER A 432 -11.94 6.95 -39.36
CA SER A 432 -12.26 7.53 -38.07
C SER A 432 -11.11 7.37 -37.09
N VAL A 433 -10.99 8.36 -36.19
CA VAL A 433 -9.95 8.34 -35.17
C VAL A 433 -10.17 7.18 -34.21
N LEU A 434 -11.43 6.84 -33.92
CA LEU A 434 -11.70 5.79 -32.94
C LEU A 434 -11.18 4.43 -33.41
N GLU A 435 -11.38 4.11 -34.69
CA GLU A 435 -10.88 2.84 -35.21
C GLU A 435 -9.36 2.79 -35.14
N ILE A 436 -8.70 3.89 -35.50
CA ILE A 436 -7.25 3.96 -35.39
C ILE A 436 -6.82 3.76 -33.95
N LEU A 437 -7.53 4.39 -33.01
CA LEU A 437 -7.13 4.39 -31.62
C LEU A 437 -7.33 3.03 -30.96
N VAL A 438 -8.32 2.27 -31.41
CA VAL A 438 -8.57 0.96 -30.82
C VAL A 438 -7.75 -0.15 -31.48
N TYR A 439 -7.46 -0.01 -32.78
CA TYR A 439 -6.76 -1.06 -33.51
C TYR A 439 -5.25 -0.79 -33.62
N ASN A 440 -4.87 0.34 -34.20
CA ASN A 440 -3.48 0.58 -34.58
C ASN A 440 -2.70 1.46 -33.60
N SER A 441 -3.28 1.86 -32.49
CA SER A 441 -2.59 2.77 -31.58
C SER A 441 -1.52 2.02 -30.79
N LYS A 442 -0.77 2.78 -29.98
CA LYS A 442 0.28 2.22 -29.14
C LYS A 442 -0.35 1.55 -27.92
N ILE A 443 0.02 0.28 -27.69
CA ILE A 443 -0.67 -0.55 -26.71
C ILE A 443 -0.54 0.03 -25.31
N GLU A 444 0.65 0.51 -24.94
CA GLU A 444 0.91 0.89 -23.56
C GLU A 444 0.07 2.10 -23.15
N ASN A 445 -0.22 2.99 -24.09
CA ASN A 445 -0.95 4.22 -23.77
C ASN A 445 -2.41 4.17 -24.21
N ARG A 446 -2.85 3.07 -24.81
CA ARG A 446 -4.21 3.00 -25.35
C ARG A 446 -5.27 3.11 -24.25
N HIS A 447 -5.05 2.45 -23.12
CA HIS A 447 -6.01 2.50 -22.03
C HIS A 447 -6.22 3.92 -21.52
N GLU A 448 -5.23 4.78 -21.72
CA GLU A 448 -5.35 6.17 -21.32
C GLU A 448 -5.95 7.04 -22.41
N MET A 449 -5.67 6.72 -23.68
CA MET A 449 -6.30 7.46 -24.77
C MET A 449 -7.80 7.22 -24.83
N LEU A 450 -8.23 6.01 -24.47
CA LEU A 450 -9.65 5.70 -24.50
C LEU A 450 -10.42 6.26 -23.31
N ALA A 451 -9.80 7.12 -22.49
CA ALA A 451 -10.47 7.74 -21.36
C ALA A 451 -10.71 9.22 -21.57
N VAL A 452 -10.43 9.75 -22.77
CA VAL A 452 -10.65 11.16 -23.03
C VAL A 452 -12.15 11.46 -23.02
N GLU A 453 -12.48 12.73 -22.75
CA GLU A 453 -13.85 13.09 -22.39
C GLU A 453 -14.91 12.65 -23.40
N PRO A 454 -14.77 12.87 -24.71
CA PRO A 454 -15.85 12.49 -25.63
C PRO A 454 -15.73 11.11 -26.25
N ILE A 455 -14.76 10.30 -25.82
CA ILE A 455 -14.57 8.96 -26.37
C ILE A 455 -15.20 7.90 -25.47
N ASN A 456 -15.02 8.01 -24.16
CA ASN A 456 -15.63 7.05 -23.25
C ASN A 456 -17.15 7.11 -23.34
N GLU A 457 -17.72 8.31 -23.30
CA GLU A 457 -19.16 8.46 -23.42
C GLU A 457 -19.65 8.05 -24.80
N LEU A 458 -18.85 8.32 -25.84
CA LEU A 458 -19.23 7.89 -27.18
C LEU A 458 -19.29 6.37 -27.27
N LEU A 459 -18.31 5.68 -26.69
CA LEU A 459 -18.33 4.22 -26.67
C LEU A 459 -19.50 3.69 -25.88
N ARG A 460 -19.80 4.30 -24.72
CA ARG A 460 -20.95 3.87 -23.95
C ARG A 460 -22.24 4.06 -24.73
N ASP A 461 -22.37 5.19 -25.42
CA ASP A 461 -23.55 5.43 -26.25
C ASP A 461 -23.68 4.40 -27.35
N LYS A 462 -22.58 4.07 -28.02
CA LYS A 462 -22.64 3.09 -29.09
C LYS A 462 -22.92 1.69 -28.54
N TRP A 463 -22.56 1.46 -27.27
CA TRP A 463 -22.91 0.20 -26.62
C TRP A 463 -24.42 0.14 -26.35
N ARG A 464 -24.98 1.23 -25.82
CA ARG A 464 -26.41 1.26 -25.53
C ARG A 464 -27.23 1.26 -26.82
N LYS A 465 -26.81 2.03 -27.81
CA LYS A 465 -27.64 2.24 -29.00
C LYS A 465 -27.79 0.97 -29.81
N PHE A 466 -26.67 0.29 -30.12
CA PHE A 466 -26.74 -0.92 -30.91
C PHE A 466 -25.77 -2.01 -30.45
N GLY A 467 -25.03 -1.77 -29.37
CA GLY A 467 -23.99 -2.71 -28.98
C GLY A 467 -24.49 -3.83 -28.10
N ALA A 468 -25.30 -3.50 -27.09
CA ALA A 468 -25.77 -4.52 -26.17
C ALA A 468 -26.65 -5.55 -26.87
N VAL A 469 -27.61 -5.08 -27.67
CA VAL A 469 -28.56 -6.00 -28.29
C VAL A 469 -27.86 -6.93 -29.27
N SER A 470 -26.94 -6.38 -30.08
CA SER A 470 -26.26 -7.20 -31.07
C SER A 470 -25.33 -8.21 -30.41
N PHE A 471 -24.57 -7.77 -29.40
CA PHE A 471 -23.71 -8.69 -28.68
C PHE A 471 -24.52 -9.81 -28.03
N TYR A 472 -25.64 -9.46 -27.39
CA TYR A 472 -26.42 -10.47 -26.68
C TYR A 472 -27.10 -11.44 -27.63
N ILE A 473 -27.62 -10.96 -28.76
CA ILE A 473 -28.21 -11.89 -29.71
C ILE A 473 -27.12 -12.76 -30.31
N ASN A 474 -25.91 -12.24 -30.49
CA ASN A 474 -24.80 -13.08 -30.94
C ASN A 474 -24.49 -14.17 -29.92
N VAL A 475 -24.49 -13.82 -28.64
CA VAL A 475 -24.23 -14.82 -27.59
C VAL A 475 -25.30 -15.90 -27.62
N VAL A 476 -26.56 -15.49 -27.71
CA VAL A 476 -27.67 -16.45 -27.69
C VAL A 476 -27.60 -17.35 -28.92
N SER A 477 -27.33 -16.76 -30.09
CA SER A 477 -27.23 -17.57 -31.30
C SER A 477 -26.07 -18.54 -31.24
N TYR A 478 -24.93 -18.10 -30.70
CA TYR A 478 -23.79 -19.00 -30.54
C TYR A 478 -24.13 -20.16 -29.61
N LEU A 479 -24.78 -19.88 -28.49
CA LEU A 479 -25.14 -20.94 -27.56
C LEU A 479 -26.14 -21.91 -28.17
N CYS A 480 -27.13 -21.38 -28.89
CA CYS A 480 -28.09 -22.26 -29.56
C CYS A 480 -27.42 -23.13 -30.61
N ALA A 481 -26.52 -22.54 -31.41
CA ALA A 481 -25.81 -23.31 -32.42
C ALA A 481 -24.95 -24.38 -31.78
N MET A 482 -24.36 -24.09 -30.61
CA MET A 482 -23.52 -25.09 -29.97
C MET A 482 -24.35 -26.18 -29.32
N VAL A 483 -25.53 -25.86 -28.81
CA VAL A 483 -26.45 -26.90 -28.33
C VAL A 483 -26.84 -27.80 -29.48
N ILE A 484 -27.14 -27.21 -30.64
CA ILE A 484 -27.45 -28.01 -31.83
C ILE A 484 -26.27 -28.88 -32.22
N PHE A 485 -25.05 -28.33 -32.12
CA PHE A 485 -23.85 -29.10 -32.44
C PHE A 485 -23.69 -30.29 -31.51
N THR A 486 -23.91 -30.08 -30.21
CA THR A 486 -23.83 -31.18 -29.26
C THR A 486 -24.90 -32.24 -29.53
N LEU A 487 -26.11 -31.79 -29.87
CA LEU A 487 -27.16 -32.74 -30.19
C LEU A 487 -26.82 -33.56 -31.42
N THR A 488 -26.26 -32.91 -32.45
CA THR A 488 -25.86 -33.62 -33.66
C THR A 488 -24.75 -34.63 -33.35
N ALA A 489 -23.78 -34.24 -32.52
CA ALA A 489 -22.72 -35.17 -32.15
C ALA A 489 -23.26 -36.36 -31.36
N TYR A 490 -24.21 -36.10 -30.46
CA TYR A 490 -24.74 -37.16 -29.60
C TYR A 490 -25.67 -38.08 -30.35
N TYR A 491 -26.42 -37.55 -31.31
CA TYR A 491 -27.41 -38.32 -32.05
C TYR A 491 -26.80 -39.12 -33.20
N GLN A 492 -25.50 -38.98 -33.43
CA GLN A 492 -24.84 -39.70 -34.51
C GLN A 492 -24.77 -41.20 -34.19
N PRO A 493 -25.23 -42.09 -35.06
CA PRO A 493 -25.07 -43.52 -34.81
C PRO A 493 -23.65 -43.97 -35.10
N LEU A 494 -23.06 -44.72 -34.16
CA LEU A 494 -21.68 -45.15 -34.30
C LEU A 494 -21.54 -46.39 -35.19
N GLU A 495 -22.62 -47.07 -35.52
CA GLU A 495 -22.58 -48.28 -36.33
C GLU A 495 -22.88 -47.93 -37.77
N GLY A 496 -21.94 -48.25 -38.67
CA GLY A 496 -22.12 -47.99 -40.08
C GLY A 496 -21.04 -47.11 -40.68
N THR A 497 -20.76 -47.30 -41.96
CA THR A 497 -19.77 -46.50 -42.68
C THR A 497 -20.46 -45.35 -43.40
N PRO A 498 -20.02 -44.11 -43.19
CA PRO A 498 -20.63 -42.97 -43.89
C PRO A 498 -20.29 -43.00 -45.36
N PRO A 499 -21.11 -42.39 -46.22
CA PRO A 499 -22.34 -41.64 -45.91
C PRO A 499 -23.51 -42.55 -45.52
N TYR A 500 -24.29 -42.11 -44.54
CA TYR A 500 -25.44 -42.87 -44.08
C TYR A 500 -26.65 -42.62 -44.98
N PRO A 501 -27.55 -43.60 -45.11
CA PRO A 501 -28.77 -43.41 -45.91
C PRO A 501 -29.77 -42.57 -45.14
N TYR A 502 -30.08 -41.38 -45.66
CA TYR A 502 -31.02 -40.47 -45.02
C TYR A 502 -32.41 -40.75 -45.58
N ARG A 503 -33.17 -41.56 -44.85
CA ARG A 503 -34.55 -41.85 -45.22
C ARG A 503 -35.52 -41.58 -44.09
N THR A 504 -35.15 -41.88 -42.85
CA THR A 504 -35.99 -41.61 -41.69
C THR A 504 -35.98 -40.11 -41.37
N THR A 505 -37.07 -39.64 -40.78
CA THR A 505 -37.12 -38.25 -40.34
C THR A 505 -36.01 -37.93 -39.35
N VAL A 506 -35.64 -38.90 -38.50
CA VAL A 506 -34.52 -38.72 -37.60
C VAL A 506 -33.24 -38.51 -38.38
N ASP A 507 -33.07 -39.25 -39.48
CA ASP A 507 -31.94 -39.01 -40.37
C ASP A 507 -31.99 -37.61 -40.96
N TYR A 508 -33.20 -37.11 -41.26
CA TYR A 508 -33.32 -35.76 -41.81
C TYR A 508 -32.91 -34.70 -40.79
N LEU A 509 -33.32 -34.86 -39.53
CA LEU A 509 -32.86 -33.91 -38.50
C LEU A 509 -31.35 -34.03 -38.25
N ARG A 510 -30.82 -35.25 -38.33
CA ARG A 510 -29.36 -35.40 -38.21
C ARG A 510 -28.64 -34.68 -39.34
N LEU A 511 -29.14 -34.81 -40.57
CA LEU A 511 -28.55 -34.11 -41.71
C LEU A 511 -28.67 -32.59 -41.53
N ALA A 512 -29.82 -32.13 -41.03
CA ALA A 512 -30.00 -30.70 -40.79
C ALA A 512 -29.00 -30.19 -39.77
N GLY A 513 -28.79 -30.93 -38.67
CA GLY A 513 -27.78 -30.55 -37.71
C GLY A 513 -26.39 -30.52 -38.30
N GLU A 514 -26.05 -31.52 -39.11
CA GLU A 514 -24.73 -31.55 -39.73
C GLU A 514 -24.53 -30.35 -40.65
N VAL A 515 -25.53 -30.05 -41.50
CA VAL A 515 -25.36 -28.96 -42.46
C VAL A 515 -25.33 -27.62 -41.74
N ILE A 516 -26.10 -27.46 -40.67
CA ILE A 516 -26.04 -26.20 -39.92
C ILE A 516 -24.71 -26.06 -39.21
N THR A 517 -24.13 -27.17 -38.74
CA THR A 517 -22.79 -27.12 -38.16
C THR A 517 -21.76 -26.69 -39.20
N LEU A 518 -21.83 -27.26 -40.40
CA LEU A 518 -20.91 -26.84 -41.47
C LEU A 518 -21.12 -25.38 -41.86
N PHE A 519 -22.37 -24.92 -41.90
CA PHE A 519 -22.63 -23.51 -42.20
C PHE A 519 -22.03 -22.61 -41.13
N THR A 520 -22.17 -22.99 -39.86
CA THR A 520 -21.57 -22.22 -38.78
C THR A 520 -20.05 -22.20 -38.91
N GLY A 521 -19.45 -23.35 -39.24
CA GLY A 521 -18.00 -23.40 -39.37
C GLY A 521 -17.48 -22.55 -40.52
N VAL A 522 -18.15 -22.61 -41.66
CA VAL A 522 -17.70 -21.81 -42.80
C VAL A 522 -17.94 -20.33 -42.54
N LEU A 523 -19.03 -19.97 -41.85
CA LEU A 523 -19.23 -18.58 -41.47
C LEU A 523 -18.13 -18.12 -40.52
N PHE A 524 -17.73 -18.99 -39.59
CA PHE A 524 -16.65 -18.65 -38.68
C PHE A 524 -15.35 -18.41 -39.43
N PHE A 525 -15.04 -19.29 -40.39
CA PHE A 525 -13.82 -19.10 -41.19
C PHE A 525 -13.88 -17.80 -41.97
N PHE A 526 -15.03 -17.51 -42.59
CA PHE A 526 -15.17 -16.30 -43.38
C PHE A 526 -15.00 -15.05 -42.52
N THR A 527 -15.62 -15.04 -41.34
CA THR A 527 -15.58 -13.84 -40.50
C THR A 527 -14.25 -13.71 -39.76
N ASN A 528 -13.49 -14.81 -39.64
CA ASN A 528 -12.21 -14.71 -38.97
C ASN A 528 -11.08 -14.37 -39.94
N ILE A 529 -11.13 -14.90 -41.16
CA ILE A 529 -10.08 -14.60 -42.12
C ILE A 529 -10.14 -13.15 -42.55
N LYS A 530 -11.35 -12.60 -42.68
CA LYS A 530 -11.50 -11.18 -42.98
C LYS A 530 -10.98 -10.32 -41.84
N ASP A 531 -11.31 -10.70 -40.60
CA ASP A 531 -10.82 -9.95 -39.45
C ASP A 531 -9.31 -10.06 -39.33
N LEU A 532 -8.76 -11.25 -39.58
CA LEU A 532 -7.31 -11.40 -39.62
C LEU A 532 -6.70 -10.59 -40.75
N PHE A 533 -7.35 -10.57 -41.92
CA PHE A 533 -6.83 -9.81 -43.04
C PHE A 533 -6.85 -8.31 -42.78
N MET A 534 -7.93 -7.81 -42.18
CA MET A 534 -8.06 -6.37 -41.97
C MET A 534 -7.12 -5.87 -40.90
N LYS A 535 -6.96 -6.62 -39.81
CA LYS A 535 -6.16 -6.20 -38.68
C LYS A 535 -4.73 -6.72 -38.81
N LYS A 536 -3.79 -6.00 -38.22
CA LYS A 536 -2.40 -6.44 -38.24
C LYS A 536 -2.21 -7.64 -37.30
N CYS A 537 -1.19 -8.43 -37.61
CA CYS A 537 -0.87 -9.57 -36.75
C CYS A 537 -0.27 -9.06 -35.45
N PRO A 538 -0.86 -9.38 -34.30
CA PRO A 538 -0.40 -8.81 -33.04
C PRO A 538 0.86 -9.50 -32.53
N GLY A 539 1.35 -9.00 -31.41
CA GLY A 539 2.51 -9.58 -30.74
C GLY A 539 2.27 -9.73 -29.25
N VAL A 540 3.31 -9.51 -28.45
CA VAL A 540 3.17 -9.61 -27.00
C VAL A 540 2.34 -8.43 -26.50
N ASN A 541 1.57 -8.68 -25.44
CA ASN A 541 0.68 -7.75 -24.73
C ASN A 541 -0.58 -7.44 -25.53
N SER A 542 -0.71 -7.93 -26.75
CA SER A 542 -1.91 -7.72 -27.54
C SER A 542 -2.65 -9.00 -27.90
N LEU A 543 -2.05 -10.17 -27.66
CA LEU A 543 -2.74 -11.43 -27.92
C LEU A 543 -3.94 -11.60 -27.00
N PHE A 544 -3.81 -11.17 -25.75
CA PHE A 544 -4.87 -11.39 -24.77
C PHE A 544 -6.09 -10.52 -25.06
N ILE A 545 -5.94 -9.50 -25.90
CA ILE A 545 -7.09 -8.66 -26.27
C ILE A 545 -7.98 -9.41 -27.26
N ASP A 546 -7.45 -9.68 -28.46
CA ASP A 546 -8.22 -10.40 -29.48
C ASP A 546 -7.43 -11.50 -30.17
N GLY A 547 -6.10 -11.44 -30.19
CA GLY A 547 -5.34 -12.39 -31.00
C GLY A 547 -5.55 -13.83 -30.56
N SER A 548 -5.72 -14.06 -29.26
CA SER A 548 -5.90 -15.42 -28.77
C SER A 548 -7.20 -16.04 -29.27
N PHE A 549 -8.30 -15.30 -29.22
CA PHE A 549 -9.59 -15.89 -29.55
C PHE A 549 -9.76 -16.08 -31.06
N GLN A 550 -9.28 -15.14 -31.86
CA GLN A 550 -9.40 -15.29 -33.31
C GLN A 550 -8.63 -16.51 -33.80
N LEU A 551 -7.44 -16.76 -33.24
CA LEU A 551 -6.69 -17.96 -33.59
C LEU A 551 -7.46 -19.21 -33.20
N LEU A 552 -8.08 -19.20 -32.01
CA LEU A 552 -8.82 -20.37 -31.56
C LEU A 552 -10.01 -20.66 -32.47
N TYR A 553 -10.74 -19.61 -32.88
CA TYR A 553 -11.87 -19.82 -33.78
C TYR A 553 -11.40 -20.27 -35.15
N PHE A 554 -10.25 -19.77 -35.61
CA PHE A 554 -9.66 -20.26 -36.85
C PHE A 554 -9.37 -21.76 -36.76
N ILE A 555 -8.76 -22.18 -35.65
CA ILE A 555 -8.43 -23.60 -35.49
C ILE A 555 -9.69 -24.43 -35.39
N TYR A 556 -10.74 -23.89 -34.74
CA TYR A 556 -12.01 -24.59 -34.66
C TYR A 556 -12.60 -24.80 -36.05
N SER A 557 -12.59 -23.75 -36.88
CA SER A 557 -13.11 -23.89 -38.23
C SER A 557 -12.31 -24.89 -39.03
N VAL A 558 -10.98 -24.85 -38.91
CA VAL A 558 -10.13 -25.79 -39.63
C VAL A 558 -10.43 -27.23 -39.19
N LEU A 559 -10.59 -27.43 -37.89
CA LEU A 559 -10.86 -28.77 -37.37
C LEU A 559 -12.22 -29.27 -37.87
N VAL A 560 -13.23 -28.42 -37.87
CA VAL A 560 -14.54 -28.84 -38.37
C VAL A 560 -14.46 -29.19 -39.85
N ILE A 561 -13.74 -28.38 -40.63
CA ILE A 561 -13.64 -28.64 -42.06
C ILE A 561 -12.91 -29.95 -42.33
N VAL A 562 -11.80 -30.19 -41.64
CA VAL A 562 -11.07 -31.43 -41.87
C VAL A 562 -11.88 -32.62 -41.36
N SER A 563 -12.66 -32.44 -40.30
CA SER A 563 -13.53 -33.50 -39.83
C SER A 563 -14.59 -33.84 -40.88
N ALA A 564 -15.15 -32.83 -41.52
CA ALA A 564 -16.12 -33.07 -42.59
C ALA A 564 -15.45 -33.76 -43.78
N ALA A 565 -14.21 -33.37 -44.10
CA ALA A 565 -13.49 -33.99 -45.19
C ALA A 565 -13.24 -35.47 -44.92
N LEU A 566 -12.87 -35.80 -43.68
CA LEU A 566 -12.68 -37.20 -43.32
C LEU A 566 -14.02 -37.94 -43.30
N TYR A 567 -15.07 -37.27 -42.83
CA TYR A 567 -16.41 -37.85 -42.84
C TYR A 567 -16.86 -38.20 -44.24
N LEU A 568 -16.39 -37.44 -45.23
CA LEU A 568 -16.72 -37.76 -46.62
C LEU A 568 -16.17 -39.12 -47.02
N ALA A 569 -14.94 -39.43 -46.61
CA ALA A 569 -14.29 -40.68 -47.01
C ALA A 569 -13.97 -41.59 -45.84
N GLY A 570 -13.26 -41.11 -44.83
CA GLY A 570 -12.80 -41.96 -43.74
C GLY A 570 -13.86 -42.24 -42.69
N ILE A 571 -14.22 -43.52 -42.54
CA ILE A 571 -15.22 -43.89 -41.53
C ILE A 571 -14.66 -43.70 -40.13
N GLU A 572 -13.42 -44.11 -39.91
CA GLU A 572 -12.83 -44.02 -38.58
C GLU A 572 -12.17 -42.66 -38.34
N ALA A 573 -11.83 -41.96 -39.42
CA ALA A 573 -10.96 -40.78 -39.30
C ALA A 573 -11.69 -39.61 -38.67
N TYR A 574 -12.92 -39.33 -39.11
CA TYR A 574 -13.58 -38.07 -38.74
C TYR A 574 -13.93 -38.03 -37.25
N LEU A 575 -14.20 -39.19 -36.64
CA LEU A 575 -14.55 -39.22 -35.23
C LEU A 575 -13.42 -38.75 -34.32
N ALA A 576 -12.19 -38.70 -34.83
CA ALA A 576 -11.06 -38.29 -33.98
C ALA A 576 -11.08 -36.80 -33.70
N VAL A 577 -11.38 -35.99 -34.71
CA VAL A 577 -11.23 -34.54 -34.61
C VAL A 577 -12.56 -33.81 -34.47
N MET A 578 -13.69 -34.45 -34.71
CA MET A 578 -14.98 -33.81 -34.40
C MET A 578 -15.09 -33.55 -32.90
N VAL A 579 -14.67 -34.51 -32.08
CA VAL A 579 -14.67 -34.33 -30.63
C VAL A 579 -13.74 -33.18 -30.24
N PHE A 580 -12.59 -33.10 -30.90
CA PHE A 580 -11.69 -31.97 -30.69
C PHE A 580 -12.39 -30.66 -31.05
N ALA A 581 -13.21 -30.67 -32.10
CA ALA A 581 -13.94 -29.46 -32.50
C ALA A 581 -14.93 -29.06 -31.41
N LEU A 582 -15.67 -30.02 -30.86
CA LEU A 582 -16.58 -29.69 -29.76
C LEU A 582 -15.82 -29.12 -28.58
N VAL A 583 -14.70 -29.75 -28.21
CA VAL A 583 -13.91 -29.28 -27.07
C VAL A 583 -13.45 -27.85 -27.31
N LEU A 584 -12.86 -27.59 -28.48
CA LEU A 584 -12.33 -26.27 -28.78
C LEU A 584 -13.43 -25.22 -28.80
N GLY A 585 -14.57 -25.55 -29.39
CA GLY A 585 -15.66 -24.58 -29.43
C GLY A 585 -16.23 -24.27 -28.05
N TRP A 586 -16.38 -25.30 -27.21
CA TRP A 586 -16.92 -25.05 -25.89
C TRP A 586 -15.92 -24.28 -25.02
N MET A 587 -14.63 -24.41 -25.32
CA MET A 587 -13.66 -23.53 -24.68
C MET A 587 -13.73 -22.12 -25.28
N ASN A 588 -14.05 -22.02 -26.56
CA ASN A 588 -14.17 -20.73 -27.22
C ASN A 588 -15.34 -19.93 -26.69
N ALA A 589 -16.39 -20.61 -26.25
CA ALA A 589 -17.55 -19.92 -25.69
C ALA A 589 -17.18 -18.94 -24.59
N LEU A 590 -15.96 -19.04 -24.05
CA LEU A 590 -15.47 -18.09 -23.06
C LEU A 590 -15.23 -16.71 -23.65
N TYR A 591 -15.25 -16.59 -24.99
CA TYR A 591 -14.97 -15.31 -25.64
C TYR A 591 -16.00 -14.26 -25.24
N PHE A 592 -17.28 -14.63 -25.23
CA PHE A 592 -18.35 -13.65 -25.08
C PHE A 592 -18.53 -13.16 -23.65
N THR A 593 -17.62 -13.50 -22.74
CA THR A 593 -17.71 -12.95 -21.39
C THR A 593 -17.25 -11.49 -21.32
N ARG A 594 -16.67 -10.96 -22.41
CA ARG A 594 -16.18 -9.59 -22.39
C ARG A 594 -17.29 -8.56 -22.28
N GLY A 595 -18.53 -8.94 -22.58
CA GLY A 595 -19.63 -7.99 -22.46
C GLY A 595 -19.91 -7.59 -21.03
N LEU A 596 -19.89 -8.55 -20.12
CA LEU A 596 -20.11 -8.28 -18.70
C LEU A 596 -18.77 -8.09 -18.01
N LYS A 597 -18.65 -6.99 -17.27
CA LYS A 597 -17.38 -6.67 -16.62
C LYS A 597 -16.99 -7.73 -15.60
N LEU A 598 -17.95 -8.19 -14.80
CA LEU A 598 -17.64 -9.19 -13.78
C LEU A 598 -17.16 -10.48 -14.39
N THR A 599 -17.79 -10.92 -15.49
CA THR A 599 -17.34 -12.13 -16.17
C THR A 599 -16.12 -11.87 -17.05
N GLY A 600 -15.95 -10.63 -17.52
CA GLY A 600 -14.85 -10.35 -18.42
C GLY A 600 -13.49 -10.48 -17.75
N THR A 601 -13.38 -10.06 -16.49
CA THR A 601 -12.11 -10.15 -15.78
C THR A 601 -11.71 -11.61 -15.60
N TYR A 602 -12.67 -12.49 -15.31
CA TYR A 602 -12.34 -13.89 -15.08
C TYR A 602 -11.77 -14.53 -16.34
N SER A 603 -12.27 -14.12 -17.51
CA SER A 603 -11.71 -14.62 -18.76
C SER A 603 -10.25 -14.22 -18.90
N ILE A 604 -9.91 -12.98 -18.54
CA ILE A 604 -8.52 -12.53 -18.60
C ILE A 604 -7.67 -13.34 -17.64
N MET A 605 -8.21 -13.61 -16.44
CA MET A 605 -7.53 -14.48 -15.49
C MET A 605 -7.24 -15.83 -16.11
N ILE A 606 -8.24 -16.42 -16.78
CA ILE A 606 -8.05 -17.70 -17.45
C ILE A 606 -6.92 -17.63 -18.47
N GLN A 607 -6.93 -16.59 -19.31
CA GLN A 607 -5.91 -16.48 -20.36
C GLN A 607 -4.52 -16.34 -19.75
N LYS A 608 -4.37 -15.48 -18.75
CA LYS A 608 -3.05 -15.28 -18.15
C LYS A 608 -2.56 -16.55 -17.46
N ILE A 609 -3.43 -17.22 -16.71
CA ILE A 609 -3.01 -18.42 -15.98
C ILE A 609 -2.74 -19.57 -16.95
N LEU A 610 -3.39 -19.55 -18.12
CA LEU A 610 -3.10 -20.58 -19.11
C LEU A 610 -1.78 -20.31 -19.84
N PHE A 611 -1.45 -19.03 -20.04
CA PHE A 611 -0.31 -18.73 -20.90
C PHE A 611 0.96 -18.37 -20.14
N LYS A 612 0.90 -17.34 -19.29
CA LYS A 612 2.12 -16.75 -18.74
C LYS A 612 2.84 -17.71 -17.81
N ASP A 613 2.12 -18.29 -16.85
CA ASP A 613 2.75 -19.13 -15.83
C ASP A 613 2.58 -20.62 -16.06
N LEU A 614 1.52 -21.03 -16.76
CA LEU A 614 1.29 -22.46 -16.96
C LEU A 614 2.42 -23.09 -17.78
N PHE A 615 2.85 -22.41 -18.83
CA PHE A 615 3.95 -22.94 -19.64
C PHE A 615 5.27 -22.96 -18.86
N ARG A 616 5.51 -21.94 -18.03
CA ARG A 616 6.71 -21.93 -17.20
C ARG A 616 6.72 -23.10 -16.23
N PHE A 617 5.61 -23.29 -15.50
CA PHE A 617 5.52 -24.40 -14.57
C PHE A 617 5.59 -25.73 -15.28
N LEU A 618 4.97 -25.84 -16.46
CA LEU A 618 5.03 -27.09 -17.21
C LEU A 618 6.45 -27.37 -17.70
N LEU A 619 7.20 -26.32 -18.07
CA LEU A 619 8.57 -26.51 -18.50
C LEU A 619 9.44 -27.01 -17.35
N VAL A 620 9.33 -26.36 -16.19
CA VAL A 620 10.10 -26.81 -15.03
C VAL A 620 9.67 -28.22 -14.61
N TYR A 621 8.36 -28.47 -14.63
CA TYR A 621 7.81 -29.76 -14.27
C TYR A 621 8.34 -30.85 -15.19
N LEU A 622 8.33 -30.62 -16.50
CA LEU A 622 8.83 -31.60 -17.45
C LEU A 622 10.33 -31.79 -17.32
N LEU A 623 11.07 -30.71 -17.05
CA LEU A 623 12.50 -30.83 -16.79
C LEU A 623 12.75 -31.78 -15.63
N PHE A 624 12.06 -31.55 -14.52
CA PHE A 624 12.19 -32.41 -13.35
C PHE A 624 11.77 -33.85 -13.66
N MET A 625 10.66 -34.00 -14.40
CA MET A 625 10.15 -35.34 -14.69
C MET A 625 11.13 -36.12 -15.56
N ILE A 626 11.68 -35.48 -16.59
CA ILE A 626 12.65 -36.15 -17.45
C ILE A 626 13.89 -36.52 -16.66
N GLY A 627 14.42 -35.59 -15.87
CA GLY A 627 15.60 -35.92 -15.08
C GLY A 627 15.37 -37.08 -14.13
N TYR A 628 14.27 -37.03 -13.39
CA TYR A 628 14.00 -38.05 -12.39
C TYR A 628 13.68 -39.40 -13.04
N ALA A 629 12.96 -39.40 -14.16
CA ALA A 629 12.63 -40.64 -14.83
C ALA A 629 13.87 -41.29 -15.43
N SER A 630 14.71 -40.49 -16.09
CA SER A 630 15.96 -41.02 -16.62
C SER A 630 16.84 -41.55 -15.50
N ALA A 631 16.78 -40.90 -14.33
CA ALA A 631 17.54 -41.39 -13.18
C ALA A 631 17.00 -42.73 -12.69
N LEU A 632 15.69 -42.82 -12.48
CA LEU A 632 15.10 -44.01 -11.87
C LEU A 632 15.19 -45.22 -12.81
N VAL A 633 14.80 -45.05 -14.06
CA VAL A 633 14.79 -46.18 -14.99
C VAL A 633 16.19 -46.70 -15.28
N SER A 634 17.19 -45.83 -15.37
CA SER A 634 18.54 -46.29 -15.69
C SER A 634 19.09 -47.21 -14.63
N LEU A 635 18.62 -47.09 -13.39
CA LEU A 635 19.10 -47.97 -12.33
C LEU A 635 18.51 -49.38 -12.44
N LEU A 636 17.33 -49.50 -13.04
CA LEU A 636 16.64 -50.78 -13.09
C LEU A 636 17.43 -51.81 -13.89
N ASN A 637 17.41 -53.05 -13.41
CA ASN A 637 18.06 -54.16 -14.08
C ASN A 637 17.03 -55.08 -14.71
N PRO A 638 17.04 -55.24 -16.04
CA PRO A 638 16.05 -56.06 -16.75
C PRO A 638 16.52 -57.50 -16.95
N ASP A 662 12.83 -52.19 -20.32
CA ASP A 662 12.26 -52.12 -21.66
C ASP A 662 12.08 -50.67 -22.10
N SER A 663 11.96 -50.46 -23.42
CA SER A 663 11.74 -49.11 -23.93
C SER A 663 10.40 -48.56 -23.47
N GLU A 664 9.36 -49.40 -23.45
CA GLU A 664 8.04 -48.95 -23.04
C GLU A 664 7.95 -48.66 -21.54
N THR A 665 8.96 -49.03 -20.75
CA THR A 665 8.90 -48.79 -19.32
C THR A 665 8.90 -47.30 -19.00
N PHE A 666 9.33 -46.46 -19.95
CA PHE A 666 9.26 -45.01 -19.73
C PHE A 666 7.81 -44.55 -19.59
N SER A 667 6.93 -45.05 -20.45
CA SER A 667 5.54 -44.63 -20.41
C SER A 667 4.87 -45.05 -19.11
N THR A 668 5.11 -46.30 -18.68
CA THR A 668 4.50 -46.78 -17.44
C THR A 668 5.02 -45.98 -16.25
N PHE A 669 6.33 -45.72 -16.20
CA PHE A 669 6.90 -45.02 -15.05
C PHE A 669 6.40 -43.60 -14.97
N LEU A 670 6.31 -42.89 -16.10
CA LEU A 670 5.84 -41.51 -16.06
C LEU A 670 4.41 -41.45 -15.55
N LEU A 671 3.55 -42.36 -16.02
CA LEU A 671 2.17 -42.39 -15.54
C LEU A 671 2.09 -42.74 -14.06
N ASP A 672 2.92 -43.70 -13.61
CA ASP A 672 2.92 -44.07 -12.20
C ASP A 672 3.32 -42.89 -11.33
N LEU A 673 4.39 -42.18 -11.70
CA LEU A 673 4.81 -41.01 -10.94
C LEU A 673 3.78 -39.89 -11.00
N PHE A 674 3.14 -39.70 -12.16
CA PHE A 674 2.09 -38.68 -12.27
C PHE A 674 0.92 -39.00 -11.35
N LYS A 675 0.55 -40.28 -11.25
CA LYS A 675 -0.47 -40.68 -10.29
C LYS A 675 0.01 -40.45 -8.87
N LEU A 676 1.29 -40.71 -8.60
CA LEU A 676 1.84 -40.47 -7.27
C LEU A 676 1.73 -38.99 -6.89
N THR A 677 1.95 -38.09 -7.85
CA THR A 677 1.75 -36.67 -7.56
C THR A 677 0.30 -36.37 -7.20
N ILE A 678 -0.65 -36.96 -7.94
CA ILE A 678 -2.06 -36.77 -7.61
C ILE A 678 -2.46 -37.57 -6.37
N GLY A 679 -1.72 -38.62 -6.03
CA GLY A 679 -2.02 -39.43 -4.88
C GLY A 679 -2.66 -40.77 -5.16
N MET A 680 -2.83 -41.13 -6.43
CA MET A 680 -3.39 -42.42 -6.81
C MET A 680 -2.33 -43.40 -7.27
N GLY A 681 -1.06 -43.13 -6.97
CA GLY A 681 0.03 -43.99 -7.39
C GLY A 681 0.32 -45.05 -6.36
N ASP A 682 0.64 -46.26 -6.84
CA ASP A 682 0.94 -47.38 -5.97
C ASP A 682 2.44 -47.63 -5.95
N LEU A 683 3.00 -47.78 -4.75
CA LEU A 683 4.44 -47.89 -4.56
C LEU A 683 4.94 -49.33 -4.62
N GLU A 684 4.22 -50.21 -5.31
CA GLU A 684 4.61 -51.62 -5.39
C GLU A 684 5.88 -51.84 -6.20
N MET A 685 6.34 -50.83 -6.95
CA MET A 685 7.55 -50.96 -7.75
C MET A 685 8.82 -50.97 -6.90
N LEU A 686 8.71 -50.70 -5.60
CA LEU A 686 9.90 -50.65 -4.75
C LEU A 686 10.60 -52.00 -4.68
N SER A 687 9.85 -53.10 -4.79
CA SER A 687 10.45 -54.43 -4.69
C SER A 687 11.41 -54.70 -5.84
N SER A 688 11.04 -54.30 -7.05
CA SER A 688 11.81 -54.58 -8.24
C SER A 688 13.06 -53.71 -8.36
N THR A 689 13.21 -52.70 -7.51
CA THR A 689 14.37 -51.82 -7.59
C THR A 689 15.64 -52.58 -7.21
N LYS A 690 16.72 -52.30 -7.94
CA LYS A 690 18.01 -52.94 -7.64
C LYS A 690 18.52 -52.47 -6.28
N TYR A 691 18.39 -51.17 -5.99
CA TYR A 691 18.81 -50.61 -4.70
C TYR A 691 17.58 -50.02 -4.03
N PRO A 692 16.92 -50.76 -3.13
CA PRO A 692 15.70 -50.26 -2.50
C PRO A 692 15.87 -48.96 -1.73
N VAL A 693 17.03 -48.79 -1.10
CA VAL A 693 17.24 -47.65 -0.21
C VAL A 693 17.22 -46.35 -0.98
N VAL A 694 17.89 -46.30 -2.13
CA VAL A 694 18.08 -45.02 -2.83
C VAL A 694 16.76 -44.52 -3.41
N PHE A 695 15.94 -45.44 -3.94
CA PHE A 695 14.69 -45.03 -4.58
C PHE A 695 13.73 -44.39 -3.58
N ILE A 696 13.77 -44.83 -2.32
CA ILE A 696 12.96 -44.20 -1.30
C ILE A 696 13.35 -42.73 -1.15
N ILE A 697 14.66 -42.46 -1.08
CA ILE A 697 15.13 -41.09 -0.93
C ILE A 697 14.74 -40.25 -2.14
N LEU A 698 14.93 -40.79 -3.35
CA LEU A 698 14.56 -40.03 -4.54
C LEU A 698 13.07 -39.77 -4.63
N LEU A 699 12.23 -40.74 -4.23
CA LEU A 699 10.80 -40.51 -4.25
C LEU A 699 10.40 -39.43 -3.23
N VAL A 700 11.03 -39.45 -2.06
CA VAL A 700 10.74 -38.42 -1.06
C VAL A 700 11.12 -37.04 -1.59
N THR A 701 12.31 -36.92 -2.18
CA THR A 701 12.71 -35.65 -2.76
C THR A 701 11.81 -35.26 -3.92
N TYR A 702 11.39 -36.23 -4.72
CA TYR A 702 10.42 -36.01 -5.77
C TYR A 702 9.19 -35.29 -5.22
N ILE A 703 8.58 -35.87 -4.19
CA ILE A 703 7.36 -35.31 -3.63
C ILE A 703 7.63 -33.92 -3.04
N ILE A 704 8.76 -33.77 -2.33
CA ILE A 704 9.05 -32.49 -1.68
C ILE A 704 9.22 -31.39 -2.71
N LEU A 705 9.97 -31.65 -3.78
CA LEU A 705 10.20 -30.60 -4.77
C LEU A 705 8.96 -30.32 -5.61
N THR A 706 8.13 -31.33 -5.88
CA THR A 706 6.84 -31.03 -6.52
C THR A 706 5.96 -30.15 -5.63
N PHE A 707 5.94 -30.44 -4.33
CA PHE A 707 5.20 -29.60 -3.41
C PHE A 707 5.78 -28.18 -3.37
N VAL A 708 7.11 -28.08 -3.42
CA VAL A 708 7.76 -26.77 -3.46
C VAL A 708 7.35 -26.01 -4.71
N LEU A 709 7.25 -26.70 -5.85
CA LEU A 709 6.81 -26.04 -7.07
C LEU A 709 5.37 -25.55 -6.95
N LEU A 710 4.49 -26.35 -6.33
CA LEU A 710 3.11 -25.89 -6.15
C LEU A 710 3.06 -24.67 -5.24
N LEU A 711 3.82 -24.71 -4.13
CA LEU A 711 3.94 -23.55 -3.25
C LEU A 711 4.44 -22.33 -4.02
N ASN A 712 5.45 -22.52 -4.87
CA ASN A 712 6.04 -21.39 -5.59
C ASN A 712 5.05 -20.81 -6.60
N MET A 713 4.29 -21.67 -7.27
CA MET A 713 3.20 -21.17 -8.11
C MET A 713 2.23 -20.30 -7.33
N LEU A 714 1.78 -20.79 -6.17
CA LEU A 714 0.84 -19.98 -5.40
C LEU A 714 1.48 -18.66 -4.97
N ILE A 715 2.72 -18.71 -4.50
CA ILE A 715 3.42 -17.54 -4.01
C ILE A 715 3.61 -16.51 -5.12
N ALA A 716 4.02 -16.97 -6.31
CA ALA A 716 4.21 -16.06 -7.43
C ALA A 716 2.89 -15.47 -7.87
N LEU A 717 1.87 -16.30 -8.04
CA LEU A 717 0.57 -15.82 -8.49
C LEU A 717 -0.01 -14.84 -7.48
N MET A 718 0.48 -14.88 -6.25
CA MET A 718 0.06 -13.90 -5.25
C MET A 718 0.89 -12.63 -5.35
N GLY A 719 2.21 -12.75 -5.18
CA GLY A 719 3.08 -11.59 -5.14
C GLY A 719 3.23 -10.77 -6.41
N GLU A 720 3.41 -11.45 -7.55
CA GLU A 720 3.78 -10.74 -8.77
C GLU A 720 2.62 -10.70 -9.76
N THR A 721 1.57 -11.48 -9.53
CA THR A 721 0.50 -11.56 -10.51
C THR A 721 -0.67 -10.63 -10.17
N VAL A 722 -1.31 -10.84 -9.02
CA VAL A 722 -2.52 -10.08 -8.70
C VAL A 722 -2.20 -8.60 -8.55
N GLY A 723 -0.97 -8.28 -8.14
CA GLY A 723 -0.56 -6.89 -8.11
C GLY A 723 -0.56 -6.27 -9.50
N GLN A 724 -0.13 -7.04 -10.50
CA GLN A 724 -0.11 -6.54 -11.86
C GLN A 724 -1.42 -6.83 -12.58
N VAL A 725 -1.89 -8.08 -12.51
CA VAL A 725 -2.98 -8.52 -13.37
C VAL A 725 -4.31 -7.89 -12.96
N SER A 726 -4.61 -7.84 -11.66
CA SER A 726 -5.91 -7.32 -11.23
C SER A 726 -6.11 -5.88 -11.69
N LYS A 727 -5.08 -5.06 -11.54
CA LYS A 727 -5.13 -3.72 -12.11
C LYS A 727 -5.19 -3.78 -13.63
N GLU A 728 -4.41 -4.66 -14.25
CA GLU A 728 -4.35 -4.72 -15.70
C GLU A 728 -5.59 -5.42 -16.27
N SER A 729 -6.30 -6.19 -15.46
CA SER A 729 -7.46 -6.91 -15.97
C SER A 729 -8.56 -5.95 -16.41
N LYS A 730 -8.82 -4.92 -15.60
CA LYS A 730 -9.83 -3.93 -15.98
C LYS A 730 -9.41 -3.18 -17.23
N HIS A 731 -8.13 -2.83 -17.35
CA HIS A 731 -7.65 -2.13 -18.53
C HIS A 731 -7.79 -2.99 -19.78
N ILE A 732 -7.47 -4.28 -19.67
CA ILE A 732 -7.62 -5.17 -20.82
C ILE A 732 -9.08 -5.38 -21.18
N TRP A 733 -9.95 -5.47 -20.17
CA TRP A 733 -11.37 -5.60 -20.47
C TRP A 733 -11.91 -4.37 -21.16
N LYS A 734 -11.44 -3.19 -20.76
CA LYS A 734 -11.88 -1.97 -21.44
C LYS A 734 -11.54 -2.01 -22.92
N LEU A 735 -10.31 -2.43 -23.25
CA LEU A 735 -9.90 -2.52 -24.65
C LEU A 735 -10.71 -3.58 -25.38
N GLN A 736 -10.96 -4.72 -24.74
CA GLN A 736 -11.76 -5.76 -25.38
C GLN A 736 -13.18 -5.28 -25.66
N TRP A 737 -13.77 -4.57 -24.70
CA TRP A 737 -15.12 -4.05 -24.88
C TRP A 737 -15.16 -3.04 -26.03
N ALA A 738 -14.18 -2.14 -26.07
CA ALA A 738 -14.13 -1.16 -27.15
C ALA A 738 -13.97 -1.84 -28.50
N THR A 739 -13.08 -2.83 -28.59
CA THR A 739 -12.83 -3.44 -29.89
C THR A 739 -14.01 -4.29 -30.34
N THR A 740 -14.73 -4.91 -29.40
CA THR A 740 -15.91 -5.67 -29.81
C THR A 740 -17.04 -4.75 -30.23
N ILE A 741 -17.18 -3.59 -29.57
CA ILE A 741 -18.15 -2.60 -30.03
C ILE A 741 -17.84 -2.19 -31.46
N LEU A 742 -16.57 -1.89 -31.73
CA LEU A 742 -16.22 -1.42 -33.07
C LEU A 742 -16.35 -2.53 -34.09
N ASP A 743 -16.09 -3.77 -33.71
CA ASP A 743 -16.30 -4.89 -34.63
C ASP A 743 -17.78 -5.05 -34.96
N ILE A 744 -18.65 -4.93 -33.95
CA ILE A 744 -20.09 -4.98 -34.20
C ILE A 744 -20.49 -3.87 -35.16
N GLU A 745 -19.96 -2.66 -34.96
CA GLU A 745 -20.27 -1.58 -35.89
C GLU A 745 -19.81 -1.91 -37.31
N ARG A 746 -18.56 -2.35 -37.46
CA ARG A 746 -18.05 -2.64 -38.79
C ARG A 746 -18.77 -3.80 -39.45
N SER A 747 -19.45 -4.64 -38.67
CA SER A 747 -20.28 -5.68 -39.27
C SER A 747 -21.41 -5.08 -40.09
N PHE A 748 -22.01 -4.00 -39.60
CA PHE A 748 -23.16 -3.40 -40.27
C PHE A 748 -22.76 -2.80 -41.61
N PRO A 749 -23.70 -2.71 -42.54
CA PRO A 749 -23.45 -1.97 -43.79
C PRO A 749 -23.41 -0.48 -43.53
N VAL A 750 -22.96 0.25 -44.55
CA VAL A 750 -22.71 1.68 -44.40
C VAL A 750 -24.00 2.44 -44.08
N PHE A 751 -25.08 2.13 -44.79
CA PHE A 751 -26.33 2.87 -44.60
C PHE A 751 -26.90 2.63 -43.21
N LEU A 752 -26.79 1.40 -42.70
CA LEU A 752 -27.29 1.10 -41.37
C LEU A 752 -26.48 1.85 -40.31
N ARG A 753 -25.17 1.93 -40.49
CA ARG A 753 -24.33 2.65 -39.54
C ARG A 753 -24.68 4.13 -39.50
N LYS A 754 -25.04 4.71 -40.65
CA LYS A 754 -25.46 6.11 -40.67
C LYS A 754 -26.72 6.32 -39.84
N ALA A 755 -27.66 5.36 -39.89
CA ALA A 755 -28.85 5.46 -39.07
C ALA A 755 -28.52 5.41 -37.59
N PHE A 756 -27.60 4.53 -37.20
CA PHE A 756 -27.17 4.41 -35.81
C PHE A 756 -25.96 5.29 -35.53
N ARG A 757 -26.06 6.57 -35.87
CA ARG A 757 -24.95 7.51 -35.71
C ARG A 757 -25.16 8.33 -34.45
N SER A 758 -24.19 8.28 -33.54
CA SER A 758 -24.31 8.98 -32.28
C SER A 758 -24.21 10.49 -32.49
N GLY A 759 -24.79 11.23 -31.56
CA GLY A 759 -24.73 12.67 -31.57
C GLY A 759 -25.82 13.31 -32.41
N GLU A 760 -25.90 14.63 -32.29
CA GLU A 760 -26.93 15.42 -32.95
C GLU A 760 -26.45 15.91 -34.31
N MET A 761 -27.21 16.83 -34.88
CA MET A 761 -26.85 17.53 -36.11
C MET A 761 -26.83 19.03 -35.85
N VAL A 762 -26.17 19.43 -34.78
CA VAL A 762 -26.27 20.80 -34.29
C VAL A 762 -25.70 21.78 -35.32
N THR A 763 -26.24 22.99 -35.31
CA THR A 763 -25.68 24.11 -36.06
C THR A 763 -24.91 24.99 -35.10
N VAL A 764 -23.62 25.16 -35.35
CA VAL A 764 -22.75 25.86 -34.43
C VAL A 764 -22.71 27.35 -34.71
N GLY A 765 -22.63 27.73 -35.97
CA GLY A 765 -22.61 29.14 -36.32
C GLY A 765 -22.46 29.33 -37.81
N LYS A 766 -22.49 30.60 -38.21
CA LYS A 766 -22.29 30.95 -39.61
C LYS A 766 -20.81 30.87 -39.96
N SER A 767 -20.52 30.37 -41.15
CA SER A 767 -19.15 30.22 -41.60
C SER A 767 -18.62 31.58 -42.08
N SER A 768 -17.46 31.57 -42.73
CA SER A 768 -16.91 32.82 -43.25
C SER A 768 -17.83 33.45 -44.28
N ASP A 769 -18.58 32.62 -45.00
CA ASP A 769 -19.55 33.08 -45.99
C ASP A 769 -20.97 33.14 -45.43
N GLY A 770 -21.15 32.90 -44.13
CA GLY A 770 -22.46 32.94 -43.52
C GLY A 770 -23.20 31.62 -43.51
N THR A 771 -22.67 30.59 -44.15
CA THR A 771 -23.34 29.30 -44.17
C THR A 771 -23.24 28.62 -42.80
N PRO A 772 -24.25 27.84 -42.43
CA PRO A 772 -24.20 27.14 -41.14
C PRO A 772 -23.15 26.04 -41.14
N ASP A 773 -22.74 25.67 -39.93
CA ASP A 773 -21.69 24.66 -39.78
C ASP A 773 -22.22 23.26 -40.09
N ARG A 774 -23.30 22.85 -39.41
CA ARG A 774 -23.94 21.56 -39.63
C ARG A 774 -22.96 20.41 -39.37
N ARG A 775 -22.45 20.37 -38.15
CA ARG A 775 -21.41 19.44 -37.75
C ARG A 775 -21.95 18.44 -36.74
N TRP A 776 -21.70 17.15 -36.98
CA TRP A 776 -22.26 16.11 -36.13
C TRP A 776 -21.55 16.13 -34.78
N CYS A 777 -22.12 16.86 -33.82
CA CYS A 777 -21.53 17.01 -32.50
C CYS A 777 -22.17 16.02 -31.53
N PHE A 778 -21.68 16.03 -30.30
CA PHE A 778 -22.08 15.07 -29.28
C PHE A 778 -22.03 15.76 -27.93
N ARG A 779 -23.18 15.90 -27.28
CA ARG A 779 -23.28 16.69 -26.07
C ARG A 779 -23.11 15.84 -24.83
N VAL A 780 -22.28 16.32 -23.91
CA VAL A 780 -22.22 15.78 -22.56
C VAL A 780 -22.36 16.95 -21.60
N ASP A 781 -23.25 16.80 -20.62
CA ASP A 781 -23.61 17.87 -19.72
C ASP A 781 -23.07 17.59 -18.33
N GLU A 782 -22.73 18.66 -17.63
CA GLU A 782 -22.05 18.58 -16.35
C GLU A 782 -22.69 19.56 -15.38
N VAL A 783 -22.28 19.46 -14.13
CA VAL A 783 -22.68 20.41 -13.08
C VAL A 783 -21.42 21.01 -12.50
N ASN A 784 -21.37 22.33 -12.43
CA ASN A 784 -20.25 23.04 -11.85
C ASN A 784 -20.77 24.08 -10.89
N TRP A 785 -20.23 24.07 -9.66
CA TRP A 785 -20.64 25.03 -8.64
C TRP A 785 -19.58 26.09 -8.39
N SER A 786 -18.73 26.39 -9.37
CA SER A 786 -17.72 27.42 -9.23
C SER A 786 -17.48 28.14 -10.55
N VAL B 148 57.75 27.04 43.51
CA VAL B 148 57.52 25.62 43.35
C VAL B 148 56.35 25.37 42.40
N PHE B 149 56.63 24.70 41.29
CA PHE B 149 55.62 24.39 40.27
C PHE B 149 55.62 22.88 40.06
N ASN B 150 54.70 22.19 40.72
CA ASN B 150 54.53 20.77 40.50
C ASN B 150 53.53 20.52 39.39
N ARG B 151 53.51 19.29 38.88
CA ARG B 151 52.67 18.96 37.73
C ARG B 151 51.19 19.17 37.97
N PRO B 152 50.58 18.69 39.08
CA PRO B 152 49.16 18.99 39.30
C PRO B 152 48.85 20.49 39.35
N ILE B 153 49.71 21.28 39.99
CA ILE B 153 49.47 22.72 40.09
C ILE B 153 49.53 23.36 38.72
N LEU B 154 50.53 23.01 37.92
CA LEU B 154 50.68 23.62 36.60
C LEU B 154 49.51 23.20 35.70
N PHE B 155 49.09 21.94 35.77
CA PHE B 155 47.92 21.52 34.99
C PHE B 155 46.66 22.28 35.42
N ASP B 156 46.48 22.47 36.74
CA ASP B 156 45.32 23.22 37.20
C ASP B 156 45.34 24.65 36.68
N ILE B 157 46.50 25.30 36.74
CA ILE B 157 46.62 26.67 36.28
C ILE B 157 46.34 26.75 34.78
N VAL B 158 46.93 25.83 34.00
CA VAL B 158 46.79 25.89 32.56
C VAL B 158 45.38 25.53 32.12
N SER B 159 44.68 24.67 32.89
CA SER B 159 43.31 24.33 32.56
C SER B 159 42.35 25.45 32.94
N ARG B 160 42.65 26.18 34.02
CA ARG B 160 41.85 27.32 34.43
C ARG B 160 42.15 28.57 33.61
N GLY B 161 43.22 28.55 32.81
CA GLY B 161 43.56 29.69 31.99
C GLY B 161 44.11 30.87 32.76
N SER B 162 44.62 30.66 33.97
CA SER B 162 45.17 31.73 34.79
C SER B 162 46.58 32.04 34.30
N THR B 163 46.66 32.95 33.33
CA THR B 163 47.97 33.35 32.80
C THR B 163 48.78 34.13 33.82
N ALA B 164 48.11 34.72 34.83
CA ALA B 164 48.82 35.51 35.82
C ALA B 164 49.70 34.65 36.71
N ASP B 165 49.28 33.40 36.98
CA ASP B 165 49.98 32.53 37.91
C ASP B 165 51.22 31.87 37.30
N LEU B 166 51.66 32.33 36.13
CA LEU B 166 52.79 31.73 35.44
C LEU B 166 54.01 32.64 35.42
N ASP B 167 53.98 33.75 36.15
CA ASP B 167 55.11 34.67 36.16
C ASP B 167 56.35 34.02 36.76
N GLY B 168 56.18 33.26 37.85
CA GLY B 168 57.32 32.64 38.51
C GLY B 168 57.79 31.37 37.84
N LEU B 169 57.07 30.90 36.82
CA LEU B 169 57.47 29.68 36.12
C LEU B 169 58.81 29.87 35.42
N LEU B 170 59.00 31.03 34.79
CA LEU B 170 60.25 31.27 34.07
C LEU B 170 61.47 31.25 34.99
N PRO B 171 61.50 31.98 36.12
CA PRO B 171 62.67 31.85 37.02
C PRO B 171 62.85 30.44 37.56
N PHE B 172 61.76 29.73 37.81
CA PHE B 172 61.87 28.35 38.30
C PHE B 172 62.56 27.48 37.27
N LEU B 173 62.15 27.58 36.01
CA LEU B 173 62.75 26.77 34.96
C LEU B 173 64.19 27.17 34.70
N LEU B 174 64.48 28.47 34.74
CA LEU B 174 65.85 28.92 34.46
C LEU B 174 66.80 28.51 35.57
N THR B 175 66.40 28.68 36.83
CA THR B 175 67.30 28.45 37.96
C THR B 175 67.52 26.96 38.19
N HIS B 176 66.45 26.16 38.09
CA HIS B 176 66.52 24.74 38.40
C HIS B 176 66.93 23.88 37.20
N LYS B 177 67.23 24.51 36.06
CA LYS B 177 67.66 23.81 34.86
C LYS B 177 66.64 22.77 34.42
N LYS B 178 65.36 23.15 34.53
CA LYS B 178 64.26 22.30 34.13
C LYS B 178 63.58 22.88 32.90
N ARG B 179 63.09 21.98 32.04
CA ARG B 179 62.47 22.36 30.79
C ARG B 179 61.02 21.89 30.76
N LEU B 180 60.19 22.61 30.02
CA LEU B 180 58.76 22.30 29.97
C LEU B 180 58.47 20.96 29.32
N THR B 181 59.42 20.39 28.59
CA THR B 181 59.24 19.08 27.96
C THR B 181 59.71 17.93 28.82
N ASP B 182 60.13 18.20 30.07
CA ASP B 182 60.68 17.16 30.93
C ASP B 182 59.59 16.20 31.37
N GLU B 183 60.02 15.00 31.79
CA GLU B 183 59.07 13.98 32.24
C GLU B 183 58.28 14.43 33.45
N GLU B 184 58.86 15.27 34.32
CA GLU B 184 58.15 15.72 35.51
C GLU B 184 56.90 16.53 35.15
N PHE B 185 56.88 17.11 33.95
CA PHE B 185 55.75 17.91 33.49
C PHE B 185 54.85 17.16 32.51
N ARG B 186 55.01 15.84 32.42
CA ARG B 186 54.27 15.01 31.47
C ARG B 186 53.37 14.06 32.24
N GLU B 187 52.17 13.83 31.72
CA GLU B 187 51.28 12.85 32.30
C GLU B 187 51.90 11.46 32.17
N PRO B 188 52.02 10.70 33.26
CA PRO B 188 52.62 9.36 33.14
C PRO B 188 51.81 8.42 32.27
N SER B 189 50.49 8.58 32.24
CA SER B 189 49.64 7.64 31.50
C SER B 189 49.82 7.80 29.99
N THR B 190 49.78 9.03 29.49
CA THR B 190 49.76 9.27 28.05
C THR B 190 50.97 10.04 27.54
N GLY B 191 51.65 10.81 28.37
CA GLY B 191 52.66 11.71 27.86
C GLY B 191 52.14 13.05 27.40
N LYS B 192 50.86 13.33 27.66
CA LYS B 192 50.28 14.62 27.31
C LYS B 192 51.06 15.75 27.97
N THR B 193 51.33 16.82 27.19
CA THR B 193 52.04 17.97 27.73
C THR B 193 51.05 19.10 28.02
N CYS B 194 51.61 20.27 28.37
CA CYS B 194 50.79 21.39 28.78
C CYS B 194 49.93 21.93 27.64
N LEU B 195 50.49 21.97 26.43
CA LEU B 195 49.75 22.54 25.31
C LEU B 195 48.49 21.75 24.96
N PRO B 196 48.52 20.42 24.87
CA PRO B 196 47.25 19.69 24.69
C PRO B 196 46.26 19.92 25.81
N LYS B 197 46.73 19.99 27.07
CA LYS B 197 45.82 20.26 28.18
C LYS B 197 45.14 21.61 28.02
N ALA B 198 45.90 22.62 27.61
CA ALA B 198 45.33 23.96 27.45
C ALA B 198 44.37 24.01 26.26
N LEU B 199 44.74 23.36 25.15
CA LEU B 199 43.87 23.38 23.97
C LEU B 199 42.57 22.64 24.22
N LEU B 200 42.62 21.48 24.89
CA LEU B 200 41.41 20.75 25.20
C LEU B 200 40.48 21.56 26.09
N ASN B 201 41.04 22.23 27.10
CA ASN B 201 40.25 23.04 28.03
C ASN B 201 40.19 24.48 27.53
N LEU B 202 39.34 24.68 26.51
CA LEU B 202 39.20 25.98 25.87
C LEU B 202 37.99 26.70 26.44
N SER B 203 38.18 27.96 26.83
CA SER B 203 37.13 28.76 27.44
C SER B 203 36.67 29.83 26.45
N ASN B 204 35.49 29.61 25.86
CA ASN B 204 34.88 30.53 24.90
C ASN B 204 35.89 30.84 23.78
N GLY B 205 36.35 29.79 23.10
CA GLY B 205 37.16 29.94 21.93
C GLY B 205 38.55 30.52 22.14
N ARG B 206 38.88 30.93 23.36
CA ARG B 206 40.16 31.59 23.61
C ARG B 206 40.75 31.09 24.92
N ASN B 207 42.01 30.65 24.88
CA ASN B 207 42.79 30.34 26.06
C ASN B 207 44.00 31.27 26.06
N ASP B 208 44.14 32.05 27.14
CA ASP B 208 45.16 33.09 27.19
C ASP B 208 46.55 32.56 27.50
N THR B 209 46.68 31.31 27.95
CA THR B 209 47.97 30.78 28.33
C THR B 209 48.79 30.25 27.15
N ILE B 210 48.18 30.14 25.98
CA ILE B 210 48.92 29.62 24.82
C ILE B 210 50.09 30.51 24.43
N PRO B 211 49.93 31.82 24.23
CA PRO B 211 51.10 32.63 23.86
C PRO B 211 52.20 32.63 24.90
N VAL B 212 51.85 32.65 26.18
CA VAL B 212 52.88 32.68 27.21
C VAL B 212 53.60 31.34 27.28
N LEU B 213 52.88 30.23 27.11
CA LEU B 213 53.54 28.93 27.03
C LEU B 213 54.47 28.86 25.82
N LEU B 214 54.05 29.42 24.69
CA LEU B 214 54.92 29.45 23.52
C LEU B 214 56.18 30.26 23.81
N ASP B 215 56.02 31.40 24.49
CA ASP B 215 57.17 32.21 24.85
C ASP B 215 58.12 31.44 25.76
N ILE B 216 57.56 30.73 26.75
CA ILE B 216 58.40 29.96 27.67
C ILE B 216 59.15 28.87 26.92
N ALA B 217 58.47 28.19 26.00
CA ALA B 217 59.12 27.13 25.22
C ALA B 217 60.23 27.70 24.36
N GLU B 218 60.02 28.89 23.78
CA GLU B 218 61.06 29.50 22.97
C GLU B 218 62.24 29.94 23.81
N ARG B 219 61.99 30.48 25.00
CA ARG B 219 63.08 30.96 25.84
C ARG B 219 63.88 29.80 26.44
N THR B 220 63.23 28.69 26.77
CA THR B 220 63.94 27.57 27.37
C THR B 220 64.82 26.83 26.37
N GLY B 221 64.69 27.11 25.08
CA GLY B 221 65.56 26.53 24.07
C GLY B 221 65.08 25.21 23.51
N ASN B 222 63.96 24.67 24.00
CA ASN B 222 63.42 23.38 23.56
C ASN B 222 62.02 23.57 23.02
N MET B 223 61.84 24.60 22.19
CA MET B 223 60.54 24.89 21.58
C MET B 223 60.12 23.77 20.63
N ARG B 224 61.07 23.23 19.86
CA ARG B 224 60.74 22.25 18.85
C ARG B 224 60.12 21.00 19.46
N GLU B 225 60.69 20.52 20.56
CA GLU B 225 60.18 19.32 21.21
C GLU B 225 58.83 19.54 21.88
N PHE B 226 58.43 20.80 22.06
CA PHE B 226 57.19 21.12 22.77
C PHE B 226 55.97 21.13 21.85
N ILE B 227 56.07 21.80 20.70
CA ILE B 227 54.91 21.98 19.84
C ILE B 227 54.41 20.63 19.33
N ASN B 228 55.32 19.78 18.88
CA ASN B 228 54.96 18.45 18.38
C ASN B 228 55.48 17.38 19.33
N SER B 229 54.72 17.12 20.37
CA SER B 229 55.04 16.07 21.35
C SER B 229 53.99 14.98 21.25
N PRO B 230 54.28 13.86 20.62
CA PRO B 230 53.27 12.82 20.42
C PRO B 230 52.85 12.19 21.75
N PHE B 231 51.58 11.80 21.80
CA PHE B 231 51.08 11.02 22.91
C PHE B 231 51.72 9.64 22.86
N ARG B 232 51.96 9.07 24.04
CA ARG B 232 52.68 7.80 24.13
C ARG B 232 51.77 6.60 24.31
N ASP B 233 50.56 6.78 24.82
CA ASP B 233 49.66 5.65 25.06
C ASP B 233 49.22 5.03 23.75
N ILE B 234 48.99 3.73 23.78
CA ILE B 234 48.57 2.99 22.59
C ILE B 234 47.21 3.48 22.13
N TYR B 235 46.44 4.05 23.06
CA TYR B 235 45.07 4.46 22.75
C TYR B 235 45.03 5.75 21.94
N TYR B 236 45.96 6.68 22.18
CA TYR B 236 45.97 7.98 21.54
C TYR B 236 47.29 8.25 20.82
N ARG B 237 48.01 7.21 20.43
CA ARG B 237 49.38 7.33 19.98
C ARG B 237 49.52 8.28 18.80
N GLY B 238 50.56 9.11 18.84
CA GLY B 238 50.93 9.94 17.72
C GLY B 238 50.24 11.29 17.66
N GLN B 239 49.13 11.46 18.35
CA GLN B 239 48.38 12.71 18.27
C GLN B 239 49.21 13.86 18.82
N THR B 240 49.20 14.99 18.12
CA THR B 240 49.94 16.17 18.54
C THR B 240 48.97 17.31 18.83
N ALA B 241 49.53 18.40 19.35
CA ALA B 241 48.70 19.57 19.64
C ALA B 241 48.07 20.15 18.37
N LEU B 242 48.70 19.92 17.22
CA LEU B 242 48.11 20.37 15.96
C LEU B 242 46.79 19.67 15.69
N HIS B 243 46.73 18.36 15.97
CA HIS B 243 45.48 17.63 15.80
C HIS B 243 44.38 18.21 16.67
N ILE B 244 44.69 18.51 17.93
CA ILE B 244 43.70 19.09 18.83
C ILE B 244 43.25 20.46 18.32
N ALA B 245 44.20 21.28 17.86
CA ALA B 245 43.86 22.60 17.35
C ALA B 245 42.92 22.49 16.15
N ILE B 246 43.19 21.55 15.26
CA ILE B 246 42.35 21.39 14.07
C ILE B 246 40.98 20.84 14.45
N GLU B 247 40.93 19.86 15.37
CA GLU B 247 39.68 19.24 15.74
C GLU B 247 38.77 20.21 16.48
N ARG B 248 39.34 21.06 17.34
CA ARG B 248 38.56 22.04 18.07
C ARG B 248 38.04 23.16 17.18
N ARG B 249 38.43 23.18 15.91
CA ARG B 249 37.94 24.15 14.93
C ARG B 249 38.41 25.57 15.28
N CYS B 250 39.68 25.70 15.60
CA CYS B 250 40.30 26.99 15.90
C CYS B 250 41.30 27.31 14.80
N LYS B 251 40.86 28.08 13.80
CA LYS B 251 41.75 28.47 12.72
C LYS B 251 42.89 29.34 13.22
N HIS B 252 42.60 30.30 14.09
CA HIS B 252 43.68 31.18 14.53
C HIS B 252 44.64 30.46 15.47
N TYR B 253 44.14 29.53 16.29
CA TYR B 253 45.08 28.70 17.04
C TYR B 253 45.95 27.82 16.15
N VAL B 254 45.40 27.24 15.08
CA VAL B 254 46.24 26.42 14.22
C VAL B 254 47.26 27.31 13.50
N GLU B 255 46.89 28.55 13.20
CA GLU B 255 47.86 29.49 12.61
C GLU B 255 49.00 29.79 13.58
N LEU B 256 48.67 30.19 14.81
CA LEU B 256 49.71 30.53 15.77
C LEU B 256 50.50 29.31 16.22
N LEU B 257 49.95 28.11 16.00
CA LEU B 257 50.65 26.89 16.35
C LEU B 257 51.59 26.43 15.25
N VAL B 258 51.21 26.64 13.98
CA VAL B 258 52.07 26.20 12.89
C VAL B 258 53.09 27.27 12.53
N ALA B 259 52.83 28.54 12.85
CA ALA B 259 53.78 29.59 12.54
C ALA B 259 55.06 29.45 13.33
N GLN B 260 55.04 28.72 14.45
CA GLN B 260 56.21 28.52 15.29
C GLN B 260 56.85 27.15 15.05
N GLY B 261 56.34 26.40 14.08
CA GLY B 261 56.99 25.16 13.69
C GLY B 261 56.27 23.87 14.05
N ALA B 262 54.95 23.86 13.92
CA ALA B 262 54.19 22.64 14.13
C ALA B 262 54.36 21.71 12.94
N ASP B 263 54.56 20.42 13.22
CA ASP B 263 54.69 19.43 12.16
C ASP B 263 53.33 19.15 11.55
N VAL B 264 53.19 19.42 10.25
CA VAL B 264 51.91 19.30 9.57
C VAL B 264 51.79 17.95 8.90
N HIS B 265 52.69 17.02 9.23
CA HIS B 265 52.64 15.68 8.68
C HIS B 265 52.66 14.61 9.76
N ALA B 266 52.50 15.00 11.03
CA ALA B 266 52.49 14.02 12.11
C ALA B 266 51.28 13.11 11.99
N GLN B 267 51.51 11.80 12.10
CA GLN B 267 50.49 10.80 11.86
C GLN B 267 49.91 10.31 13.17
N ALA B 268 48.63 10.55 13.38
CA ALA B 268 47.93 10.10 14.58
C ALA B 268 47.42 8.68 14.33
N ARG B 269 48.17 7.69 14.80
CA ARG B 269 47.89 6.30 14.48
C ARG B 269 47.55 5.46 15.71
N GLY B 270 46.92 6.06 16.71
CA GLY B 270 46.56 5.31 17.90
C GLY B 270 45.36 4.42 17.67
N ARG B 271 45.00 3.68 18.72
CA ARG B 271 43.86 2.78 18.63
C ARG B 271 42.55 3.54 18.50
N PHE B 272 42.48 4.75 19.04
CA PHE B 272 41.27 5.54 18.89
C PHE B 272 41.10 6.02 17.44
N PHE B 273 42.20 6.34 16.78
CA PHE B 273 42.15 6.82 15.39
C PHE B 273 42.30 5.66 14.41
N GLN B 274 41.33 4.76 14.44
CA GLN B 274 41.29 3.61 13.57
C GLN B 274 39.87 3.45 13.02
N PRO B 275 39.72 2.77 11.89
CA PRO B 275 38.38 2.58 11.34
C PRO B 275 37.48 1.81 12.31
N LYS B 276 36.18 2.11 12.23
CA LYS B 276 35.22 1.54 13.17
C LYS B 276 35.27 0.02 13.19
N ASP B 277 35.64 -0.60 12.08
CA ASP B 277 35.66 -2.05 11.99
C ASP B 277 36.89 -2.68 12.63
N GLU B 278 37.88 -1.87 13.02
CA GLU B 278 39.14 -2.39 13.54
C GLU B 278 39.34 -1.90 14.98
N GLY B 279 38.24 -1.69 15.70
CA GLY B 279 38.32 -1.21 17.06
C GLY B 279 38.75 0.24 17.17
N GLY B 280 37.88 1.13 16.71
CA GLY B 280 38.14 2.55 16.79
C GLY B 280 36.85 3.31 16.57
N TYR B 281 36.90 4.61 16.84
CA TYR B 281 35.72 5.45 16.71
C TYR B 281 35.83 6.52 15.62
N PHE B 282 37.02 6.81 15.11
CA PHE B 282 37.13 7.85 14.09
C PHE B 282 38.39 7.63 13.29
N TYR B 283 38.25 7.35 11.99
CA TYR B 283 39.38 7.30 11.07
C TYR B 283 39.22 8.43 10.07
N PHE B 284 40.12 9.41 10.15
CA PHE B 284 40.04 10.62 9.34
C PHE B 284 41.18 10.72 8.34
N GLY B 285 41.96 9.66 8.17
CA GLY B 285 43.07 9.66 7.25
C GLY B 285 44.44 9.81 7.91
N GLU B 286 44.49 9.89 9.24
CA GLU B 286 45.75 9.77 9.97
C GLU B 286 46.70 10.91 9.62
N LEU B 287 46.18 12.12 9.48
CA LEU B 287 47.04 13.22 9.04
C LEU B 287 46.34 14.55 9.31
N PRO B 288 47.08 15.60 9.68
CA PRO B 288 46.42 16.88 9.97
C PRO B 288 45.60 17.44 8.82
N LEU B 289 46.11 17.35 7.60
CA LEU B 289 45.34 17.83 6.45
C LEU B 289 44.13 16.94 6.22
N SER B 290 44.30 15.62 6.34
CA SER B 290 43.16 14.73 6.23
C SER B 290 42.17 14.96 7.36
N LEU B 291 42.68 15.38 8.53
CA LEU B 291 41.79 15.69 9.64
C LEU B 291 40.96 16.92 9.36
N ALA B 292 41.60 17.98 8.86
CA ALA B 292 40.86 19.18 8.52
C ALA B 292 39.87 18.91 7.39
N ALA B 293 40.23 18.02 6.47
CA ALA B 293 39.33 17.70 5.36
C ALA B 293 38.16 16.85 5.82
N CYS B 294 38.39 15.95 6.77
CA CYS B 294 37.37 14.99 7.18
C CYS B 294 36.42 15.55 8.24
N THR B 295 36.67 16.76 8.74
CA THR B 295 35.76 17.41 9.68
C THR B 295 35.13 18.66 9.10
N ASN B 296 35.11 18.79 7.77
CA ASN B 296 34.44 19.89 7.07
C ASN B 296 34.98 21.24 7.53
N GLN B 297 36.26 21.47 7.25
CA GLN B 297 36.95 22.70 7.62
C GLN B 297 37.67 23.22 6.40
N PRO B 298 36.94 23.76 5.42
CA PRO B 298 37.59 24.18 4.17
C PRO B 298 38.61 25.28 4.35
N HIS B 299 38.38 26.22 5.27
CA HIS B 299 39.33 27.32 5.46
C HIS B 299 40.63 26.83 6.08
N ILE B 300 40.53 25.91 7.04
CA ILE B 300 41.74 25.36 7.64
C ILE B 300 42.51 24.53 6.62
N VAL B 301 41.79 23.82 5.75
CA VAL B 301 42.45 23.09 4.67
C VAL B 301 43.18 24.05 3.74
N ASN B 302 42.53 25.15 3.37
CA ASN B 302 43.16 26.14 2.50
C ASN B 302 44.42 26.70 3.15
N TYR B 303 44.36 27.01 4.44
CA TYR B 303 45.53 27.54 5.12
C TYR B 303 46.64 26.49 5.19
N LEU B 304 46.29 25.24 5.44
CA LEU B 304 47.29 24.18 5.55
C LEU B 304 47.98 23.95 4.22
N THR B 305 47.24 24.04 3.11
CA THR B 305 47.82 23.76 1.80
C THR B 305 48.80 24.85 1.38
N GLU B 306 48.42 26.12 1.52
CA GLU B 306 49.31 27.23 1.18
C GLU B 306 49.45 28.15 2.40
N ASN B 307 50.68 28.23 2.91
CA ASN B 307 51.03 29.13 3.99
C ASN B 307 52.53 29.41 3.88
N PRO B 308 52.98 30.58 4.35
CA PRO B 308 54.42 30.90 4.21
C PRO B 308 55.34 29.94 4.94
N HIS B 309 54.93 29.36 6.07
CA HIS B 309 55.87 28.63 6.91
C HIS B 309 56.09 27.20 6.39
N LYS B 310 55.04 26.39 6.40
CA LYS B 310 55.19 24.98 6.04
C LYS B 310 53.90 24.48 5.42
N LYS B 311 53.99 23.97 4.19
CA LYS B 311 52.83 23.57 3.40
C LYS B 311 52.71 22.05 3.40
N ALA B 312 51.51 21.56 3.69
CA ALA B 312 51.22 20.13 3.67
C ALA B 312 50.66 19.78 2.29
N ASP B 313 51.42 18.99 1.53
CA ASP B 313 50.98 18.61 0.19
C ASP B 313 49.88 17.55 0.27
N MET B 314 48.96 17.62 -0.69
CA MET B 314 47.83 16.71 -0.73
C MET B 314 48.24 15.27 -1.06
N ARG B 315 49.44 15.08 -1.59
CA ARG B 315 49.84 13.78 -2.12
C ARG B 315 50.39 12.84 -1.06
N ARG B 316 50.63 13.32 0.15
CA ARG B 316 51.22 12.46 1.17
C ARG B 316 50.22 11.40 1.61
N GLN B 317 50.71 10.17 1.77
CA GLN B 317 49.91 9.04 2.20
C GLN B 317 50.22 8.71 3.65
N ASP B 318 49.21 8.18 4.34
CA ASP B 318 49.36 7.76 5.72
C ASP B 318 49.97 6.36 5.78
N SER B 319 49.94 5.74 6.96
CA SER B 319 50.51 4.40 7.12
C SER B 319 49.77 3.39 6.26
N ARG B 320 48.44 3.49 6.21
CA ARG B 320 47.66 2.59 5.37
C ARG B 320 47.87 2.86 3.89
N GLY B 321 48.51 3.97 3.53
CA GLY B 321 48.61 4.39 2.15
C GLY B 321 47.49 5.30 1.70
N ASN B 322 46.46 5.47 2.51
CA ASN B 322 45.31 6.29 2.14
C ASN B 322 45.75 7.73 1.93
N THR B 323 45.41 8.29 0.77
CA THR B 323 45.66 9.71 0.52
C THR B 323 44.54 10.51 1.19
N VAL B 324 44.51 11.82 0.96
CA VAL B 324 43.43 12.63 1.51
C VAL B 324 42.09 12.19 0.95
N LEU B 325 42.05 11.84 -0.34
CA LEU B 325 40.79 11.46 -0.98
C LEU B 325 40.33 10.08 -0.53
N HIS B 326 41.27 9.15 -0.30
CA HIS B 326 40.87 7.87 0.30
C HIS B 326 40.22 8.10 1.65
N ALA B 327 40.78 9.01 2.45
CA ALA B 327 40.20 9.32 3.74
C ALA B 327 38.82 9.92 3.59
N LEU B 328 38.67 10.89 2.68
CA LEU B 328 37.38 11.54 2.48
C LEU B 328 36.34 10.55 2.00
N VAL B 329 36.75 9.51 1.28
CA VAL B 329 35.84 8.41 0.97
C VAL B 329 35.54 7.60 2.22
N ALA B 330 36.55 7.36 3.07
CA ALA B 330 36.37 6.49 4.22
C ALA B 330 35.36 7.04 5.20
N ILE B 331 35.39 8.36 5.44
CA ILE B 331 34.39 8.98 6.30
C ILE B 331 33.07 9.22 5.58
N ALA B 332 33.06 9.15 4.25
CA ALA B 332 31.84 9.45 3.51
C ALA B 332 30.75 8.47 3.89
N ASP B 333 29.53 8.98 3.98
CA ASP B 333 28.37 8.17 4.32
C ASP B 333 27.31 8.36 3.25
N ASN B 334 26.27 7.54 3.33
CA ASN B 334 25.16 7.65 2.41
C ASN B 334 24.11 8.63 2.88
N THR B 335 24.26 9.18 4.08
CA THR B 335 23.41 10.28 4.52
C THR B 335 23.74 11.53 3.72
N ARG B 336 22.69 12.27 3.36
CA ARG B 336 22.87 13.41 2.46
C ARG B 336 23.66 14.52 3.13
N GLU B 337 23.38 14.79 4.41
CA GLU B 337 24.05 15.88 5.12
C GLU B 337 25.55 15.64 5.22
N ASN B 338 25.98 14.39 5.02
CA ASN B 338 27.39 14.06 4.87
C ASN B 338 27.85 14.28 3.44
N THR B 339 27.00 13.91 2.48
CA THR B 339 27.38 13.94 1.08
C THR B 339 27.64 15.36 0.60
N LYS B 340 26.82 16.33 1.03
CA LYS B 340 27.02 17.69 0.52
C LYS B 340 28.44 18.18 0.76
N PHE B 341 29.01 17.91 1.94
CA PHE B 341 30.36 18.41 2.15
C PHE B 341 31.43 17.43 1.71
N VAL B 342 31.16 16.13 1.71
CA VAL B 342 32.16 15.18 1.21
C VAL B 342 32.44 15.46 -0.26
N THR B 343 31.40 15.57 -1.09
CA THR B 343 31.62 15.82 -2.50
C THR B 343 32.26 17.18 -2.74
N LYS B 344 31.80 18.20 -2.00
CA LYS B 344 32.35 19.54 -2.17
C LYS B 344 33.84 19.57 -1.86
N MET B 345 34.24 18.96 -0.73
CA MET B 345 35.65 19.02 -0.35
C MET B 345 36.48 18.11 -1.24
N TYR B 346 35.90 17.02 -1.74
CA TYR B 346 36.61 16.20 -2.71
C TYR B 346 36.94 17.00 -3.96
N ASP B 347 35.94 17.71 -4.50
CA ASP B 347 36.20 18.54 -5.67
C ASP B 347 37.20 19.64 -5.37
N LEU B 348 37.06 20.30 -4.21
CA LEU B 348 37.99 21.36 -3.84
C LEU B 348 39.42 20.86 -3.80
N LEU B 349 39.65 19.76 -3.09
CA LEU B 349 40.99 19.21 -2.94
C LEU B 349 41.55 18.73 -4.27
N LEU B 350 40.72 18.10 -5.11
CA LEU B 350 41.21 17.63 -6.39
C LEU B 350 41.63 18.78 -7.28
N LEU B 351 40.80 19.83 -7.34
CA LEU B 351 41.17 21.00 -8.15
C LEU B 351 42.41 21.67 -7.61
N LYS B 352 42.54 21.77 -6.28
CA LYS B 352 43.73 22.41 -5.70
C LYS B 352 44.99 21.61 -6.01
N CYS B 353 44.92 20.29 -5.90
CA CYS B 353 46.08 19.47 -6.21
C CYS B 353 46.43 19.56 -7.69
N ALA B 354 45.43 19.63 -8.56
CA ALA B 354 45.68 19.78 -9.98
C ALA B 354 46.37 21.11 -10.27
N ARG B 355 45.84 22.20 -9.71
CA ARG B 355 46.41 23.52 -9.99
C ARG B 355 47.83 23.64 -9.45
N LEU B 356 48.06 23.17 -8.23
CA LEU B 356 49.41 23.24 -7.67
C LEU B 356 50.35 22.28 -8.41
N PHE B 357 49.91 21.05 -8.64
CA PHE B 357 50.73 20.07 -9.32
C PHE B 357 50.04 19.61 -10.59
N PRO B 358 50.34 20.17 -11.77
CA PRO B 358 49.61 19.77 -12.97
C PRO B 358 50.04 18.42 -13.51
N ASP B 359 51.29 18.01 -13.25
CA ASP B 359 51.77 16.75 -13.80
C ASP B 359 51.06 15.55 -13.17
N SER B 360 50.90 15.56 -11.85
CA SER B 360 50.33 14.42 -11.15
C SER B 360 48.80 14.50 -11.13
N ASN B 361 48.18 13.34 -10.89
CA ASN B 361 46.74 13.24 -10.68
C ASN B 361 46.51 12.66 -9.29
N LEU B 362 45.77 13.38 -8.46
CA LEU B 362 45.61 12.95 -7.07
C LEU B 362 44.77 11.70 -6.97
N GLU B 363 43.83 11.50 -7.90
CA GLU B 363 43.05 10.26 -7.93
C GLU B 363 43.87 9.06 -8.35
N ALA B 364 45.08 9.28 -8.88
CA ALA B 364 45.87 8.21 -9.48
C ALA B 364 46.86 7.58 -8.50
N VAL B 365 46.83 7.97 -7.23
CA VAL B 365 47.74 7.39 -6.24
C VAL B 365 46.96 6.34 -5.45
N LEU B 366 47.57 5.18 -5.28
CA LEU B 366 46.91 4.03 -4.68
C LEU B 366 47.38 3.84 -3.24
N ASN B 367 46.54 3.18 -2.44
CA ASN B 367 46.91 2.88 -1.07
C ASN B 367 47.63 1.53 -1.03
N ASN B 368 47.84 1.00 0.18
CA ASN B 368 48.54 -0.27 0.30
C ASN B 368 47.70 -1.43 -0.20
N ASP B 369 46.40 -1.23 -0.35
CA ASP B 369 45.51 -2.24 -0.90
C ASP B 369 45.42 -2.16 -2.43
N GLY B 370 46.06 -1.17 -3.04
CA GLY B 370 46.05 -1.02 -4.49
C GLY B 370 44.85 -0.28 -5.05
N LEU B 371 43.89 0.08 -4.22
CA LEU B 371 42.69 0.74 -4.70
C LEU B 371 42.94 2.23 -4.90
N SER B 372 42.03 2.88 -5.60
CA SER B 372 42.00 4.31 -5.82
C SER B 372 40.72 4.84 -5.20
N PRO B 373 40.62 6.16 -5.00
CA PRO B 373 39.42 6.69 -4.33
C PRO B 373 38.12 6.23 -4.95
N LEU B 374 38.04 6.17 -6.27
CA LEU B 374 36.82 5.65 -6.90
C LEU B 374 36.68 4.16 -6.63
N MET B 375 37.76 3.41 -6.80
CA MET B 375 37.69 1.97 -6.51
C MET B 375 37.41 1.71 -5.05
N MET B 376 37.98 2.53 -4.15
CA MET B 376 37.72 2.36 -2.72
C MET B 376 36.29 2.67 -2.37
N ALA B 377 35.70 3.71 -2.99
CA ALA B 377 34.29 3.99 -2.79
C ALA B 377 33.40 2.94 -3.43
N ALA B 378 33.92 2.20 -4.42
CA ALA B 378 33.11 1.18 -5.07
C ALA B 378 32.90 -0.02 -4.16
N LYS B 379 33.95 -0.48 -3.49
CA LYS B 379 33.84 -1.70 -2.69
C LYS B 379 33.46 -1.42 -1.23
N THR B 380 33.33 -0.16 -0.85
CA THR B 380 32.86 0.18 0.48
C THR B 380 31.39 0.59 0.50
N GLY B 381 30.82 0.93 -0.65
CA GLY B 381 29.40 1.22 -0.74
C GLY B 381 29.06 2.65 -0.40
N LYS B 382 29.77 3.60 -1.00
CA LYS B 382 29.55 5.03 -0.77
C LYS B 382 28.95 5.62 -2.04
N ILE B 383 27.62 5.57 -2.16
CA ILE B 383 26.96 6.05 -3.37
C ILE B 383 27.21 7.54 -3.57
N GLY B 384 27.07 8.32 -2.49
CA GLY B 384 27.10 9.76 -2.63
C GLY B 384 28.35 10.28 -3.29
N ILE B 385 29.49 9.70 -2.95
CA ILE B 385 30.74 10.10 -3.59
C ILE B 385 31.04 9.28 -4.84
N PHE B 386 30.53 8.05 -4.93
CA PHE B 386 30.78 7.22 -6.11
C PHE B 386 30.15 7.84 -7.35
N GLN B 387 28.87 8.16 -7.29
CA GLN B 387 28.21 8.76 -8.45
C GLN B 387 28.75 10.16 -8.72
N HIS B 388 29.15 10.89 -7.68
CA HIS B 388 29.71 12.21 -7.89
C HIS B 388 31.05 12.14 -8.59
N ILE B 389 31.85 11.12 -8.28
CA ILE B 389 33.12 10.94 -8.96
C ILE B 389 32.89 10.55 -10.42
N ILE B 390 31.95 9.64 -10.67
CA ILE B 390 31.74 9.21 -12.05
C ILE B 390 31.19 10.34 -12.91
N ARG B 391 30.17 11.04 -12.41
CA ARG B 391 29.43 11.99 -13.23
C ARG B 391 30.00 13.41 -13.18
N ARG B 392 31.19 13.60 -12.62
CA ARG B 392 31.72 14.95 -12.49
C ARG B 392 32.19 15.48 -13.84
N GLU B 393 32.02 16.78 -14.05
CA GLU B 393 32.59 17.46 -15.20
C GLU B 393 33.07 18.82 -14.74
N VAL B 394 34.19 19.28 -15.29
CA VAL B 394 34.81 20.53 -14.89
C VAL B 394 34.66 21.51 -16.06
N THR B 395 33.91 22.58 -15.82
CA THR B 395 33.71 23.58 -16.87
C THR B 395 34.96 24.40 -17.14
N ASP B 396 35.73 24.70 -16.11
CA ASP B 396 36.94 25.50 -16.29
C ASP B 396 37.94 24.77 -17.18
N GLU B 397 38.46 25.47 -18.18
CA GLU B 397 39.40 24.87 -19.12
C GLU B 397 40.73 24.52 -18.46
N ASP B 398 41.06 25.21 -17.36
CA ASP B 398 42.36 24.98 -16.72
C ASP B 398 42.48 23.55 -16.21
N THR B 399 41.42 23.01 -15.62
CA THR B 399 41.43 21.67 -15.06
C THR B 399 40.26 20.85 -15.60
N ARG B 400 39.90 21.07 -16.86
CA ARG B 400 38.83 20.29 -17.48
C ARG B 400 39.26 18.86 -17.79
N HIS B 401 40.56 18.63 -17.94
CA HIS B 401 41.04 17.31 -18.35
C HIS B 401 40.71 16.23 -17.34
N LEU B 402 40.56 16.57 -16.07
CA LEU B 402 40.19 15.59 -15.05
C LEU B 402 38.68 15.53 -14.83
N SER B 403 37.94 15.41 -15.93
CA SER B 403 36.51 15.16 -15.89
C SER B 403 36.26 13.74 -16.37
N ARG B 404 35.08 13.22 -16.06
CA ARG B 404 34.72 11.88 -16.46
C ARG B 404 33.40 11.83 -17.23
N LYS B 405 32.86 12.99 -17.61
CA LYS B 405 31.66 13.04 -18.43
C LYS B 405 31.79 14.27 -19.32
N PHE B 406 31.97 14.05 -20.61
CA PHE B 406 32.10 15.14 -21.58
C PHE B 406 30.86 15.19 -22.46
N LYS B 407 30.55 16.37 -22.95
CA LYS B 407 29.42 16.60 -23.84
C LYS B 407 29.95 16.63 -25.27
N ASP B 408 29.65 15.59 -26.04
CA ASP B 408 30.21 15.46 -27.39
C ASP B 408 29.60 16.46 -28.35
N TRP B 409 28.29 16.37 -28.58
CA TRP B 409 27.63 17.24 -29.54
C TRP B 409 26.19 17.46 -29.09
N ALA B 410 25.57 18.50 -29.65
CA ALA B 410 24.18 18.80 -29.35
C ALA B 410 23.51 19.33 -30.61
N TYR B 411 22.28 18.87 -30.84
CA TYR B 411 21.45 19.41 -31.92
C TYR B 411 20.05 19.56 -31.37
N GLY B 412 19.68 20.78 -30.98
CA GLY B 412 18.42 21.02 -30.35
C GLY B 412 18.28 20.18 -29.09
N PRO B 413 17.14 19.56 -28.92
CA PRO B 413 16.88 18.74 -27.72
C PRO B 413 17.43 17.32 -27.82
N VAL B 414 18.66 17.19 -28.33
CA VAL B 414 19.36 15.91 -28.31
C VAL B 414 20.80 16.16 -27.88
N TYR B 415 21.09 15.96 -26.60
CA TYR B 415 22.43 16.14 -26.05
C TYR B 415 23.06 14.78 -25.85
N SER B 416 24.17 14.54 -26.55
CA SER B 416 24.90 13.27 -26.44
C SER B 416 26.19 13.52 -25.68
N SER B 417 26.11 13.45 -24.35
CA SER B 417 27.28 13.49 -23.49
C SER B 417 27.86 12.08 -23.40
N LEU B 418 29.20 12.02 -23.38
CA LEU B 418 29.85 10.72 -23.37
C LEU B 418 30.65 10.57 -22.09
N TYR B 419 30.39 9.48 -21.37
CA TYR B 419 31.04 9.20 -20.11
C TYR B 419 32.39 8.53 -20.34
N ASP B 420 33.26 8.69 -19.34
CA ASP B 420 34.59 8.08 -19.37
C ASP B 420 34.55 6.74 -18.66
N LEU B 421 35.12 5.71 -19.29
CA LEU B 421 35.30 4.41 -18.66
C LEU B 421 36.75 3.97 -18.70
N SER B 422 37.68 4.92 -18.53
CA SER B 422 39.09 4.58 -18.48
C SER B 422 39.38 3.61 -17.33
N SER B 423 38.59 3.68 -16.26
CA SER B 423 38.77 2.81 -15.10
C SER B 423 37.64 1.81 -14.90
N LEU B 424 36.45 2.09 -15.42
CA LEU B 424 35.32 1.20 -15.19
C LEU B 424 35.48 -0.12 -15.95
N ASP B 425 36.05 -0.06 -17.14
CA ASP B 425 36.22 -1.22 -18.01
C ASP B 425 37.65 -1.25 -18.51
N THR B 426 38.50 -2.05 -17.86
CA THR B 426 39.90 -2.14 -18.21
C THR B 426 40.27 -3.38 -18.99
N CYS B 427 39.32 -4.28 -19.26
CA CYS B 427 39.58 -5.52 -19.98
C CYS B 427 40.67 -6.35 -19.29
N GLY B 428 40.57 -6.45 -17.97
CA GLY B 428 41.49 -7.25 -17.20
C GLY B 428 42.92 -6.76 -17.22
N GLU B 429 43.11 -5.46 -17.05
CA GLU B 429 44.46 -4.91 -17.02
C GLU B 429 44.75 -4.07 -15.79
N GLU B 430 43.77 -3.32 -15.28
CA GLU B 430 44.04 -2.36 -14.22
C GLU B 430 42.96 -2.42 -13.13
N ALA B 431 42.53 -3.63 -12.77
CA ALA B 431 41.62 -3.84 -11.64
C ALA B 431 40.37 -2.97 -11.77
N SER B 432 39.58 -3.29 -12.79
CA SER B 432 38.44 -2.47 -13.19
C SER B 432 37.48 -2.27 -12.02
N VAL B 433 36.83 -1.10 -12.02
CA VAL B 433 35.86 -0.78 -11.00
C VAL B 433 34.66 -1.71 -11.07
N LEU B 434 34.27 -2.11 -12.28
CA LEU B 434 33.08 -2.94 -12.44
C LEU B 434 33.24 -4.29 -11.76
N GLU B 435 34.41 -4.92 -11.92
CA GLU B 435 34.65 -6.20 -11.27
C GLU B 435 34.60 -6.07 -9.75
N ILE B 436 35.21 -5.01 -9.21
CA ILE B 436 35.14 -4.74 -7.78
C ILE B 436 33.70 -4.57 -7.34
N LEU B 437 32.93 -3.83 -8.12
CA LEU B 437 31.56 -3.49 -7.74
C LEU B 437 30.65 -4.71 -7.78
N VAL B 438 30.91 -5.66 -8.68
CA VAL B 438 30.06 -6.82 -8.79
C VAL B 438 30.45 -7.94 -7.83
N TYR B 439 31.73 -8.06 -7.51
CA TYR B 439 32.23 -9.16 -6.67
C TYR B 439 32.42 -8.75 -5.22
N ASN B 440 33.23 -7.73 -4.96
CA ASN B 440 33.69 -7.42 -3.61
C ASN B 440 32.97 -6.26 -2.94
N SER B 441 31.90 -5.73 -3.54
CA SER B 441 31.25 -4.57 -2.96
C SER B 441 30.37 -4.98 -1.78
N LYS B 442 29.73 -3.99 -1.16
CA LYS B 442 28.82 -4.23 -0.04
C LYS B 442 27.47 -4.68 -0.58
N ILE B 443 26.97 -5.80 -0.05
CA ILE B 443 25.86 -6.51 -0.69
C ILE B 443 24.61 -5.64 -0.75
N GLU B 444 24.22 -5.04 0.37
CA GLU B 444 22.90 -4.40 0.43
C GLU B 444 22.87 -3.09 -0.34
N ASN B 445 24.03 -2.60 -0.78
CA ASN B 445 24.09 -1.38 -1.57
C ASN B 445 24.47 -1.65 -3.01
N ARG B 446 24.80 -2.89 -3.36
CA ARG B 446 25.28 -3.22 -4.70
C ARG B 446 24.20 -2.95 -5.75
N HIS B 447 22.96 -3.32 -5.46
CA HIS B 447 21.87 -3.12 -6.41
C HIS B 447 21.69 -1.65 -6.77
N GLU B 448 22.08 -0.75 -5.87
CA GLU B 448 22.00 0.67 -6.14
C GLU B 448 23.25 1.21 -6.82
N MET B 449 24.42 0.65 -6.52
CA MET B 449 25.63 1.06 -7.22
C MET B 449 25.60 0.65 -8.68
N LEU B 450 24.96 -0.47 -8.99
CA LEU B 450 24.89 -0.94 -10.37
C LEU B 450 23.84 -0.21 -11.20
N ALA B 451 23.21 0.82 -10.65
CA ALA B 451 22.22 1.61 -11.37
C ALA B 451 22.73 2.98 -11.79
N VAL B 452 24.03 3.24 -11.58
CA VAL B 452 24.59 4.54 -11.96
C VAL B 452 24.59 4.66 -13.48
N GLU B 453 24.60 5.91 -13.96
CA GLU B 453 24.29 6.19 -15.36
C GLU B 453 25.16 5.43 -16.37
N PRO B 454 26.48 5.38 -16.26
CA PRO B 454 27.27 4.69 -17.29
C PRO B 454 27.58 3.23 -17.00
N ILE B 455 27.01 2.63 -15.95
CA ILE B 455 27.26 1.24 -15.63
C ILE B 455 26.13 0.34 -16.13
N ASN B 456 24.88 0.76 -15.96
CA ASN B 456 23.77 -0.05 -16.46
C ASN B 456 23.83 -0.18 -17.97
N GLU B 457 24.03 0.93 -18.67
CA GLU B 457 24.14 0.89 -20.13
C GLU B 457 25.39 0.14 -20.57
N LEU B 458 26.48 0.26 -19.80
CA LEU B 458 27.69 -0.49 -20.13
C LEU B 458 27.44 -1.99 -20.02
N LEU B 459 26.75 -2.41 -18.97
CA LEU B 459 26.43 -3.83 -18.81
C LEU B 459 25.50 -4.31 -19.92
N ARG B 460 24.51 -3.51 -20.30
CA ARG B 460 23.63 -3.89 -21.39
C ARG B 460 24.42 -4.02 -22.70
N ASP B 461 25.34 -3.08 -22.96
CA ASP B 461 26.17 -3.15 -24.15
C ASP B 461 27.02 -4.42 -24.16
N LYS B 462 27.62 -4.75 -23.02
CA LYS B 462 28.44 -5.96 -22.95
C LYS B 462 27.58 -7.21 -23.06
N TRP B 463 26.30 -7.11 -22.70
CA TRP B 463 25.39 -8.24 -22.88
C TRP B 463 25.07 -8.44 -24.36
N ARG B 464 24.76 -7.35 -25.07
CA ARG B 464 24.37 -7.48 -26.47
C ARG B 464 25.58 -7.76 -27.35
N LYS B 465 26.77 -7.30 -26.95
CA LYS B 465 27.94 -7.42 -27.80
C LYS B 465 28.47 -8.85 -27.80
N PHE B 466 28.69 -9.43 -26.63
CA PHE B 466 29.21 -10.78 -26.54
C PHE B 466 28.56 -11.62 -25.44
N GLY B 467 27.59 -11.07 -24.72
CA GLY B 467 27.02 -11.77 -23.59
C GLY B 467 25.85 -12.66 -23.96
N ALA B 468 25.01 -12.18 -24.87
CA ALA B 468 23.84 -12.96 -25.27
C ALA B 468 24.24 -14.23 -26.00
N VAL B 469 25.14 -14.12 -26.98
CA VAL B 469 25.48 -15.27 -27.81
C VAL B 469 26.24 -16.31 -26.98
N SER B 470 27.18 -15.86 -26.13
CA SER B 470 27.97 -16.80 -25.36
C SER B 470 27.13 -17.53 -24.32
N PHE B 471 26.25 -16.80 -23.62
CA PHE B 471 25.37 -17.44 -22.65
C PHE B 471 24.49 -18.49 -23.31
N TYR B 472 23.90 -18.15 -24.46
CA TYR B 472 22.96 -19.07 -25.10
C TYR B 472 23.68 -20.27 -25.68
N ILE B 473 24.86 -20.08 -26.26
CA ILE B 473 25.58 -21.26 -26.76
C ILE B 473 26.01 -22.13 -25.60
N ASN B 474 26.34 -21.53 -24.45
CA ASN B 474 26.62 -22.33 -23.26
C ASN B 474 25.40 -23.12 -22.82
N VAL B 475 24.22 -22.51 -22.87
CA VAL B 475 23.00 -23.21 -22.50
C VAL B 475 22.75 -24.39 -23.42
N VAL B 476 22.87 -24.17 -24.73
CA VAL B 476 22.62 -25.25 -25.69
C VAL B 476 23.64 -26.37 -25.51
N SER B 477 24.91 -26.01 -25.31
CA SER B 477 25.93 -27.02 -25.11
C SER B 477 25.68 -27.81 -23.84
N TYR B 478 25.24 -27.14 -22.77
CA TYR B 478 24.94 -27.83 -21.52
C TYR B 478 23.78 -28.81 -21.70
N LEU B 479 22.71 -28.38 -22.35
CA LEU B 479 21.58 -29.28 -22.57
C LEU B 479 21.96 -30.46 -23.46
N CYS B 480 22.76 -30.20 -24.50
CA CYS B 480 23.22 -31.30 -25.35
C CYS B 480 24.06 -32.29 -24.54
N ALA B 481 24.98 -31.78 -23.72
CA ALA B 481 25.80 -32.66 -22.89
C ALA B 481 24.95 -33.47 -21.93
N MET B 482 23.88 -32.88 -21.40
CA MET B 482 23.04 -33.62 -20.46
C MET B 482 22.16 -34.64 -21.16
N VAL B 483 21.70 -34.35 -22.39
CA VAL B 483 21.02 -35.37 -23.17
C VAL B 483 21.96 -36.55 -23.45
N ILE B 484 23.22 -36.24 -23.79
CA ILE B 484 24.21 -37.30 -23.99
C ILE B 484 24.41 -38.09 -22.71
N PHE B 485 24.46 -37.40 -21.56
CA PHE B 485 24.61 -38.07 -20.28
C PHE B 485 23.44 -39.02 -20.00
N THR B 486 22.22 -38.56 -20.27
CA THR B 486 21.05 -39.42 -20.06
C THR B 486 21.09 -40.63 -20.99
N LEU B 487 21.47 -40.42 -22.25
CA LEU B 487 21.55 -41.53 -23.19
C LEU B 487 22.60 -42.54 -22.73
N THR B 488 23.76 -42.06 -22.26
CA THR B 488 24.79 -42.97 -21.77
C THR B 488 24.31 -43.72 -20.54
N ALA B 489 23.59 -43.03 -19.64
CA ALA B 489 23.09 -43.68 -18.45
C ALA B 489 22.08 -44.78 -18.79
N TYR B 490 21.19 -44.52 -19.73
CA TYR B 490 20.19 -45.53 -20.09
C TYR B 490 20.79 -46.68 -20.89
N TYR B 491 21.73 -46.37 -21.80
CA TYR B 491 22.27 -47.38 -22.69
C TYR B 491 23.23 -48.33 -22.00
N GLN B 492 23.56 -48.09 -20.75
CA GLN B 492 24.45 -48.97 -20.00
C GLN B 492 23.77 -50.31 -19.75
N PRO B 493 24.41 -51.44 -20.08
CA PRO B 493 23.80 -52.75 -19.76
C PRO B 493 23.93 -53.08 -18.28
N LEU B 494 22.84 -53.58 -17.69
CA LEU B 494 22.85 -53.89 -16.27
C LEU B 494 23.48 -55.24 -15.96
N GLU B 495 23.71 -56.08 -16.97
CA GLU B 495 24.26 -57.42 -16.76
C GLU B 495 25.75 -57.39 -17.09
N GLY B 496 26.57 -57.81 -16.13
CA GLY B 496 28.01 -57.89 -16.34
C GLY B 496 28.81 -57.05 -15.36
N THR B 497 30.04 -57.49 -15.08
CA THR B 497 30.95 -56.77 -14.19
C THR B 497 31.89 -55.89 -15.01
N PRO B 498 31.95 -54.59 -14.74
CA PRO B 498 32.85 -53.72 -15.50
C PRO B 498 34.30 -54.02 -15.14
N PRO B 499 35.25 -53.69 -16.04
CA PRO B 499 35.07 -53.06 -17.35
C PRO B 499 34.47 -54.00 -18.40
N TYR B 500 33.59 -53.45 -19.23
CA TYR B 500 32.94 -54.24 -20.27
C TYR B 500 33.84 -54.34 -21.51
N PRO B 501 33.72 -55.43 -22.27
CA PRO B 501 34.49 -55.55 -23.51
C PRO B 501 33.91 -54.67 -24.61
N TYR B 502 34.69 -53.70 -25.05
CA TYR B 502 34.26 -52.75 -26.08
C TYR B 502 34.69 -53.31 -27.43
N ARG B 503 33.79 -54.03 -28.09
CA ARG B 503 34.04 -54.56 -29.42
C ARG B 503 32.97 -54.16 -30.42
N THR B 504 31.71 -54.13 -30.01
CA THR B 504 30.62 -53.70 -30.87
C THR B 504 30.64 -52.18 -31.03
N THR B 505 30.14 -51.72 -32.18
CA THR B 505 30.02 -50.27 -32.39
C THR B 505 29.14 -49.63 -31.33
N VAL B 506 28.12 -50.35 -30.85
CA VAL B 506 27.30 -49.84 -29.76
C VAL B 506 28.15 -49.66 -28.51
N ASP B 507 29.06 -50.59 -28.24
CA ASP B 507 30.00 -50.42 -27.15
C ASP B 507 30.89 -49.20 -27.38
N TYR B 508 31.24 -48.92 -28.64
CA TYR B 508 32.07 -47.75 -28.93
C TYR B 508 31.33 -46.46 -28.63
N LEU B 509 30.05 -46.37 -29.02
CA LEU B 509 29.27 -45.18 -28.68
C LEU B 509 29.03 -45.08 -27.17
N ARG B 510 28.86 -46.20 -26.48
CA ARG B 510 28.76 -46.17 -25.03
C ARG B 510 30.03 -45.62 -24.40
N LEU B 511 31.19 -46.08 -24.87
CA LEU B 511 32.46 -45.57 -24.36
C LEU B 511 32.63 -44.09 -24.68
N ALA B 512 32.20 -43.67 -25.86
CA ALA B 512 32.28 -42.26 -26.22
C ALA B 512 31.42 -41.41 -25.30
N GLY B 513 30.20 -41.87 -25.01
CA GLY B 513 29.36 -41.15 -24.06
C GLY B 513 29.97 -41.09 -22.68
N GLU B 514 30.56 -42.20 -22.22
CA GLU B 514 31.19 -42.21 -20.90
C GLU B 514 32.36 -41.22 -20.85
N VAL B 515 33.22 -41.24 -21.87
CA VAL B 515 34.39 -40.38 -21.83
C VAL B 515 33.99 -38.91 -21.97
N ILE B 516 32.95 -38.62 -22.76
CA ILE B 516 32.51 -37.24 -22.87
C ILE B 516 31.88 -36.78 -21.56
N THR B 517 31.18 -37.67 -20.84
CA THR B 517 30.67 -37.31 -19.53
C THR B 517 31.79 -37.02 -18.55
N LEU B 518 32.84 -37.84 -18.56
CA LEU B 518 33.99 -37.57 -17.69
C LEU B 518 34.69 -36.27 -18.07
N PHE B 519 34.80 -35.98 -19.37
CA PHE B 519 35.40 -34.72 -19.80
C PHE B 519 34.57 -33.53 -19.33
N THR B 520 33.25 -33.63 -19.44
CA THR B 520 32.39 -32.57 -18.93
C THR B 520 32.56 -32.39 -17.43
N GLY B 521 32.64 -33.50 -16.70
CA GLY B 521 32.80 -33.41 -15.25
C GLY B 521 34.13 -32.78 -14.85
N VAL B 522 35.21 -33.17 -15.51
CA VAL B 522 36.51 -32.60 -15.18
C VAL B 522 36.59 -31.14 -15.58
N LEU B 523 35.96 -30.76 -16.70
CA LEU B 523 35.90 -29.34 -17.06
C LEU B 523 35.10 -28.56 -16.03
N PHE B 524 34.02 -29.16 -15.52
CA PHE B 524 33.22 -28.51 -14.48
C PHE B 524 34.05 -28.30 -13.23
N PHE B 525 34.81 -29.32 -12.83
CA PHE B 525 35.69 -29.20 -11.66
C PHE B 525 36.73 -28.11 -11.87
N PHE B 526 37.34 -28.08 -13.05
CA PHE B 526 38.38 -27.10 -13.33
C PHE B 526 37.81 -25.68 -13.29
N THR B 527 36.63 -25.49 -13.87
CA THR B 527 36.07 -24.14 -13.94
C THR B 527 35.39 -23.73 -12.65
N ASN B 528 35.11 -24.67 -11.75
CA ASN B 528 34.50 -24.30 -10.48
C ASN B 528 35.55 -24.08 -9.40
N ILE B 529 36.61 -24.88 -9.39
CA ILE B 529 37.68 -24.65 -8.41
C ILE B 529 38.33 -23.30 -8.63
N LYS B 530 38.61 -22.95 -9.89
CA LYS B 530 39.23 -21.67 -10.20
C LYS B 530 38.32 -20.51 -9.80
N ASP B 531 37.02 -20.62 -10.08
CA ASP B 531 36.10 -19.53 -9.77
C ASP B 531 35.98 -19.32 -8.27
N LEU B 532 35.87 -20.41 -7.51
CA LEU B 532 35.85 -20.31 -6.05
C LEU B 532 37.19 -19.84 -5.51
N PHE B 533 38.28 -20.24 -6.15
CA PHE B 533 39.60 -19.77 -5.72
C PHE B 533 39.75 -18.28 -5.91
N MET B 534 39.24 -17.74 -7.02
CA MET B 534 39.39 -16.32 -7.30
C MET B 534 38.50 -15.48 -6.40
N LYS B 535 37.26 -15.92 -6.17
CA LYS B 535 36.29 -15.14 -5.41
C LYS B 535 36.30 -15.53 -3.95
N LYS B 536 35.82 -14.62 -3.10
CA LYS B 536 35.75 -14.89 -1.68
C LYS B 536 34.61 -15.86 -1.37
N CYS B 537 34.75 -16.56 -0.25
CA CYS B 537 33.69 -17.45 0.19
C CYS B 537 32.52 -16.62 0.73
N PRO B 538 31.32 -16.78 0.20
CA PRO B 538 30.21 -15.89 0.55
C PRO B 538 29.62 -16.24 1.91
N GLY B 539 28.70 -15.39 2.35
CA GLY B 539 27.95 -15.62 3.56
C GLY B 539 26.47 -15.42 3.34
N VAL B 540 25.74 -15.02 4.39
CA VAL B 540 24.30 -14.85 4.28
C VAL B 540 23.99 -13.71 3.30
N ASN B 541 22.90 -13.88 2.56
CA ASN B 541 22.36 -12.99 1.54
C ASN B 541 23.16 -13.05 0.24
N SER B 542 24.23 -13.84 0.16
CA SER B 542 25.02 -13.92 -1.06
C SER B 542 25.06 -15.31 -1.68
N LEU B 543 24.70 -16.36 -0.95
CA LEU B 543 24.56 -17.68 -1.58
C LEU B 543 23.46 -17.68 -2.62
N PHE B 544 22.35 -17.00 -2.34
CA PHE B 544 21.23 -17.02 -3.28
C PHE B 544 21.57 -16.29 -4.58
N ILE B 545 22.57 -15.41 -4.56
CA ILE B 545 22.97 -14.74 -5.79
C ILE B 545 23.71 -15.70 -6.70
N ASP B 546 24.91 -16.12 -6.30
CA ASP B 546 25.70 -17.01 -7.13
C ASP B 546 26.34 -18.14 -6.33
N GLY B 547 26.58 -17.97 -5.03
CA GLY B 547 27.38 -18.92 -4.29
C GLY B 547 26.78 -20.31 -4.25
N SER B 548 25.46 -20.40 -4.37
CA SER B 548 24.81 -21.71 -4.25
C SER B 548 25.19 -22.65 -5.38
N PHE B 549 25.44 -22.11 -6.58
CA PHE B 549 25.67 -22.98 -7.73
C PHE B 549 27.10 -23.50 -7.79
N GLN B 550 28.07 -22.77 -7.22
CA GLN B 550 29.41 -23.33 -7.14
C GLN B 550 29.43 -24.59 -6.29
N LEU B 551 28.67 -24.60 -5.19
CA LEU B 551 28.58 -25.80 -4.36
C LEU B 551 27.98 -26.97 -5.15
N LEU B 552 26.86 -26.73 -5.82
CA LEU B 552 26.15 -27.82 -6.47
C LEU B 552 26.97 -28.44 -7.61
N TYR B 553 27.59 -27.60 -8.44
CA TYR B 553 28.38 -28.13 -9.54
C TYR B 553 29.63 -28.84 -9.02
N PHE B 554 30.18 -28.34 -7.92
CA PHE B 554 31.28 -29.03 -7.24
C PHE B 554 30.85 -30.42 -6.81
N ILE B 555 29.68 -30.54 -6.20
CA ILE B 555 29.19 -31.85 -5.77
C ILE B 555 28.95 -32.75 -6.98
N TYR B 556 28.43 -32.18 -8.06
CA TYR B 556 28.22 -32.97 -9.27
C TYR B 556 29.53 -33.55 -9.80
N SER B 557 30.56 -32.72 -9.91
CA SER B 557 31.85 -33.19 -10.39
C SER B 557 32.43 -34.24 -9.45
N VAL B 558 32.34 -33.99 -8.14
CA VAL B 558 32.89 -34.93 -7.16
C VAL B 558 32.18 -36.27 -7.26
N LEU B 559 30.85 -36.25 -7.39
CA LEU B 559 30.09 -37.49 -7.50
C LEU B 559 30.46 -38.25 -8.77
N VAL B 560 30.60 -37.54 -9.89
CA VAL B 560 30.97 -38.20 -11.13
C VAL B 560 32.35 -38.85 -11.00
N ILE B 561 33.30 -38.13 -10.40
CA ILE B 561 34.66 -38.67 -10.28
C ILE B 561 34.70 -39.88 -9.36
N VAL B 562 34.03 -39.79 -8.19
CA VAL B 562 34.05 -40.92 -7.27
C VAL B 562 33.32 -42.11 -7.88
N SER B 563 32.28 -41.86 -8.68
CA SER B 563 31.59 -42.96 -9.33
C SER B 563 32.46 -43.60 -10.41
N ALA B 564 33.27 -42.79 -11.11
CA ALA B 564 34.22 -43.36 -12.06
C ALA B 564 35.23 -44.23 -11.32
N ALA B 565 35.68 -43.78 -10.15
CA ALA B 565 36.60 -44.58 -9.34
C ALA B 565 35.95 -45.91 -8.94
N LEU B 566 34.69 -45.88 -8.54
CA LEU B 566 33.97 -47.11 -8.20
C LEU B 566 33.79 -47.99 -9.43
N TYR B 567 33.46 -47.39 -10.56
CA TYR B 567 33.30 -48.11 -11.82
C TYR B 567 34.58 -48.82 -12.22
N LEU B 568 35.72 -48.26 -11.83
CA LEU B 568 37.00 -48.93 -12.08
C LEU B 568 37.04 -50.30 -11.39
N ALA B 569 36.57 -50.36 -10.14
CA ALA B 569 36.65 -51.59 -9.37
C ALA B 569 35.28 -52.14 -8.98
N GLY B 570 34.43 -51.34 -8.33
CA GLY B 570 33.17 -51.83 -7.80
C GLY B 570 32.07 -51.95 -8.84
N ILE B 571 31.57 -53.17 -9.05
CA ILE B 571 30.49 -53.38 -10.01
C ILE B 571 29.19 -52.79 -9.47
N GLU B 572 28.89 -53.03 -8.20
CA GLU B 572 27.63 -52.58 -7.63
C GLU B 572 27.72 -51.14 -7.14
N ALA B 573 28.94 -50.67 -6.86
CA ALA B 573 29.11 -49.39 -6.15
C ALA B 573 28.75 -48.20 -7.03
N TYR B 574 29.24 -48.19 -8.28
CA TYR B 574 29.15 -46.98 -9.09
C TYR B 574 27.72 -46.66 -9.50
N LEU B 575 26.87 -47.68 -9.60
CA LEU B 575 25.49 -47.45 -10.02
C LEU B 575 24.68 -46.61 -9.02
N ALA B 576 25.19 -46.45 -7.79
CA ALA B 576 24.43 -45.72 -6.78
C ALA B 576 24.34 -44.23 -7.13
N VAL B 577 25.43 -43.65 -7.62
CA VAL B 577 25.54 -42.19 -7.72
C VAL B 577 25.53 -41.65 -9.14
N MET B 578 25.53 -42.50 -10.17
CA MET B 578 25.00 -42.04 -11.47
C MET B 578 23.59 -41.50 -11.36
N VAL B 579 22.71 -42.21 -10.65
CA VAL B 579 21.32 -41.77 -10.56
C VAL B 579 21.21 -40.44 -9.81
N PHE B 580 21.84 -40.36 -8.63
CA PHE B 580 21.75 -39.13 -7.85
C PHE B 580 22.53 -37.99 -8.50
N ALA B 581 23.64 -38.31 -9.19
CA ALA B 581 24.40 -37.29 -9.90
C ALA B 581 23.60 -36.73 -11.06
N LEU B 582 22.89 -37.59 -11.79
CA LEU B 582 22.02 -37.13 -12.87
C LEU B 582 20.89 -36.27 -12.31
N VAL B 583 20.33 -36.66 -11.18
CA VAL B 583 19.31 -35.83 -10.51
C VAL B 583 19.88 -34.45 -10.19
N LEU B 584 21.06 -34.42 -9.57
CA LEU B 584 21.67 -33.16 -9.19
C LEU B 584 21.97 -32.31 -10.41
N GLY B 585 22.44 -32.93 -11.49
CA GLY B 585 22.72 -32.17 -12.70
C GLY B 585 21.47 -31.58 -13.34
N TRP B 586 20.38 -32.36 -13.39
CA TRP B 586 19.17 -31.83 -13.98
C TRP B 586 18.54 -30.76 -13.09
N MET B 587 18.82 -30.80 -11.79
CA MET B 587 18.45 -29.68 -10.93
C MET B 587 19.38 -28.48 -11.17
N ASN B 588 20.64 -28.76 -11.49
CA ASN B 588 21.60 -27.70 -11.77
C ASN B 588 21.25 -26.94 -13.02
N ALA B 589 20.63 -27.62 -14.00
CA ALA B 589 20.22 -26.97 -15.23
C ALA B 589 19.37 -25.74 -14.99
N LEU B 590 18.85 -25.57 -13.76
CA LEU B 590 18.09 -24.38 -13.41
C LEU B 590 18.99 -23.14 -13.33
N TYR B 591 20.31 -23.32 -13.35
CA TYR B 591 21.22 -22.18 -13.21
C TYR B 591 21.05 -21.18 -14.34
N PHE B 592 20.89 -21.67 -15.57
CA PHE B 592 20.93 -20.81 -16.74
C PHE B 592 19.64 -20.03 -16.96
N THR B 593 18.68 -20.11 -16.04
CA THR B 593 17.47 -19.30 -16.16
C THR B 593 17.72 -17.83 -15.89
N ARG B 594 18.91 -17.47 -15.38
CA ARG B 594 19.19 -16.08 -15.04
C ARG B 594 19.33 -15.19 -16.27
N GLY B 595 19.50 -15.78 -17.46
CA GLY B 595 19.58 -14.97 -18.66
C GLY B 595 18.26 -14.30 -19.00
N LEU B 596 17.16 -15.01 -18.83
CA LEU B 596 15.83 -14.46 -19.06
C LEU B 596 15.26 -13.95 -17.75
N LYS B 597 14.78 -12.71 -17.74
CA LYS B 597 14.28 -12.12 -16.50
C LYS B 597 13.08 -12.88 -15.98
N LEU B 598 12.16 -13.28 -16.85
CA LEU B 598 10.97 -13.99 -16.40
C LEU B 598 11.33 -15.33 -15.77
N THR B 599 12.26 -16.07 -16.38
CA THR B 599 12.68 -17.35 -15.81
C THR B 599 13.64 -17.15 -14.64
N GLY B 600 14.39 -16.05 -14.63
CA GLY B 600 15.34 -15.81 -13.55
C GLY B 600 14.67 -15.60 -12.21
N THR B 601 13.55 -14.88 -12.20
CA THR B 601 12.85 -14.62 -10.96
C THR B 601 12.30 -15.91 -10.35
N TYR B 602 11.76 -16.80 -11.19
CA TYR B 602 11.23 -18.06 -10.68
C TYR B 602 12.34 -18.92 -10.08
N SER B 603 13.56 -18.80 -10.63
CA SER B 603 14.68 -19.51 -10.02
C SER B 603 14.92 -19.03 -8.61
N ILE B 604 14.85 -17.70 -8.39
CA ILE B 604 15.00 -17.16 -7.03
C ILE B 604 13.89 -17.65 -6.13
N MET B 605 12.65 -17.65 -6.66
CA MET B 605 11.54 -18.28 -5.96
C MET B 605 11.92 -19.65 -5.44
N ILE B 606 12.34 -20.55 -6.34
CA ILE B 606 12.59 -21.93 -5.97
C ILE B 606 13.73 -22.03 -4.97
N GLN B 607 14.80 -21.26 -5.19
CA GLN B 607 15.95 -21.32 -4.29
C GLN B 607 15.55 -20.90 -2.88
N LYS B 608 14.85 -19.77 -2.76
CA LYS B 608 14.48 -19.29 -1.44
C LYS B 608 13.52 -20.25 -0.75
N ILE B 609 12.54 -20.78 -1.51
CA ILE B 609 11.57 -21.70 -0.92
C ILE B 609 12.24 -23.01 -0.52
N LEU B 610 13.32 -23.38 -1.21
CA LEU B 610 14.04 -24.58 -0.82
C LEU B 610 14.91 -24.35 0.41
N PHE B 611 15.47 -23.15 0.55
CA PHE B 611 16.49 -22.98 1.59
C PHE B 611 15.96 -22.28 2.85
N LYS B 612 15.41 -21.07 2.72
CA LYS B 612 15.19 -20.22 3.88
C LYS B 612 14.08 -20.78 4.78
N ASP B 613 13.04 -21.34 4.18
CA ASP B 613 11.81 -21.72 4.86
C ASP B 613 11.61 -23.22 4.94
N LEU B 614 12.07 -23.98 3.94
CA LEU B 614 11.82 -25.40 3.91
C LEU B 614 12.46 -26.11 5.10
N PHE B 615 13.68 -25.69 5.46
CA PHE B 615 14.33 -26.32 6.61
C PHE B 615 13.65 -25.96 7.92
N ARG B 616 13.13 -24.73 8.04
CA ARG B 616 12.33 -24.38 9.21
C ARG B 616 11.11 -25.28 9.34
N PHE B 617 10.35 -25.40 8.25
CA PHE B 617 9.16 -26.23 8.28
C PHE B 617 9.52 -27.68 8.55
N LEU B 618 10.61 -28.17 7.94
CA LEU B 618 11.02 -29.55 8.15
C LEU B 618 11.45 -29.78 9.59
N LEU B 619 12.14 -28.82 10.20
CA LEU B 619 12.55 -28.96 11.59
C LEU B 619 11.32 -29.06 12.50
N VAL B 620 10.35 -28.16 12.32
CA VAL B 620 9.15 -28.21 13.15
C VAL B 620 8.39 -29.52 12.91
N TYR B 621 8.27 -29.92 11.64
CA TYR B 621 7.49 -31.09 11.29
C TYR B 621 8.15 -32.37 11.82
N LEU B 622 9.48 -32.46 11.74
CA LEU B 622 10.21 -33.56 12.36
C LEU B 622 10.07 -33.53 13.88
N LEU B 623 9.99 -32.34 14.47
CA LEU B 623 9.74 -32.26 15.91
C LEU B 623 8.42 -32.91 16.27
N PHE B 624 7.37 -32.62 15.50
CA PHE B 624 6.09 -33.28 15.74
C PHE B 624 6.17 -34.79 15.51
N MET B 625 6.84 -35.25 14.43
CA MET B 625 6.95 -36.70 14.26
C MET B 625 7.68 -37.35 15.41
N ILE B 626 8.80 -36.80 15.86
CA ILE B 626 9.54 -37.45 16.93
C ILE B 626 8.71 -37.47 18.22
N GLY B 627 8.02 -36.36 18.52
CA GLY B 627 7.20 -36.34 19.71
C GLY B 627 6.09 -37.37 19.67
N TYR B 628 5.35 -37.43 18.57
CA TYR B 628 4.21 -38.34 18.52
C TYR B 628 4.65 -39.79 18.33
N ALA B 629 5.80 -40.02 17.69
CA ALA B 629 6.32 -41.37 17.58
C ALA B 629 6.74 -41.91 18.94
N SER B 630 7.54 -41.15 19.68
CA SER B 630 7.91 -41.58 21.02
C SER B 630 6.68 -41.70 21.91
N ALA B 631 5.65 -40.90 21.64
CA ALA B 631 4.41 -41.02 22.39
C ALA B 631 3.70 -42.32 22.09
N LEU B 632 3.32 -42.53 20.83
CA LEU B 632 2.48 -43.67 20.47
C LEU B 632 3.22 -44.99 20.65
N VAL B 633 4.42 -45.12 20.09
CA VAL B 633 5.08 -46.41 20.06
C VAL B 633 5.44 -46.92 21.45
N SER B 634 5.82 -46.03 22.37
CA SER B 634 6.13 -46.47 23.73
C SER B 634 4.90 -47.03 24.43
N LEU B 635 3.70 -46.68 23.96
CA LEU B 635 2.48 -47.17 24.59
C LEU B 635 2.20 -48.62 24.24
N LEU B 636 2.58 -49.08 23.05
CA LEU B 636 2.23 -50.42 22.60
C LEU B 636 2.84 -51.49 23.49
N ASN B 637 2.08 -52.56 23.70
CA ASN B 637 2.53 -53.73 24.44
C ASN B 637 2.89 -54.85 23.48
N PRO B 638 4.16 -55.28 23.44
CA PRO B 638 4.62 -56.33 22.54
C PRO B 638 4.55 -57.73 23.15
N ASP B 662 8.81 -53.65 18.84
CA ASP B 662 10.13 -53.94 18.27
C ASP B 662 10.86 -52.65 17.92
N SER B 663 12.18 -52.74 17.79
CA SER B 663 12.98 -51.57 17.41
C SER B 663 12.62 -51.11 16.00
N GLU B 664 12.38 -52.04 15.08
CA GLU B 664 12.05 -51.69 13.71
C GLU B 664 10.66 -51.09 13.56
N THR B 665 9.83 -51.15 14.62
CA THR B 665 8.48 -50.60 14.51
C THR B 665 8.51 -49.09 14.33
N PHE B 666 9.61 -48.43 14.68
CA PHE B 666 9.73 -47.01 14.43
C PHE B 666 9.68 -46.70 12.94
N SER B 667 10.38 -47.49 12.14
CA SER B 667 10.39 -47.26 10.70
C SER B 667 8.99 -47.45 10.10
N THR B 668 8.28 -48.49 10.53
CA THR B 668 6.94 -48.73 10.01
C THR B 668 5.99 -47.59 10.40
N PHE B 669 5.97 -47.22 11.67
CA PHE B 669 5.02 -46.22 12.15
C PHE B 669 5.25 -44.87 11.47
N LEU B 670 6.51 -44.49 11.28
CA LEU B 670 6.79 -43.24 10.59
C LEU B 670 6.21 -43.25 9.18
N LEU B 671 6.35 -44.38 8.48
CA LEU B 671 5.79 -44.48 7.14
C LEU B 671 4.26 -44.44 7.16
N ASP B 672 3.64 -45.11 8.15
CA ASP B 672 2.18 -45.07 8.23
C ASP B 672 1.67 -43.64 8.46
N LEU B 673 2.29 -42.91 9.39
CA LEU B 673 1.89 -41.52 9.61
C LEU B 673 2.17 -40.65 8.39
N PHE B 674 3.32 -40.87 7.73
CA PHE B 674 3.64 -40.07 6.56
C PHE B 674 2.62 -40.29 5.44
N LYS B 675 2.18 -41.54 5.25
CA LYS B 675 1.12 -41.81 4.30
C LYS B 675 -0.20 -41.18 4.75
N LEU B 676 -0.46 -41.19 6.07
CA LEU B 676 -1.67 -40.57 6.59
C LEU B 676 -1.71 -39.07 6.29
N THR B 677 -0.55 -38.40 6.37
CA THR B 677 -0.51 -37.00 5.98
C THR B 677 -0.86 -36.81 4.52
N ILE B 678 -0.33 -37.66 3.65
CA ILE B 678 -0.68 -37.60 2.23
C ILE B 678 -2.08 -38.13 1.97
N GLY B 679 -2.61 -38.96 2.86
CA GLY B 679 -3.94 -39.50 2.71
C GLY B 679 -4.00 -40.94 2.27
N MET B 680 -2.85 -41.62 2.14
CA MET B 680 -2.82 -43.02 1.73
C MET B 680 -2.49 -43.96 2.88
N GLY B 681 -2.69 -43.51 4.12
CA GLY B 681 -2.44 -44.34 5.28
C GLY B 681 -3.67 -45.14 5.66
N ASP B 682 -3.44 -46.38 6.10
CA ASP B 682 -4.52 -47.26 6.52
C ASP B 682 -4.56 -47.34 8.04
N LEU B 683 -5.75 -47.16 8.60
CA LEU B 683 -5.93 -47.07 10.05
C LEU B 683 -6.19 -48.42 10.69
N GLU B 684 -5.74 -49.51 10.07
CA GLU B 684 -5.98 -50.84 10.62
C GLU B 684 -5.18 -51.12 11.88
N MET B 685 -4.18 -50.29 12.19
CA MET B 685 -3.38 -50.50 13.40
C MET B 685 -4.12 -50.12 14.67
N LEU B 686 -5.31 -49.55 14.58
CA LEU B 686 -6.07 -49.19 15.78
C LEU B 686 -6.42 -50.41 16.61
N SER B 687 -6.54 -51.58 15.97
CA SER B 687 -6.94 -52.78 16.70
C SER B 687 -5.88 -53.20 17.72
N SER B 688 -4.61 -53.09 17.36
CA SER B 688 -3.52 -53.55 18.22
C SER B 688 -3.20 -52.59 19.35
N THR B 689 -3.83 -51.42 19.39
CA THR B 689 -3.54 -50.44 20.42
C THR B 689 -3.98 -50.94 21.79
N LYS B 690 -3.17 -50.65 22.81
CA LYS B 690 -3.53 -51.03 24.18
C LYS B 690 -4.78 -50.29 24.64
N TYR B 691 -4.81 -48.97 24.43
CA TYR B 691 -5.97 -48.14 24.75
C TYR B 691 -6.48 -47.53 23.46
N PRO B 692 -7.54 -48.07 22.86
CA PRO B 692 -8.01 -47.53 21.58
C PRO B 692 -8.46 -46.08 21.66
N VAL B 693 -9.01 -45.67 22.81
CA VAL B 693 -9.61 -44.34 22.91
C VAL B 693 -8.55 -43.25 22.73
N VAL B 694 -7.40 -43.42 23.38
CA VAL B 694 -6.40 -42.36 23.41
C VAL B 694 -5.76 -42.18 22.04
N PHE B 695 -5.54 -43.27 21.31
CA PHE B 695 -4.86 -43.17 20.02
C PHE B 695 -5.71 -42.45 18.99
N ILE B 696 -7.04 -42.60 19.06
CA ILE B 696 -7.90 -41.84 18.15
C ILE B 696 -7.70 -40.35 18.37
N ILE B 697 -7.70 -39.92 19.63
CA ILE B 697 -7.53 -38.50 19.94
C ILE B 697 -6.17 -38.02 19.47
N LEU B 698 -5.12 -38.79 19.74
CA LEU B 698 -3.78 -38.37 19.35
C LEU B 698 -3.63 -38.30 17.84
N LEU B 699 -4.22 -39.24 17.10
CA LEU B 699 -4.16 -39.20 15.64
C LEU B 699 -4.92 -37.99 15.12
N VAL B 700 -6.07 -37.68 15.72
CA VAL B 700 -6.81 -36.49 15.31
C VAL B 700 -5.98 -35.23 15.55
N THR B 701 -5.30 -35.16 16.70
CA THR B 701 -4.42 -34.02 16.95
C THR B 701 -3.29 -33.96 15.94
N TYR B 702 -2.68 -35.09 15.60
CA TYR B 702 -1.63 -35.06 14.59
C TYR B 702 -2.16 -34.51 13.28
N ILE B 703 -3.32 -34.99 12.84
CA ILE B 703 -3.87 -34.50 11.58
C ILE B 703 -4.14 -33.01 11.65
N ILE B 704 -4.75 -32.55 12.75
CA ILE B 704 -5.15 -31.14 12.85
C ILE B 704 -3.93 -30.24 12.88
N LEU B 705 -2.92 -30.57 13.69
CA LEU B 705 -1.75 -29.70 13.77
C LEU B 705 -0.87 -29.81 12.53
N THR B 706 -0.82 -30.96 11.86
CA THR B 706 -0.14 -30.98 10.57
C THR B 706 -0.84 -30.08 9.57
N PHE B 707 -2.17 -30.06 9.59
CA PHE B 707 -2.90 -29.11 8.76
C PHE B 707 -2.58 -27.67 9.18
N VAL B 708 -2.45 -27.43 10.47
CA VAL B 708 -2.14 -26.09 10.97
C VAL B 708 -0.77 -25.65 10.49
N LEU B 709 0.21 -26.54 10.55
CA LEU B 709 1.54 -26.21 10.03
C LEU B 709 1.53 -25.99 8.52
N LEU B 710 0.75 -26.77 7.78
CA LEU B 710 0.66 -26.54 6.35
C LEU B 710 0.05 -25.18 6.04
N LEU B 711 -1.03 -24.82 6.73
CA LEU B 711 -1.63 -23.50 6.56
C LEU B 711 -0.66 -22.40 6.97
N ASN B 712 0.08 -22.59 8.06
CA ASN B 712 1.04 -21.59 8.49
C ASN B 712 2.14 -21.43 7.45
N MET B 713 2.61 -22.53 6.88
CA MET B 713 3.62 -22.46 5.83
C MET B 713 3.09 -21.67 4.65
N LEU B 714 1.85 -21.95 4.25
CA LEU B 714 1.23 -21.22 3.15
C LEU B 714 1.13 -19.73 3.46
N ILE B 715 0.65 -19.39 4.66
CA ILE B 715 0.42 -17.99 5.04
C ILE B 715 1.74 -17.24 5.10
N ALA B 716 2.75 -17.82 5.73
CA ALA B 716 4.07 -17.20 5.76
C ALA B 716 4.57 -16.96 4.35
N LEU B 717 4.53 -18.00 3.52
CA LEU B 717 5.11 -17.92 2.19
C LEU B 717 4.33 -16.96 1.28
N MET B 718 3.07 -16.70 1.60
CA MET B 718 2.29 -15.83 0.74
C MET B 718 2.33 -14.37 1.20
N GLY B 719 2.49 -14.15 2.50
CA GLY B 719 2.52 -12.77 2.94
C GLY B 719 3.91 -12.22 3.16
N GLU B 720 4.67 -12.88 4.03
CA GLU B 720 5.93 -12.31 4.47
C GLU B 720 6.99 -12.47 3.39
N THR B 721 6.89 -13.56 2.63
CA THR B 721 7.81 -13.78 1.51
C THR B 721 7.54 -12.79 0.38
N VAL B 722 6.28 -12.63 -0.03
CA VAL B 722 6.01 -11.77 -1.19
C VAL B 722 6.21 -10.31 -0.82
N GLY B 723 6.04 -9.97 0.46
CA GLY B 723 6.33 -8.61 0.88
C GLY B 723 7.79 -8.26 0.66
N GLN B 724 8.68 -9.22 0.89
CA GLN B 724 10.11 -8.95 0.78
C GLN B 724 10.69 -9.51 -0.51
N VAL B 725 10.48 -10.81 -0.76
CA VAL B 725 11.22 -11.51 -1.80
C VAL B 725 10.83 -11.03 -3.18
N SER B 726 9.54 -10.75 -3.40
CA SER B 726 9.08 -10.37 -4.73
C SER B 726 9.81 -9.12 -5.23
N LYS B 727 9.94 -8.11 -4.36
CA LYS B 727 10.77 -6.96 -4.69
C LYS B 727 12.24 -7.35 -4.76
N GLU B 728 12.69 -8.21 -3.84
CA GLU B 728 14.10 -8.54 -3.76
C GLU B 728 14.54 -9.42 -4.93
N SER B 729 13.60 -10.13 -5.56
CA SER B 729 13.97 -11.08 -6.60
C SER B 729 14.51 -10.39 -7.84
N LYS B 730 13.90 -9.27 -8.24
CA LYS B 730 14.43 -8.52 -9.38
C LYS B 730 15.82 -7.98 -9.08
N HIS B 731 16.03 -7.48 -7.86
CA HIS B 731 17.35 -6.98 -7.48
C HIS B 731 18.38 -8.10 -7.51
N ILE B 732 18.02 -9.29 -7.03
CA ILE B 732 18.95 -10.41 -7.05
C ILE B 732 19.23 -10.86 -8.47
N TRP B 733 18.21 -10.85 -9.34
CA TRP B 733 18.43 -11.23 -10.73
C TRP B 733 19.37 -10.24 -11.42
N LYS B 734 19.23 -8.96 -11.12
CA LYS B 734 20.14 -7.97 -11.70
C LYS B 734 21.59 -8.29 -11.34
N LEU B 735 21.85 -8.60 -10.07
CA LEU B 735 23.20 -8.92 -9.65
C LEU B 735 23.69 -10.21 -10.30
N GLN B 736 22.82 -11.21 -10.40
CA GLN B 736 23.21 -12.46 -11.04
C GLN B 736 23.55 -12.25 -12.50
N TRP B 737 22.76 -11.45 -13.20
CA TRP B 737 23.00 -11.16 -14.61
C TRP B 737 24.32 -10.44 -14.80
N ALA B 738 24.59 -9.42 -13.96
CA ALA B 738 25.86 -8.72 -14.06
C ALA B 738 27.03 -9.64 -13.78
N THR B 739 26.89 -10.49 -12.76
CA THR B 739 27.96 -11.43 -12.43
C THR B 739 28.23 -12.38 -13.58
N THR B 740 27.18 -12.89 -14.23
CA THR B 740 27.39 -13.76 -15.37
C THR B 740 28.05 -13.03 -16.52
N ILE B 741 27.62 -11.80 -16.81
CA ILE B 741 28.25 -11.03 -17.88
C ILE B 741 29.75 -10.93 -17.64
N LEU B 742 30.12 -10.58 -16.41
CA LEU B 742 31.55 -10.45 -16.11
C LEU B 742 32.24 -11.81 -16.13
N ASP B 743 31.51 -12.88 -15.87
CA ASP B 743 32.12 -14.22 -15.92
C ASP B 743 32.46 -14.62 -17.35
N ILE B 744 31.51 -14.43 -18.28
CA ILE B 744 31.86 -14.64 -19.69
C ILE B 744 33.01 -13.73 -20.11
N GLU B 745 33.01 -12.47 -19.67
CA GLU B 745 34.13 -11.61 -20.03
C GLU B 745 35.46 -12.18 -19.55
N ARG B 746 35.54 -12.56 -18.27
CA ARG B 746 36.78 -13.09 -17.73
C ARG B 746 37.13 -14.44 -18.35
N SER B 747 36.17 -15.14 -18.96
CA SER B 747 36.48 -16.38 -19.64
C SER B 747 37.39 -16.15 -20.85
N PHE B 748 37.16 -15.06 -21.59
CA PHE B 748 37.94 -14.79 -22.79
C PHE B 748 39.38 -14.47 -22.44
N PRO B 749 40.31 -14.72 -23.37
CA PRO B 749 41.69 -14.25 -23.19
C PRO B 749 41.77 -12.74 -23.31
N VAL B 750 42.93 -12.20 -22.94
CA VAL B 750 43.10 -10.75 -22.85
C VAL B 750 42.91 -10.10 -24.22
N PHE B 751 43.54 -10.67 -25.26
CA PHE B 751 43.46 -10.04 -26.58
C PHE B 751 42.04 -10.05 -27.12
N LEU B 752 41.30 -11.12 -26.87
CA LEU B 752 39.92 -11.19 -27.35
C LEU B 752 39.05 -10.15 -26.65
N ARG B 753 39.27 -9.94 -25.36
CA ARG B 753 38.49 -8.95 -24.62
C ARG B 753 38.73 -7.54 -25.17
N LYS B 754 39.95 -7.26 -25.62
CA LYS B 754 40.24 -5.97 -26.21
C LYS B 754 39.42 -5.75 -27.48
N ALA B 755 39.22 -6.81 -28.26
CA ALA B 755 38.39 -6.69 -29.47
C ALA B 755 36.96 -6.34 -29.11
N PHE B 756 36.39 -7.00 -28.10
CA PHE B 756 35.04 -6.69 -27.63
C PHE B 756 35.05 -5.66 -26.52
N ARG B 757 35.71 -4.52 -26.76
CA ARG B 757 35.79 -3.45 -25.78
C ARG B 757 34.73 -2.40 -26.07
N SER B 758 33.87 -2.18 -25.09
CA SER B 758 32.78 -1.22 -25.28
C SER B 758 33.32 0.20 -25.34
N GLY B 759 32.54 1.07 -25.96
CA GLY B 759 32.87 2.48 -26.03
C GLY B 759 33.73 2.83 -27.24
N GLU B 760 33.95 4.13 -27.38
CA GLU B 760 34.67 4.70 -28.51
C GLU B 760 36.15 4.87 -28.16
N MET B 761 36.87 5.56 -29.04
CA MET B 761 38.24 5.95 -28.81
C MET B 761 38.36 7.47 -28.96
N VAL B 762 37.44 8.19 -28.34
CA VAL B 762 37.28 9.61 -28.61
C VAL B 762 38.52 10.39 -28.18
N THR B 763 38.77 11.49 -28.87
CA THR B 763 39.75 12.48 -28.46
C THR B 763 39.00 13.64 -27.80
N VAL B 764 39.30 13.89 -26.53
CA VAL B 764 38.54 14.86 -25.76
C VAL B 764 39.14 16.26 -25.87
N GLY B 765 40.46 16.36 -25.82
CA GLY B 765 41.09 17.66 -25.94
C GLY B 765 42.60 17.54 -25.85
N LYS B 766 43.26 18.67 -26.03
CA LYS B 766 44.70 18.72 -25.88
C LYS B 766 45.08 18.70 -24.41
N SER B 767 46.15 17.96 -24.09
CA SER B 767 46.62 17.85 -22.73
C SER B 767 47.37 19.12 -22.34
N SER B 768 48.02 19.11 -21.18
CA SER B 768 48.80 20.26 -20.75
C SER B 768 49.94 20.56 -21.72
N ASP B 769 50.45 19.52 -22.39
CA ASP B 769 51.49 19.66 -23.39
C ASP B 769 50.94 19.72 -24.80
N GLY B 770 49.62 19.75 -24.96
CA GLY B 770 48.98 19.80 -26.26
C GLY B 770 48.70 18.45 -26.89
N THR B 771 49.13 17.36 -26.26
CA THR B 771 48.87 16.04 -26.81
C THR B 771 47.39 15.67 -26.66
N PRO B 772 46.85 14.90 -27.60
CA PRO B 772 45.45 14.47 -27.48
C PRO B 772 45.26 13.50 -26.32
N ASP B 773 44.03 13.48 -25.80
CA ASP B 773 43.72 12.63 -24.65
C ASP B 773 43.65 11.17 -25.05
N ARG B 774 42.83 10.85 -26.06
CA ARG B 774 42.65 9.48 -26.55
C ARG B 774 42.22 8.55 -25.41
N ARG B 775 41.03 8.83 -24.88
CA ARG B 775 40.51 8.16 -23.70
C ARG B 775 39.26 7.36 -24.07
N TRP B 776 39.24 6.09 -23.68
CA TRP B 776 38.17 5.20 -24.11
C TRP B 776 36.88 5.58 -23.41
N CYS B 777 36.07 6.42 -24.03
CA CYS B 777 34.84 6.91 -23.46
C CYS B 777 33.66 6.10 -23.98
N PHE B 778 32.47 6.43 -23.48
CA PHE B 778 31.26 5.68 -23.77
C PHE B 778 30.10 6.65 -23.81
N ARG B 779 29.47 6.80 -24.97
CA ARG B 779 28.46 7.83 -25.17
C ARG B 779 27.06 7.29 -24.92
N VAL B 780 26.29 8.05 -24.15
CA VAL B 780 24.85 7.85 -24.03
C VAL B 780 24.18 9.18 -24.30
N ASP B 781 23.16 9.14 -25.15
CA ASP B 781 22.50 10.34 -25.65
C ASP B 781 21.09 10.42 -25.08
N GLU B 782 20.66 11.65 -24.85
CA GLU B 782 19.40 11.91 -24.17
C GLU B 782 18.66 13.01 -24.90
N VAL B 783 17.42 13.25 -24.46
CA VAL B 783 16.61 14.36 -24.95
C VAL B 783 16.21 15.21 -23.76
N ASN B 784 16.43 16.52 -23.87
CA ASN B 784 16.06 17.45 -22.82
C ASN B 784 15.32 18.61 -23.46
N TRP B 785 14.13 18.91 -22.94
CA TRP B 785 13.32 20.01 -23.44
C TRP B 785 13.33 21.22 -22.52
N SER B 786 14.39 21.38 -21.72
CA SER B 786 14.50 22.52 -20.83
C SER B 786 15.95 22.98 -20.70
N VAL C 148 -44.93 49.02 -39.38
CA VAL C 148 -45.20 47.59 -39.37
C VAL C 148 -44.19 46.87 -38.48
N PHE C 149 -44.69 46.21 -37.44
CA PHE C 149 -43.84 45.47 -36.49
C PHE C 149 -44.34 44.03 -36.44
N ASN C 150 -43.68 43.16 -37.19
CA ASN C 150 -43.98 41.75 -37.14
C ASN C 150 -43.12 41.06 -36.07
N ARG C 151 -43.54 39.86 -35.69
CA ARG C 151 -42.88 39.15 -34.59
C ARG C 151 -41.40 38.87 -34.84
N PRO C 152 -40.98 38.34 -36.00
CA PRO C 152 -39.53 38.16 -36.22
C PRO C 152 -38.73 39.45 -36.12
N ILE C 153 -39.26 40.55 -36.66
CA ILE C 153 -38.55 41.82 -36.62
C ILE C 153 -38.41 42.30 -35.19
N LEU C 154 -39.49 42.23 -34.41
CA LEU C 154 -39.44 42.70 -33.03
C LEU C 154 -38.48 41.85 -32.20
N PHE C 155 -38.50 40.52 -32.41
CA PHE C 155 -37.55 39.67 -31.71
C PHE C 155 -36.11 40.00 -32.09
N ASP C 156 -35.85 40.25 -33.38
CA ASP C 156 -34.50 40.62 -33.79
C ASP C 156 -34.07 41.91 -33.13
N ILE C 157 -34.95 42.90 -33.10
CA ILE C 157 -34.62 44.19 -32.49
C ILE C 157 -34.34 44.01 -31.00
N VAL C 158 -35.18 43.26 -30.31
CA VAL C 158 -35.05 43.12 -28.86
C VAL C 158 -33.83 42.27 -28.51
N SER C 159 -33.48 41.30 -29.35
CA SER C 159 -32.30 40.48 -29.10
C SER C 159 -31.02 41.26 -29.39
N ARG C 160 -31.05 42.14 -30.39
CA ARG C 160 -29.91 43.01 -30.69
C ARG C 160 -29.80 44.18 -29.73
N GLY C 161 -30.82 44.42 -28.92
CA GLY C 161 -30.78 45.52 -27.98
C GLY C 161 -30.91 46.89 -28.59
N SER C 162 -31.45 46.99 -29.80
CA SER C 162 -31.60 48.27 -30.48
C SER C 162 -32.82 48.98 -29.93
N THR C 163 -32.61 49.78 -28.88
CA THR C 163 -33.71 50.51 -28.28
C THR C 163 -34.22 51.63 -29.20
N ALA C 164 -33.40 52.06 -30.16
CA ALA C 164 -33.80 53.16 -31.03
C ALA C 164 -34.92 52.76 -31.99
N ASP C 165 -34.91 51.51 -32.46
CA ASP C 165 -35.83 51.06 -33.48
C ASP C 165 -37.19 50.69 -32.88
N LEU C 166 -37.49 51.17 -31.67
CA LEU C 166 -38.75 50.89 -31.01
C LEU C 166 -39.62 52.14 -30.86
N ASP C 167 -39.22 53.25 -31.47
CA ASP C 167 -39.99 54.48 -31.36
C ASP C 167 -41.36 54.35 -32.01
N GLY C 168 -41.43 53.69 -33.16
CA GLY C 168 -42.69 53.57 -33.87
C GLY C 168 -43.57 52.46 -33.34
N LEU C 169 -43.08 51.67 -32.38
CA LEU C 169 -43.88 50.60 -31.81
C LEU C 169 -45.09 51.15 -31.06
N LEU C 170 -44.89 52.25 -30.32
CA LEU C 170 -46.00 52.83 -29.56
C LEU C 170 -47.13 53.31 -30.45
N PRO C 171 -46.90 54.10 -31.52
CA PRO C 171 -48.03 54.44 -32.39
C PRO C 171 -48.68 53.23 -33.05
N PHE C 172 -47.89 52.21 -33.40
CA PHE C 172 -48.45 51.02 -34.00
C PHE C 172 -49.40 50.33 -33.04
N LEU C 173 -48.98 50.18 -31.78
CA LEU C 173 -49.82 49.50 -30.80
C LEU C 173 -51.05 50.31 -30.46
N LEU C 174 -50.89 51.64 -30.35
CA LEU C 174 -52.03 52.47 -29.98
C LEU C 174 -53.06 52.57 -31.11
N THR C 175 -52.59 52.74 -32.35
CA THR C 175 -53.52 52.94 -33.46
C THR C 175 -54.22 51.65 -33.86
N HIS C 176 -53.51 50.54 -33.87
CA HIS C 176 -54.04 49.27 -34.33
C HIS C 176 -54.72 48.48 -33.22
N LYS C 177 -54.81 49.04 -32.02
CA LYS C 177 -55.46 48.39 -30.88
C LYS C 177 -54.83 47.03 -30.60
N LYS C 178 -53.50 46.96 -30.74
CA LYS C 178 -52.74 45.75 -30.46
C LYS C 178 -51.93 45.94 -29.18
N ARG C 179 -51.77 44.85 -28.45
CA ARG C 179 -51.09 44.84 -27.16
C ARG C 179 -49.88 43.93 -27.22
N LEU C 180 -48.88 44.24 -26.41
CA LEU C 180 -47.65 43.45 -26.39
C LEU C 180 -47.88 42.03 -25.88
N THR C 181 -49.02 41.77 -25.24
CA THR C 181 -49.37 40.45 -24.76
C THR C 181 -50.21 39.66 -25.76
N ASP C 182 -50.38 40.17 -26.97
CA ASP C 182 -51.19 39.48 -27.97
C ASP C 182 -50.49 38.22 -28.45
N GLU C 183 -51.28 37.27 -28.97
CA GLU C 183 -50.72 36.04 -29.50
C GLU C 183 -49.78 36.28 -30.67
N GLU C 184 -50.01 37.34 -31.44
CA GLU C 184 -49.15 37.62 -32.59
C GLU C 184 -47.72 37.92 -32.18
N PHE C 185 -47.50 38.30 -30.92
CA PHE C 185 -46.18 38.64 -30.43
C PHE C 185 -45.58 37.53 -29.56
N ARG C 186 -46.18 36.34 -29.57
CA ARG C 186 -45.73 35.23 -28.76
C ARG C 186 -45.19 34.13 -29.67
N GLU C 187 -44.13 33.47 -29.24
CA GLU C 187 -43.64 32.32 -30.00
C GLU C 187 -44.67 31.19 -29.92
N PRO C 188 -45.12 30.64 -31.04
CA PRO C 188 -46.13 29.56 -30.97
C PRO C 188 -45.64 28.32 -30.25
N SER C 189 -44.34 28.06 -30.27
CA SER C 189 -43.82 26.84 -29.67
C SER C 189 -43.93 26.87 -28.15
N THR C 190 -43.50 27.96 -27.52
CA THR C 190 -43.40 28.04 -26.07
C THR C 190 -44.28 29.10 -25.45
N GLY C 191 -44.64 30.16 -26.17
CA GLY C 191 -45.28 31.28 -25.54
C GLY C 191 -44.33 32.29 -24.95
N LYS C 192 -43.04 32.15 -25.21
CA LYS C 192 -42.05 33.12 -24.75
C LYS C 192 -42.41 34.51 -25.26
N THR C 193 -42.31 35.50 -24.37
CA THR C 193 -42.61 36.87 -24.75
C THR C 193 -41.32 37.66 -24.95
N CYS C 194 -41.47 38.97 -25.16
CA CYS C 194 -40.31 39.79 -25.49
C CYS C 194 -39.35 39.92 -24.32
N LEU C 195 -39.88 40.01 -23.09
CA LEU C 195 -39.01 40.19 -21.94
C LEU C 195 -38.08 39.00 -21.70
N PRO C 196 -38.54 37.74 -21.74
CA PRO C 196 -37.58 36.63 -21.69
C PRO C 196 -36.56 36.65 -22.81
N LYS C 197 -36.98 37.02 -24.03
CA LYS C 197 -36.04 37.12 -25.15
C LYS C 197 -34.94 38.11 -24.85
N ALA C 198 -35.30 39.28 -24.31
CA ALA C 198 -34.31 40.30 -24.03
C ALA C 198 -33.42 39.90 -22.86
N LEU C 199 -34.00 39.30 -21.82
CA LEU C 199 -33.20 38.93 -20.65
C LEU C 199 -32.22 37.80 -20.98
N LEU C 200 -32.66 36.80 -21.74
CA LEU C 200 -31.75 35.73 -22.15
C LEU C 200 -30.61 36.27 -23.01
N ASN C 201 -30.92 37.14 -23.97
CA ASN C 201 -29.91 37.74 -24.83
C ASN C 201 -29.37 39.01 -24.17
N LEU C 202 -28.58 38.79 -23.12
CA LEU C 202 -28.04 39.89 -22.33
C LEU C 202 -26.64 40.23 -22.81
N SER C 203 -26.40 41.51 -23.06
CA SER C 203 -25.12 42.00 -23.57
C SER C 203 -24.40 42.77 -22.47
N ASN C 204 -23.31 42.18 -21.95
CA ASN C 204 -22.47 42.82 -20.95
C ASN C 204 -23.26 43.20 -19.70
N GLY C 205 -24.28 42.42 -19.37
CA GLY C 205 -25.05 42.62 -18.17
C GLY C 205 -26.11 43.70 -18.25
N ARG C 206 -26.26 44.37 -19.40
CA ARG C 206 -27.24 45.43 -19.56
C ARG C 206 -27.88 45.32 -20.93
N ASN C 207 -29.21 45.26 -20.95
CA ASN C 207 -29.99 45.41 -22.18
C ASN C 207 -30.83 46.67 -22.04
N ASP C 208 -30.63 47.62 -22.96
CA ASP C 208 -31.28 48.92 -22.84
C ASP C 208 -32.76 48.88 -23.18
N THR C 209 -33.25 47.79 -23.77
CA THR C 209 -34.64 47.71 -24.17
C THR C 209 -35.59 47.38 -23.03
N ILE C 210 -35.07 46.98 -21.86
CA ILE C 210 -35.95 46.62 -20.75
C ILE C 210 -36.75 47.81 -20.23
N PRO C 211 -36.15 48.96 -19.92
CA PRO C 211 -36.99 50.07 -19.42
C PRO C 211 -38.02 50.55 -20.42
N VAL C 212 -37.68 50.61 -21.71
CA VAL C 212 -38.64 51.05 -22.70
C VAL C 212 -39.73 50.00 -22.89
N LEU C 213 -39.38 48.71 -22.81
CA LEU C 213 -40.40 47.67 -22.88
C LEU C 213 -41.35 47.76 -21.71
N LEU C 214 -40.84 48.00 -20.51
CA LEU C 214 -41.71 48.18 -19.35
C LEU C 214 -42.60 49.41 -19.52
N ASP C 215 -42.04 50.49 -20.07
CA ASP C 215 -42.83 51.69 -20.33
C ASP C 215 -43.97 51.38 -21.28
N ILE C 216 -43.68 50.65 -22.35
CA ILE C 216 -44.72 50.23 -23.28
C ILE C 216 -45.74 49.36 -22.56
N ALA C 217 -45.28 48.53 -21.63
CA ALA C 217 -46.17 47.64 -20.90
C ALA C 217 -47.19 48.41 -20.09
N GLU C 218 -46.75 49.46 -19.36
CA GLU C 218 -47.74 50.19 -18.58
C GLU C 218 -48.57 51.12 -19.47
N ARG C 219 -47.98 51.62 -20.56
CA ARG C 219 -48.74 52.52 -21.44
C ARG C 219 -49.84 51.78 -22.18
N THR C 220 -49.63 50.53 -22.55
CA THR C 220 -50.68 49.77 -23.22
C THR C 220 -51.77 49.31 -22.25
N GLY C 221 -51.56 49.47 -20.94
CA GLY C 221 -52.57 49.16 -19.95
C GLY C 221 -52.57 47.72 -19.46
N ASN C 222 -51.72 46.87 -20.02
CA ASN C 222 -51.69 45.45 -19.67
C ASN C 222 -50.29 45.03 -19.26
N MET C 223 -49.68 45.80 -18.35
CA MET C 223 -48.37 45.47 -17.84
C MET C 223 -48.40 44.16 -17.05
N ARG C 224 -49.47 43.94 -16.28
CA ARG C 224 -49.54 42.79 -15.39
C ARG C 224 -49.45 41.48 -16.17
N GLU C 225 -50.20 41.37 -17.26
CA GLU C 225 -50.15 40.15 -18.07
C GLU C 225 -48.82 39.96 -18.77
N PHE C 226 -48.06 41.04 -18.98
CA PHE C 226 -46.78 40.99 -19.68
C PHE C 226 -45.61 40.64 -18.76
N ILE C 227 -45.55 41.28 -17.60
CA ILE C 227 -44.35 41.21 -16.77
C ILE C 227 -44.14 39.79 -16.25
N ASN C 228 -45.23 39.09 -15.94
CA ASN C 228 -45.17 37.69 -15.52
C ASN C 228 -46.02 36.82 -16.42
N SER C 229 -45.45 36.45 -17.56
CA SER C 229 -46.14 35.62 -18.55
C SER C 229 -45.51 34.24 -18.56
N PRO C 230 -46.20 33.22 -18.05
CA PRO C 230 -45.60 31.88 -18.00
C PRO C 230 -45.40 31.29 -19.38
N PHE C 231 -44.35 30.49 -19.50
CA PHE C 231 -44.15 29.69 -20.69
C PHE C 231 -45.22 28.62 -20.77
N ARG C 232 -45.61 28.27 -22.00
CA ARG C 232 -46.69 27.32 -22.21
C ARG C 232 -46.23 25.91 -22.54
N ASP C 233 -45.02 25.74 -23.05
CA ASP C 233 -44.54 24.42 -23.43
C ASP C 233 -44.37 23.55 -22.21
N ILE C 234 -44.55 22.24 -22.38
CA ILE C 234 -44.42 21.29 -21.29
C ILE C 234 -42.98 21.26 -20.79
N TYR C 235 -42.05 21.70 -21.64
CA TYR C 235 -40.64 21.59 -21.31
C TYR C 235 -40.19 22.68 -20.33
N TYR C 236 -40.75 23.89 -20.45
CA TYR C 236 -40.40 25.01 -19.58
C TYR C 236 -41.61 25.60 -18.87
N ARG C 237 -42.64 24.77 -18.62
CA ARG C 237 -43.93 25.28 -18.17
C ARG C 237 -43.79 26.08 -16.88
N GLY C 238 -44.46 27.24 -16.85
CA GLY C 238 -44.56 28.05 -15.66
C GLY C 238 -43.45 29.07 -15.46
N GLN C 239 -42.32 28.91 -16.15
CA GLN C 239 -41.20 29.82 -15.95
C GLN C 239 -41.58 31.23 -16.36
N THR C 240 -41.20 32.20 -15.53
CA THR C 240 -41.48 33.60 -15.80
C THR C 240 -40.18 34.37 -16.00
N ALA C 241 -40.31 35.64 -16.39
CA ALA C 241 -39.14 36.48 -16.59
C ALA C 241 -38.36 36.67 -15.30
N LEU C 242 -39.03 36.54 -14.15
CA LEU C 242 -38.34 36.65 -12.86
C LEU C 242 -37.33 35.52 -12.69
N HIS C 243 -37.69 34.30 -13.11
CA HIS C 243 -36.76 33.19 -13.05
C HIS C 243 -35.52 33.46 -13.89
N ILE C 244 -35.71 33.99 -15.10
CA ILE C 244 -34.57 34.29 -15.96
C ILE C 244 -33.71 35.38 -15.33
N ALA C 245 -34.34 36.41 -14.78
CA ALA C 245 -33.58 37.49 -14.15
C ALA C 245 -32.74 36.97 -12.99
N ILE C 246 -33.31 36.08 -12.18
CA ILE C 246 -32.58 35.54 -11.04
C ILE C 246 -31.47 34.61 -11.50
N GLU C 247 -31.75 33.76 -12.48
CA GLU C 247 -30.77 32.79 -12.94
C GLU C 247 -29.58 33.48 -13.61
N ARG C 248 -29.84 34.55 -14.36
CA ARG C 248 -28.76 35.29 -15.00
C ARG C 248 -27.94 36.09 -14.00
N ARG C 249 -28.34 36.12 -12.73
CA ARG C 249 -27.59 36.77 -11.66
C ARG C 249 -27.52 38.28 -11.85
N CYS C 250 -28.66 38.89 -12.14
CA CYS C 250 -28.77 40.34 -12.28
C CYS C 250 -29.62 40.87 -11.12
N LYS C 251 -28.95 41.31 -10.05
CA LYS C 251 -29.67 41.86 -8.91
C LYS C 251 -30.45 43.11 -9.28
N HIS C 252 -29.83 44.03 -10.03
CA HIS C 252 -30.55 45.25 -10.37
C HIS C 252 -31.70 44.98 -11.32
N TYR C 253 -31.53 44.02 -12.24
CA TYR C 253 -32.66 43.63 -13.08
C TYR C 253 -33.81 43.02 -12.29
N VAL C 254 -33.50 42.15 -11.32
CA VAL C 254 -34.58 41.55 -10.55
C VAL C 254 -35.27 42.60 -9.69
N GLU C 255 -34.50 43.59 -9.20
CA GLU C 255 -35.11 44.71 -8.48
C GLU C 255 -36.05 45.49 -9.38
N LEU C 256 -35.58 45.87 -10.57
CA LEU C 256 -36.39 46.68 -11.48
C LEU C 256 -37.59 45.90 -12.00
N LEU C 257 -37.47 44.57 -12.04
CA LEU C 257 -38.55 43.71 -12.51
C LEU C 257 -39.61 43.49 -11.44
N VAL C 258 -39.19 43.38 -10.17
CA VAL C 258 -40.17 43.17 -9.11
C VAL C 258 -40.79 44.48 -8.66
N ALA C 259 -40.11 45.61 -8.86
CA ALA C 259 -40.67 46.89 -8.46
C ALA C 259 -41.92 47.24 -9.25
N GLN C 260 -42.10 46.64 -10.42
CA GLN C 260 -43.25 46.92 -11.27
C GLN C 260 -44.32 45.83 -11.11
N GLY C 261 -44.11 44.85 -10.24
CA GLY C 261 -45.13 43.87 -9.95
C GLY C 261 -44.89 42.47 -10.47
N ALA C 262 -43.65 42.00 -10.43
CA ALA C 262 -43.34 40.63 -10.79
C ALA C 262 -43.78 39.68 -9.69
N ASP C 263 -44.45 38.60 -10.07
CA ASP C 263 -44.90 37.60 -9.11
C ASP C 263 -43.70 36.85 -8.55
N VAL C 264 -43.53 36.87 -7.23
CA VAL C 264 -42.38 36.27 -6.59
C VAL C 264 -42.72 34.89 -6.05
N HIS C 265 -43.88 34.36 -6.46
CA HIS C 265 -44.28 33.02 -6.05
C HIS C 265 -44.63 32.14 -7.24
N ALA C 266 -44.33 32.57 -8.47
CA ALA C 266 -44.63 31.76 -9.63
C ALA C 266 -43.79 30.49 -9.64
N GLN C 267 -44.45 29.37 -9.89
CA GLN C 267 -43.81 28.07 -9.77
C GLN C 267 -43.42 27.55 -11.15
N ALA C 268 -42.13 27.37 -11.36
CA ALA C 268 -41.60 26.84 -12.62
C ALA C 268 -41.58 25.32 -12.51
N ARG C 269 -42.61 24.68 -13.09
CA ARG C 269 -42.80 23.24 -12.91
C ARG C 269 -42.74 22.48 -14.23
N GLY C 270 -41.93 22.93 -15.18
CA GLY C 270 -41.79 22.22 -16.43
C GLY C 270 -40.96 20.97 -16.29
N ARG C 271 -40.87 20.22 -17.40
CA ARG C 271 -40.10 18.99 -17.40
C ARG C 271 -38.60 19.25 -17.24
N PHE C 272 -38.14 20.44 -17.66
CA PHE C 272 -36.74 20.78 -17.45
C PHE C 272 -36.46 21.02 -15.98
N PHE C 273 -37.40 21.60 -15.25
CA PHE C 273 -37.22 21.90 -13.84
C PHE C 273 -37.74 20.75 -12.97
N GLN C 274 -37.15 19.59 -13.15
CA GLN C 274 -37.50 18.40 -12.39
C GLN C 274 -36.23 17.73 -11.90
N PRO C 275 -36.31 16.95 -10.83
CA PRO C 275 -35.12 16.27 -10.32
C PRO C 275 -34.53 15.34 -11.37
N LYS C 276 -33.20 15.18 -11.31
CA LYS C 276 -32.48 14.42 -12.32
C LYS C 276 -33.03 13.00 -12.45
N ASP C 277 -33.58 12.44 -11.37
CA ASP C 277 -34.11 11.09 -11.42
C ASP C 277 -35.48 11.02 -12.10
N GLU C 278 -36.11 12.15 -12.38
CA GLU C 278 -37.45 12.18 -12.94
C GLU C 278 -37.48 12.91 -14.29
N GLY C 279 -36.44 12.73 -15.09
CA GLY C 279 -36.40 13.37 -16.40
C GLY C 279 -36.25 14.86 -16.35
N GLY C 280 -35.12 15.34 -15.87
CA GLY C 280 -34.86 16.76 -15.79
C GLY C 280 -33.39 17.01 -15.54
N TYR C 281 -33.01 18.28 -15.62
CA TYR C 281 -31.63 18.67 -15.45
C TYR C 281 -31.36 19.57 -14.25
N PHE C 282 -32.38 20.19 -13.67
CA PHE C 282 -32.15 21.09 -12.54
C PHE C 282 -33.44 21.23 -11.74
N TYR C 283 -33.41 20.79 -10.49
CA TYR C 283 -34.51 21.02 -9.55
C TYR C 283 -34.00 21.94 -8.45
N PHE C 284 -34.53 23.16 -8.40
CA PHE C 284 -34.07 24.18 -7.47
C PHE C 284 -35.14 24.55 -6.44
N GLY C 285 -36.21 23.76 -6.35
CA GLY C 285 -37.28 24.04 -5.42
C GLY C 285 -38.51 24.68 -6.04
N GLU C 286 -38.50 24.94 -7.34
CA GLU C 286 -39.71 25.32 -8.08
C GLU C 286 -40.26 26.66 -7.59
N LEU C 287 -39.37 27.62 -7.34
CA LEU C 287 -39.82 28.89 -6.77
C LEU C 287 -38.71 29.93 -6.93
N PRO C 288 -39.05 31.20 -7.18
CA PRO C 288 -37.99 32.20 -7.36
C PRO C 288 -37.07 32.35 -6.16
N LEU C 289 -37.62 32.33 -4.96
CA LEU C 289 -36.76 32.39 -3.77
C LEU C 289 -35.91 31.14 -3.66
N SER C 290 -36.51 29.96 -3.89
CA SER C 290 -35.74 28.74 -3.88
C SER C 290 -34.72 28.72 -5.02
N LEU C 291 -35.02 29.42 -6.12
CA LEU C 291 -34.07 29.51 -7.22
C LEU C 291 -32.86 30.35 -6.85
N ALA C 292 -33.10 31.51 -6.26
CA ALA C 292 -31.98 32.35 -5.83
C ALA C 292 -31.22 31.67 -4.70
N ALA C 293 -31.89 30.80 -3.93
CA ALA C 293 -31.21 30.08 -2.86
C ALA C 293 -30.35 28.96 -3.41
N CYS C 294 -30.83 28.27 -4.44
CA CYS C 294 -30.14 27.09 -4.95
C CYS C 294 -29.04 27.42 -5.95
N THR C 295 -28.86 28.70 -6.30
CA THR C 295 -27.78 29.12 -7.17
C THR C 295 -26.78 30.02 -6.46
N ASN C 296 -26.75 29.98 -5.13
CA ASN C 296 -25.77 30.72 -4.32
C ASN C 296 -25.83 32.22 -4.61
N GLN C 297 -26.97 32.81 -4.31
CA GLN C 297 -27.22 34.23 -4.53
C GLN C 297 -27.77 34.83 -3.25
N PRO C 298 -26.92 35.03 -2.24
CA PRO C 298 -27.42 35.54 -0.95
C PRO C 298 -28.03 36.93 -1.05
N HIS C 299 -27.49 37.80 -1.91
CA HIS C 299 -27.99 39.16 -1.97
C HIS C 299 -29.38 39.23 -2.60
N ILE C 300 -29.60 38.46 -3.66
CA ILE C 300 -30.93 38.43 -4.26
C ILE C 300 -31.95 37.85 -3.30
N VAL C 301 -31.54 36.86 -2.50
CA VAL C 301 -32.43 36.32 -1.48
C VAL C 301 -32.74 37.35 -0.42
N ASN C 302 -31.73 38.10 0.03
CA ASN C 302 -31.98 39.17 0.99
C ASN C 302 -32.97 40.19 0.43
N TYR C 303 -32.81 40.53 -0.85
CA TYR C 303 -33.75 41.45 -1.48
C TYR C 303 -35.15 40.87 -1.55
N LEU C 304 -35.27 39.60 -1.92
CA LEU C 304 -36.59 38.99 -2.08
C LEU C 304 -37.32 38.86 -0.75
N THR C 305 -36.58 38.57 0.32
CA THR C 305 -37.22 38.34 1.62
C THR C 305 -37.74 39.65 2.20
N GLU C 306 -36.97 40.73 2.09
CA GLU C 306 -37.41 42.04 2.57
C GLU C 306 -37.24 43.07 1.45
N ASN C 307 -38.36 43.57 0.94
CA ASN C 307 -38.39 44.64 -0.04
C ASN C 307 -39.70 45.39 0.13
N PRO C 308 -39.74 46.68 -0.19
CA PRO C 308 -40.98 47.45 0.03
C PRO C 308 -42.16 46.94 -0.77
N HIS C 309 -41.96 46.39 -1.97
CA HIS C 309 -43.08 46.11 -2.85
C HIS C 309 -43.79 44.81 -2.48
N LYS C 310 -43.08 43.68 -2.57
CA LYS C 310 -43.71 42.39 -2.33
C LYS C 310 -42.67 41.42 -1.81
N LYS C 311 -42.92 40.86 -0.64
CA LYS C 311 -41.97 40.01 0.07
C LYS C 311 -42.36 38.55 -0.09
N ALA C 312 -41.40 37.71 -0.48
CA ALA C 312 -41.63 36.28 -0.60
C ALA C 312 -41.23 35.60 0.69
N ASP C 313 -42.20 35.00 1.37
CA ASP C 313 -41.91 34.34 2.64
C ASP C 313 -41.23 33.00 2.42
N MET C 314 -40.35 32.64 3.36
CA MET C 314 -39.59 31.41 3.26
C MET C 314 -40.42 30.17 3.49
N ARG C 315 -41.63 30.31 4.03
CA ARG C 315 -42.42 29.16 4.42
C ARG C 315 -43.24 28.57 3.27
N ARG C 316 -43.31 29.24 2.13
CA ARG C 316 -44.14 28.74 1.05
C ARG C 316 -43.54 27.46 0.47
N GLN C 317 -44.42 26.49 0.22
CA GLN C 317 -44.03 25.20 -0.34
C GLN C 317 -44.41 25.15 -1.82
N ASP C 318 -43.61 24.41 -2.58
CA ASP C 318 -43.88 24.22 -4.00
C ASP C 318 -44.91 23.10 -4.19
N SER C 319 -45.07 22.64 -5.43
CA SER C 319 -46.04 21.59 -5.71
C SER C 319 -45.71 20.31 -4.97
N ARG C 320 -44.42 19.95 -4.93
CA ARG C 320 -43.99 18.77 -4.19
C ARG C 320 -44.13 18.94 -2.69
N GLY C 321 -44.35 20.17 -2.21
CA GLY C 321 -44.32 20.45 -0.80
C GLY C 321 -42.97 20.88 -0.28
N ASN C 322 -41.92 20.79 -1.08
CA ASN C 322 -40.58 21.15 -0.65
C ASN C 322 -40.52 22.62 -0.29
N THR C 323 -39.96 22.92 0.87
CA THR C 323 -39.73 24.29 1.28
C THR C 323 -38.42 24.77 0.66
N VAL C 324 -37.94 25.94 1.06
CA VAL C 324 -36.63 26.39 0.61
C VAL C 324 -35.55 25.46 1.11
N LEU C 325 -35.68 24.95 2.33
CA LEU C 325 -34.65 24.10 2.90
C LEU C 325 -34.66 22.71 2.30
N HIS C 326 -35.84 22.18 1.98
CA HIS C 326 -35.88 20.91 1.23
C HIS C 326 -35.16 21.06 -0.10
N ALA C 327 -35.39 22.18 -0.79
CA ALA C 327 -34.69 22.42 -2.04
C ALA C 327 -33.19 22.52 -1.85
N LEU C 328 -32.77 23.29 -0.84
CA LEU C 328 -31.34 23.45 -0.59
C LEU C 328 -30.68 22.14 -0.23
N VAL C 329 -31.43 21.21 0.37
CA VAL C 329 -30.94 19.85 0.55
C VAL C 329 -30.88 19.12 -0.78
N ALA C 330 -31.89 19.31 -1.63
CA ALA C 330 -32.00 18.54 -2.86
C ALA C 330 -30.83 18.81 -3.80
N ILE C 331 -30.40 20.07 -3.89
CA ILE C 331 -29.26 20.40 -4.75
C ILE C 331 -27.92 20.10 -4.11
N ALA C 332 -27.88 19.87 -2.80
CA ALA C 332 -26.59 19.66 -2.14
C ALA C 332 -25.93 18.39 -2.64
N ASP C 333 -24.62 18.46 -2.81
CA ASP C 333 -23.80 17.30 -3.11
C ASP C 333 -22.84 17.06 -1.96
N ASN C 334 -22.12 15.96 -2.03
CA ASN C 334 -21.08 15.69 -1.06
C ASN C 334 -19.76 16.35 -1.43
N THR C 335 -19.69 16.98 -2.60
CA THR C 335 -18.52 17.77 -2.95
C THR C 335 -18.43 18.99 -2.03
N ARG C 336 -17.20 19.33 -1.65
CA ARG C 336 -17.01 20.38 -0.66
C ARG C 336 -17.40 21.75 -1.21
N GLU C 337 -17.04 22.03 -2.47
CA GLU C 337 -17.30 23.35 -3.04
C GLU C 337 -18.80 23.63 -3.12
N ASN C 338 -19.62 22.59 -3.04
CA ASN C 338 -21.06 22.72 -2.90
C ASN C 338 -21.43 22.94 -1.44
N THR C 339 -20.78 22.18 -0.55
CA THR C 339 -21.14 22.18 0.86
C THR C 339 -20.90 23.54 1.50
N LYS C 340 -19.81 24.23 1.15
CA LYS C 340 -19.55 25.50 1.83
C LYS C 340 -20.73 26.46 1.70
N PHE C 341 -21.31 26.56 0.51
CA PHE C 341 -22.42 27.51 0.41
C PHE C 341 -23.75 26.89 0.78
N VAL C 342 -23.94 25.59 0.59
CA VAL C 342 -25.22 24.98 0.98
C VAL C 342 -25.42 25.13 2.49
N THR C 343 -24.43 24.74 3.29
CA THR C 343 -24.59 24.81 4.74
C THR C 343 -24.70 26.26 5.21
N LYS C 344 -23.82 27.12 4.70
CA LYS C 344 -23.83 28.52 5.09
C LYS C 344 -25.18 29.15 4.84
N MET C 345 -25.73 28.93 3.65
CA MET C 345 -26.95 29.65 3.30
C MET C 345 -28.18 28.96 3.88
N TYR C 346 -28.08 27.66 4.18
CA TYR C 346 -29.09 27.02 5.01
C TYR C 346 -29.19 27.71 6.36
N ASP C 347 -28.04 27.94 7.00
CA ASP C 347 -28.05 28.66 8.27
C ASP C 347 -28.60 30.07 8.10
N LEU C 348 -28.20 30.75 7.03
CA LEU C 348 -28.69 32.10 6.77
C LEU C 348 -30.21 32.13 6.69
N LEU C 349 -30.79 31.27 5.85
CA LEU C 349 -32.22 31.25 5.67
C LEU C 349 -32.95 30.86 6.95
N LEU C 350 -32.40 29.88 7.70
CA LEU C 350 -33.07 29.46 8.92
C LEU C 350 -33.09 30.59 9.94
N LEU C 351 -31.96 31.28 10.12
CA LEU C 351 -31.93 32.41 11.05
C LEU C 351 -32.87 33.52 10.59
N LYS C 352 -32.91 33.80 9.29
CA LYS C 352 -33.80 34.85 8.80
C LYS C 352 -35.27 34.50 9.05
N CYS C 353 -35.65 33.25 8.79
CA CYS C 353 -37.03 32.84 9.04
C CYS C 353 -37.35 32.89 10.52
N ALA C 354 -36.41 32.51 11.37
CA ALA C 354 -36.63 32.59 12.81
C ALA C 354 -36.83 34.03 13.25
N ARG C 355 -35.94 34.93 12.82
CA ARG C 355 -36.02 36.32 13.25
C ARG C 355 -37.29 36.99 12.75
N LEU C 356 -37.65 36.76 11.49
CA LEU C 356 -38.89 37.35 10.97
C LEU C 356 -40.12 36.73 11.63
N PHE C 357 -40.16 35.40 11.71
CA PHE C 357 -41.30 34.70 12.28
C PHE C 357 -40.82 33.89 13.48
N PRO C 358 -40.97 34.39 14.71
CA PRO C 358 -40.44 33.64 15.86
C PRO C 358 -41.28 32.45 16.24
N ASP C 359 -42.59 32.49 15.98
CA ASP C 359 -43.47 31.40 16.41
C ASP C 359 -43.18 30.12 15.64
N SER C 360 -43.00 30.21 14.32
CA SER C 360 -42.83 29.03 13.49
C SER C 360 -41.37 28.59 13.45
N ASN C 361 -41.17 27.33 13.08
CA ASN C 361 -39.86 26.76 12.84
C ASN C 361 -39.81 26.28 11.39
N LEU C 362 -38.87 26.80 10.61
CA LEU C 362 -38.84 26.49 9.19
C LEU C 362 -38.46 25.04 8.94
N GLU C 363 -37.66 24.44 9.83
CA GLU C 363 -37.33 23.02 9.71
C GLU C 363 -38.52 22.12 10.01
N ALA C 364 -39.59 22.66 10.58
CA ALA C 364 -40.71 21.87 11.08
C ALA C 364 -41.82 21.70 10.07
N VAL C 365 -41.65 22.19 8.84
CA VAL C 365 -42.67 22.06 7.80
C VAL C 365 -42.28 20.89 6.90
N LEU C 366 -43.23 20.01 6.62
CA LEU C 366 -42.98 18.79 5.89
C LEU C 366 -43.45 18.92 4.45
N ASN C 367 -42.87 18.12 3.57
CA ASN C 367 -43.30 18.09 2.18
C ASN C 367 -44.41 17.06 2.02
N ASN C 368 -44.75 16.74 0.76
CA ASN C 368 -45.83 15.79 0.52
C ASN C 368 -45.42 14.37 0.89
N ASP C 369 -44.13 14.12 1.04
CA ASP C 369 -43.64 12.82 1.48
C ASP C 369 -43.56 12.72 3.00
N GLY C 370 -43.86 13.80 3.72
CA GLY C 370 -43.83 13.79 5.17
C GLY C 370 -42.47 14.03 5.78
N LEU C 371 -41.41 14.13 4.98
CA LEU C 371 -40.08 14.32 5.50
C LEU C 371 -39.83 15.78 5.86
N SER C 372 -38.76 16.00 6.61
CA SER C 372 -38.27 17.32 6.97
C SER C 372 -36.88 17.45 6.39
N PRO C 373 -36.33 18.67 6.33
CA PRO C 373 -35.01 18.84 5.69
C PRO C 373 -33.94 17.90 6.24
N LEU C 374 -33.92 17.67 7.55
CA LEU C 374 -32.96 16.72 8.09
C LEU C 374 -33.31 15.30 7.67
N MET C 375 -34.59 14.93 7.77
CA MET C 375 -35.00 13.61 7.32
C MET C 375 -34.77 13.43 5.82
N MET C 376 -35.04 14.48 5.03
CA MET C 376 -34.82 14.40 3.59
C MET C 376 -33.35 14.23 3.26
N ALA C 377 -32.48 14.96 3.97
CA ALA C 377 -31.05 14.78 3.79
C ALA C 377 -30.57 13.42 4.29
N ALA C 378 -31.32 12.80 5.20
CA ALA C 378 -30.91 11.50 5.73
C ALA C 378 -31.05 10.40 4.68
N LYS C 379 -32.18 10.36 3.98
CA LYS C 379 -32.44 9.28 3.04
C LYS C 379 -32.00 9.58 1.62
N THR C 380 -31.47 10.78 1.37
CA THR C 380 -30.90 11.08 0.07
C THR C 380 -29.38 10.98 0.06
N GLY C 381 -28.75 10.98 1.24
CA GLY C 381 -27.32 10.77 1.32
C GLY C 381 -26.51 12.04 1.14
N LYS C 382 -26.87 13.09 1.88
CA LYS C 382 -26.18 14.38 1.79
C LYS C 382 -25.45 14.60 3.11
N ILE C 383 -24.22 14.10 3.20
CA ILE C 383 -23.46 14.21 4.44
C ILE C 383 -23.20 15.66 4.80
N GLY C 384 -22.80 16.47 3.82
CA GLY C 384 -22.34 17.82 4.11
C GLY C 384 -23.37 18.64 4.83
N ILE C 385 -24.64 18.50 4.46
CA ILE C 385 -25.69 19.23 5.17
C ILE C 385 -26.27 18.43 6.33
N PHE C 386 -26.20 17.10 6.28
CA PHE C 386 -26.73 16.29 7.36
C PHE C 386 -25.95 16.53 8.65
N GLN C 387 -24.63 16.40 8.59
CA GLN C 387 -23.84 16.63 9.80
C GLN C 387 -23.89 18.08 10.23
N HIS C 388 -23.99 19.02 9.28
CA HIS C 388 -24.07 20.42 9.63
C HIS C 388 -25.38 20.73 10.34
N ILE C 389 -26.47 20.06 9.95
CA ILE C 389 -27.74 20.25 10.63
C ILE C 389 -27.69 19.66 12.03
N ILE C 390 -27.12 18.46 12.17
CA ILE C 390 -27.09 17.84 13.50
C ILE C 390 -26.20 18.63 14.46
N ARG C 391 -25.01 19.01 14.01
CA ARG C 391 -24.02 19.58 14.92
C ARG C 391 -24.09 21.09 15.04
N ARG C 392 -25.12 21.73 14.48
CA ARG C 392 -25.17 23.18 14.50
C ARG C 392 -25.45 23.69 15.90
N GLU C 393 -24.85 24.83 16.24
CA GLU C 393 -25.15 25.53 17.47
C GLU C 393 -25.18 27.02 17.17
N VAL C 394 -26.08 27.75 17.81
CA VAL C 394 -26.25 29.17 17.57
C VAL C 394 -25.78 29.91 18.81
N THR C 395 -24.71 30.68 18.66
CA THR C 395 -24.17 31.44 19.79
C THR C 395 -25.07 32.61 20.17
N ASP C 396 -25.68 33.25 19.18
CA ASP C 396 -26.56 34.38 19.46
C ASP C 396 -27.75 33.94 20.30
N GLU C 397 -28.01 34.68 21.37
CA GLU C 397 -29.10 34.33 22.27
C GLU C 397 -30.47 34.52 21.63
N ASP C 398 -30.55 35.39 20.62
CA ASP C 398 -31.84 35.69 20.00
C ASP C 398 -32.46 34.46 19.37
N THR C 399 -31.65 33.66 18.68
CA THR C 399 -32.13 32.47 17.99
C THR C 399 -31.33 31.24 18.41
N ARG C 400 -30.92 31.19 19.67
CA ARG C 400 -30.18 30.05 20.19
C ARG C 400 -31.07 28.82 20.37
N HIS C 401 -32.37 29.02 20.51
CA HIS C 401 -33.27 27.91 20.79
C HIS C 401 -33.29 26.86 19.68
N LEU C 402 -33.02 27.26 18.44
CA LEU C 402 -32.99 26.31 17.32
C LEU C 402 -31.58 25.78 17.06
N SER C 403 -30.93 25.32 18.13
CA SER C 403 -29.68 24.60 18.03
C SER C 403 -29.91 23.13 18.35
N ARG C 404 -28.96 22.28 17.97
CA ARG C 404 -29.07 20.87 18.24
C ARG C 404 -27.86 20.31 18.96
N LYS C 405 -26.97 21.17 19.44
CA LYS C 405 -25.83 20.75 20.25
C LYS C 405 -25.55 21.85 21.26
N PHE C 406 -25.82 21.57 22.53
CA PHE C 406 -25.59 22.53 23.60
C PHE C 406 -24.43 22.07 24.46
N LYS C 407 -23.74 23.04 25.05
CA LYS C 407 -22.62 22.79 25.95
C LYS C 407 -23.15 22.83 27.38
N ASP C 408 -23.23 21.67 28.02
CA ASP C 408 -23.84 21.60 29.34
C ASP C 408 -22.95 22.24 30.40
N TRP C 409 -21.76 21.68 30.61
CA TRP C 409 -20.86 22.17 31.65
C TRP C 409 -19.43 21.95 31.20
N ALA C 410 -18.51 22.66 31.85
CA ALA C 410 -17.10 22.53 31.57
C ALA C 410 -16.31 22.68 32.86
N TYR C 411 -15.31 21.82 33.03
CA TYR C 411 -14.38 21.94 34.14
C TYR C 411 -12.99 21.68 33.59
N GLY C 412 -12.24 22.73 33.33
CA GLY C 412 -10.95 22.60 32.70
C GLY C 412 -11.08 21.90 31.36
N PRO C 413 -10.21 20.94 31.10
CA PRO C 413 -10.21 20.23 29.81
C PRO C 413 -11.20 19.07 29.76
N VAL C 414 -12.40 19.30 30.28
CA VAL C 414 -13.49 18.33 30.14
C VAL C 414 -14.76 19.09 29.76
N TYR C 415 -15.06 19.14 28.48
CA TYR C 415 -16.26 19.81 27.97
C TYR C 415 -17.31 18.77 27.65
N SER C 416 -18.44 18.82 28.32
CA SER C 416 -19.55 17.90 28.11
C SER C 416 -20.66 18.63 27.38
N SER C 417 -20.61 18.63 26.06
CA SER C 417 -21.68 19.15 25.22
C SER C 417 -22.70 18.04 25.00
N LEU C 418 -23.97 18.43 24.96
CA LEU C 418 -25.04 17.43 24.82
C LEU C 418 -25.84 17.72 23.57
N TYR C 419 -25.98 16.69 22.73
CA TYR C 419 -26.69 16.80 21.48
C TYR C 419 -28.18 16.58 21.68
N ASP C 420 -28.97 17.20 20.83
CA ASP C 420 -30.42 17.04 20.85
C ASP C 420 -30.82 15.93 19.90
N LEU C 421 -31.56 14.96 20.40
CA LEU C 421 -32.13 13.90 19.57
C LEU C 421 -33.66 13.92 19.61
N SER C 422 -34.24 15.11 19.58
CA SER C 422 -35.69 15.23 19.52
C SER C 422 -36.25 14.54 18.29
N SER C 423 -35.47 14.49 17.20
CA SER C 423 -35.91 13.85 15.97
C SER C 423 -35.16 12.56 15.64
N LEU C 424 -33.94 12.39 16.16
CA LEU C 424 -33.15 11.20 15.83
C LEU C 424 -33.76 9.95 16.45
N ASP C 425 -34.30 10.07 17.67
CA ASP C 425 -34.85 8.94 18.40
C ASP C 425 -36.22 9.33 18.93
N THR C 426 -37.27 8.94 18.21
CA THR C 426 -38.64 9.29 18.57
C THR C 426 -39.40 8.16 19.24
N CYS C 427 -38.81 6.98 19.39
CA CYS C 427 -39.48 5.83 19.99
C CYS C 427 -40.78 5.50 19.27
N GLY C 428 -40.72 5.50 17.94
CA GLY C 428 -41.87 5.15 17.12
C GLY C 428 -43.02 6.12 17.25
N GLU C 429 -42.73 7.41 17.19
CA GLU C 429 -43.79 8.41 17.27
C GLU C 429 -43.76 9.41 16.12
N GLU C 430 -42.58 9.80 15.64
CA GLU C 430 -42.50 10.90 14.68
C GLU C 430 -41.52 10.58 13.57
N ALA C 431 -41.53 9.34 13.07
CA ALA C 431 -40.74 8.93 11.91
C ALA C 431 -39.26 9.30 12.09
N SER C 432 -38.65 8.64 13.07
CA SER C 432 -37.32 9.00 13.52
C SER C 432 -36.32 8.97 12.37
N VAL C 433 -35.32 9.86 12.46
CA VAL C 433 -34.28 9.95 11.45
C VAL C 433 -33.45 8.67 11.42
N LEU C 434 -33.24 8.04 12.57
CA LEU C 434 -32.38 6.86 12.62
C LEU C 434 -32.97 5.71 11.81
N GLU C 435 -34.29 5.49 11.93
CA GLU C 435 -34.92 4.42 11.16
C GLU C 435 -34.82 4.70 9.66
N ILE C 436 -35.04 5.95 9.26
CA ILE C 436 -34.87 6.33 7.85
C ILE C 436 -33.45 6.06 7.39
N LEU C 437 -32.48 6.42 8.23
CA LEU C 437 -31.07 6.34 7.83
C LEU C 437 -30.59 4.90 7.76
N VAL C 438 -31.16 4.01 8.55
CA VAL C 438 -30.73 2.62 8.53
C VAL C 438 -31.47 1.80 7.48
N TYR C 439 -32.74 2.11 7.20
CA TYR C 439 -33.55 1.33 6.27
C TYR C 439 -33.59 1.94 4.87
N ASN C 440 -34.02 3.19 4.75
CA ASN C 440 -34.34 3.77 3.44
C ASN C 440 -33.27 4.68 2.89
N SER C 441 -32.10 4.78 3.52
CA SER C 441 -31.09 5.72 3.06
C SER C 441 -30.37 5.16 1.83
N LYS C 442 -29.42 5.95 1.32
CA LYS C 442 -28.64 5.55 0.15
C LYS C 442 -27.53 4.61 0.60
N ILE C 443 -27.47 3.42 -0.02
CA ILE C 443 -26.59 2.36 0.46
C ILE C 443 -25.14 2.80 0.42
N GLU C 444 -24.74 3.48 -0.65
CA GLU C 444 -23.31 3.75 -0.87
C GLU C 444 -22.75 4.70 0.19
N ASN C 445 -23.60 5.52 0.80
CA ASN C 445 -23.14 6.51 1.76
C ASN C 445 -23.64 6.22 3.18
N ARG C 446 -24.36 5.13 3.39
CA ARG C 446 -24.95 4.85 4.70
C ARG C 446 -23.89 4.62 5.76
N HIS C 447 -22.82 3.89 5.41
CA HIS C 447 -21.77 3.60 6.37
C HIS C 447 -21.12 4.87 6.90
N GLU C 448 -21.15 5.94 6.11
CA GLU C 448 -20.59 7.22 6.54
C GLU C 448 -21.60 8.07 7.30
N MET C 449 -22.88 7.97 6.95
CA MET C 449 -23.90 8.68 7.71
C MET C 449 -24.04 8.13 9.12
N LEU C 450 -23.83 6.83 9.28
CA LEU C 450 -23.95 6.22 10.61
C LEU C 450 -22.72 6.46 11.48
N ALA C 451 -21.81 7.32 11.07
CA ALA C 451 -20.62 7.64 11.85
C ALA C 451 -20.66 9.06 12.42
N VAL C 452 -21.78 9.76 12.26
CA VAL C 452 -21.88 11.12 12.79
C VAL C 452 -21.87 11.08 14.32
N GLU C 453 -21.48 12.19 14.93
CA GLU C 453 -21.12 12.21 16.34
C GLU C 453 -22.20 11.67 17.27
N PRO C 454 -23.47 12.08 17.19
CA PRO C 454 -24.47 11.57 18.15
C PRO C 454 -25.23 10.34 17.72
N ILE C 455 -24.88 9.72 16.60
CA ILE C 455 -25.57 8.53 16.12
C ILE C 455 -24.81 7.25 16.50
N ASN C 456 -23.48 7.25 16.36
CA ASN C 456 -22.72 6.07 16.75
C ASN C 456 -22.85 5.81 18.24
N GLU C 457 -22.68 6.84 19.06
CA GLU C 457 -22.83 6.69 20.49
C GLU C 457 -24.26 6.35 20.88
N LEU C 458 -25.23 6.89 20.15
CA LEU C 458 -26.63 6.56 20.42
C LEU C 458 -26.89 5.08 20.15
N LEU C 459 -26.36 4.56 19.05
CA LEU C 459 -26.51 3.14 18.73
C LEU C 459 -25.81 2.28 19.77
N ARG C 460 -24.61 2.67 20.20
CA ARG C 460 -23.92 1.91 21.23
C ARG C 460 -24.72 1.90 22.53
N ASP C 461 -25.28 3.05 22.89
CA ASP C 461 -26.11 3.14 24.10
C ASP C 461 -27.33 2.23 24.00
N LYS C 462 -28.00 2.24 22.85
CA LYS C 462 -29.16 1.37 22.69
C LYS C 462 -28.76 -0.10 22.66
N TRP C 463 -27.52 -0.38 22.26
CA TRP C 463 -27.02 -1.75 22.32
C TRP C 463 -26.80 -2.20 23.76
N ARG C 464 -26.15 -1.36 24.56
CA ARG C 464 -25.86 -1.75 25.94
C ARG C 464 -27.10 -1.71 26.81
N LYS C 465 -28.06 -0.85 26.47
CA LYS C 465 -29.23 -0.67 27.33
C LYS C 465 -30.20 -1.84 27.20
N PHE C 466 -30.58 -2.18 25.96
CA PHE C 466 -31.51 -3.29 25.75
C PHE C 466 -31.14 -4.16 24.56
N GLY C 467 -30.04 -3.88 23.87
CA GLY C 467 -29.71 -4.60 22.66
C GLY C 467 -28.98 -5.89 22.92
N ALA C 468 -27.98 -5.84 23.80
CA ALA C 468 -27.18 -7.03 24.07
C ALA C 468 -28.02 -8.14 24.69
N VAL C 469 -28.80 -7.81 25.73
CA VAL C 469 -29.54 -8.83 26.45
C VAL C 469 -30.60 -9.45 25.56
N SER C 470 -31.32 -8.63 24.77
CA SER C 470 -32.37 -9.16 23.92
C SER C 470 -31.80 -10.01 22.80
N PHE C 471 -30.72 -9.54 22.17
CA PHE C 471 -30.08 -10.35 21.13
C PHE C 471 -29.59 -11.68 21.69
N TYR C 472 -28.96 -11.66 22.85
CA TYR C 472 -28.38 -12.88 23.38
C TYR C 472 -29.47 -13.86 23.84
N ILE C 473 -30.55 -13.36 24.45
CA ILE C 473 -31.61 -14.29 24.81
C ILE C 473 -32.28 -14.84 23.56
N ASN C 474 -32.36 -14.04 22.49
CA ASN C 474 -32.87 -14.56 21.23
C ASN C 474 -31.98 -15.67 20.69
N VAL C 475 -30.66 -15.48 20.78
CA VAL C 475 -29.73 -16.52 20.31
C VAL C 475 -29.92 -17.80 21.11
N VAL C 476 -29.98 -17.67 22.44
CA VAL C 476 -30.11 -18.84 23.30
C VAL C 476 -31.43 -19.56 23.02
N SER C 477 -32.51 -18.80 22.90
CA SER C 477 -33.80 -19.41 22.61
C SER C 477 -33.80 -20.10 21.25
N TYR C 478 -33.16 -19.49 20.25
CA TYR C 478 -33.07 -20.11 18.94
C TYR C 478 -32.32 -21.44 19.00
N LEU C 479 -31.16 -21.46 19.66
CA LEU C 479 -30.41 -22.70 19.77
C LEU C 479 -31.17 -23.76 20.56
N CYS C 480 -31.86 -23.36 21.63
CA CYS C 480 -32.65 -24.33 22.38
C CYS C 480 -33.78 -24.89 21.52
N ALA C 481 -34.46 -24.04 20.76
CA ALA C 481 -35.52 -24.51 19.89
C ALA C 481 -34.99 -25.45 18.83
N MET C 482 -33.78 -25.19 18.33
CA MET C 482 -33.23 -26.07 17.30
C MET C 482 -32.75 -27.39 17.88
N VAL C 483 -32.23 -27.39 19.10
CA VAL C 483 -31.92 -28.66 19.77
C VAL C 483 -33.20 -29.47 19.96
N ILE C 484 -34.29 -28.81 20.37
CA ILE C 484 -35.57 -29.49 20.50
C ILE C 484 -36.03 -30.03 19.15
N PHE C 485 -35.84 -29.25 18.09
CA PHE C 485 -36.22 -29.68 16.75
C PHE C 485 -35.45 -30.92 16.32
N THR C 486 -34.13 -30.94 16.58
CA THR C 486 -33.33 -32.10 16.24
C THR C 486 -33.75 -33.32 17.04
N LEU C 487 -34.03 -33.12 18.34
CA LEU C 487 -34.48 -34.24 19.17
C LEU C 487 -35.80 -34.80 18.65
N THR C 488 -36.73 -33.93 18.27
CA THR C 488 -38.00 -34.38 17.71
C THR C 488 -37.79 -35.12 16.40
N ALA C 489 -36.87 -34.62 15.56
CA ALA C 489 -36.59 -35.28 14.30
C ALA C 489 -36.02 -36.68 14.51
N TYR C 490 -35.10 -36.82 15.46
CA TYR C 490 -34.51 -38.14 15.70
C TYR C 490 -35.47 -39.09 16.40
N TYR C 491 -36.26 -38.58 17.34
CA TYR C 491 -37.13 -39.42 18.16
C TYR C 491 -38.34 -39.92 17.39
N GLN C 492 -38.56 -39.46 16.17
CA GLN C 492 -39.68 -39.92 15.36
C GLN C 492 -39.48 -41.37 14.95
N PRO C 493 -40.46 -42.26 15.21
CA PRO C 493 -40.33 -43.65 14.75
C PRO C 493 -40.54 -43.77 13.25
N LEU C 494 -39.70 -44.56 12.58
CA LEU C 494 -39.81 -44.72 11.13
C LEU C 494 -40.86 -45.73 10.72
N GLU C 495 -41.38 -46.54 11.64
CA GLU C 495 -42.36 -47.56 11.33
C GLU C 495 -43.76 -47.06 11.68
N GLY C 496 -44.65 -47.10 10.70
CA GLY C 496 -46.03 -46.69 10.93
C GLY C 496 -46.47 -45.52 10.07
N THR C 497 -47.76 -45.50 9.73
CA THR C 497 -48.35 -44.41 8.96
C THR C 497 -48.97 -43.38 9.88
N PRO C 498 -48.58 -42.11 9.78
CA PRO C 498 -49.17 -41.08 10.64
C PRO C 498 -50.63 -40.84 10.28
N PRO C 499 -51.46 -40.35 11.22
CA PRO C 499 -51.11 -39.96 12.59
C PRO C 499 -50.85 -41.14 13.52
N TYR C 500 -49.86 -40.99 14.41
CA TYR C 500 -49.52 -42.03 15.35
C TYR C 500 -50.40 -41.96 16.59
N PRO C 501 -50.65 -43.09 17.25
CA PRO C 501 -51.45 -43.07 18.49
C PRO C 501 -50.59 -42.56 19.64
N TYR C 502 -50.98 -41.41 20.21
CA TYR C 502 -50.26 -40.80 21.32
C TYR C 502 -50.87 -41.30 22.63
N ARG C 503 -50.27 -42.34 23.19
CA ARG C 503 -50.69 -42.89 24.48
C ARG C 503 -49.55 -42.97 25.47
N THR C 504 -48.35 -43.32 25.03
CA THR C 504 -47.19 -43.39 25.89
C THR C 504 -46.69 -41.97 26.20
N THR C 505 -46.06 -41.82 27.36
CA THR C 505 -45.47 -40.54 27.71
C THR C 505 -44.42 -40.12 26.68
N VAL C 506 -43.69 -41.09 26.12
CA VAL C 506 -42.74 -40.78 25.04
C VAL C 506 -43.48 -40.19 23.85
N ASP C 507 -44.65 -40.73 23.53
CA ASP C 507 -45.48 -40.14 22.49
C ASP C 507 -45.91 -38.73 22.85
N TYR C 508 -46.15 -38.47 24.14
CA TYR C 508 -46.54 -37.13 24.57
C TYR C 508 -45.40 -36.13 24.38
N LEU C 509 -44.17 -36.52 24.73
CA LEU C 509 -43.03 -35.64 24.48
C LEU C 509 -42.77 -35.47 22.99
N ARG C 510 -42.99 -36.52 22.19
CA ARG C 510 -42.87 -36.36 20.74
C ARG C 510 -43.89 -35.35 20.21
N LEU C 511 -45.14 -35.44 20.68
CA LEU C 511 -46.15 -34.48 20.27
C LEU C 511 -45.80 -33.07 20.73
N ALA C 512 -45.25 -32.94 21.94
CA ALA C 512 -44.84 -31.63 22.44
C ALA C 512 -43.74 -31.04 21.57
N GLY C 513 -42.75 -31.85 21.18
CA GLY C 513 -41.72 -31.38 20.28
C GLY C 513 -42.28 -30.96 18.93
N GLU C 514 -43.21 -31.76 18.39
CA GLU C 514 -43.80 -31.43 17.10
C GLU C 514 -44.56 -30.10 17.17
N VAL C 515 -45.38 -29.93 18.22
CA VAL C 515 -46.19 -28.72 18.30
C VAL C 515 -45.31 -27.50 18.57
N ILE C 516 -44.24 -27.66 19.35
CA ILE C 516 -43.35 -26.52 19.56
C ILE C 516 -42.60 -26.17 18.28
N THR C 517 -42.25 -27.18 17.47
CA THR C 517 -41.63 -26.89 16.18
C THR C 517 -42.60 -26.13 15.26
N LEU C 518 -43.86 -26.55 15.22
CA LEU C 518 -44.84 -25.82 14.41
C LEU C 518 -45.05 -24.40 14.94
N PHE C 519 -45.08 -24.24 16.26
CA PHE C 519 -45.21 -22.89 16.83
C PHE C 519 -44.04 -22.02 16.45
N THR C 520 -42.82 -22.57 16.50
CA THR C 520 -41.65 -21.80 16.08
C THR C 520 -41.74 -21.43 14.61
N GLY C 521 -42.19 -22.38 13.76
CA GLY C 521 -42.30 -22.09 12.34
C GLY C 521 -43.33 -21.00 12.04
N VAL C 522 -44.49 -21.07 12.69
CA VAL C 522 -45.51 -20.07 12.45
C VAL C 522 -45.09 -18.71 13.01
N LEU C 523 -44.38 -18.70 14.14
CA LEU C 523 -43.83 -17.44 14.64
C LEU C 523 -42.82 -16.86 13.67
N PHE C 524 -41.99 -17.72 13.08
CA PHE C 524 -41.03 -17.27 12.08
C PHE C 524 -41.75 -16.66 10.88
N PHE C 525 -42.80 -17.32 10.41
CA PHE C 525 -43.57 -16.79 9.29
C PHE C 525 -44.18 -15.43 9.63
N PHE C 526 -44.77 -15.33 10.82
CA PHE C 526 -45.41 -14.08 11.23
C PHE C 526 -44.40 -12.95 11.32
N THR C 527 -43.23 -13.22 11.90
CA THR C 527 -42.25 -12.16 12.11
C THR C 527 -41.45 -11.87 10.84
N ASN C 528 -41.50 -12.76 9.84
CA ASN C 528 -40.77 -12.51 8.61
C ASN C 528 -41.64 -11.82 7.57
N ILE C 529 -42.92 -12.21 7.48
CA ILE C 529 -43.81 -11.56 6.53
C ILE C 529 -43.99 -10.08 6.89
N LYS C 530 -44.18 -9.80 8.19
CA LYS C 530 -44.34 -8.42 8.63
C LYS C 530 -43.10 -7.59 8.33
N ASP C 531 -41.92 -8.15 8.58
CA ASP C 531 -40.68 -7.42 8.35
C ASP C 531 -40.49 -7.13 6.86
N LEU C 532 -40.77 -8.12 6.01
CA LEU C 532 -40.73 -7.88 4.57
C LEU C 532 -41.81 -6.92 4.13
N PHE C 533 -42.99 -6.99 4.75
CA PHE C 533 -44.07 -6.07 4.41
C PHE C 533 -43.69 -4.63 4.77
N MET C 534 -43.05 -4.43 5.93
CA MET C 534 -42.72 -3.09 6.38
C MET C 534 -41.58 -2.49 5.56
N LYS C 535 -40.58 -3.30 5.23
CA LYS C 535 -39.38 -2.83 4.55
C LYS C 535 -39.52 -3.01 3.04
N LYS C 536 -38.76 -2.21 2.29
CA LYS C 536 -38.76 -2.33 0.85
C LYS C 536 -37.98 -3.56 0.42
N CYS C 537 -38.34 -4.09 -0.75
CA CYS C 537 -37.62 -5.23 -1.31
C CYS C 537 -36.24 -4.78 -1.78
N PRO C 538 -35.17 -5.35 -1.28
CA PRO C 538 -33.82 -4.87 -1.61
C PRO C 538 -33.38 -5.33 -2.99
N GLY C 539 -32.20 -4.87 -3.37
CA GLY C 539 -31.58 -5.27 -4.61
C GLY C 539 -30.12 -5.65 -4.44
N VAL C 540 -29.28 -5.29 -5.41
CA VAL C 540 -27.86 -5.56 -5.30
C VAL C 540 -27.23 -4.66 -4.25
N ASN C 541 -26.21 -5.16 -3.57
CA ASN C 541 -25.40 -4.52 -2.53
C ASN C 541 -26.17 -4.41 -1.20
N SER C 542 -27.45 -4.80 -1.16
CA SER C 542 -28.21 -4.80 0.08
C SER C 542 -28.66 -6.18 0.52
N LEU C 543 -28.58 -7.18 -0.37
CA LEU C 543 -28.91 -8.54 0.03
C LEU C 543 -27.92 -9.06 1.06
N PHE C 544 -26.64 -8.77 0.88
CA PHE C 544 -25.63 -9.26 1.81
C PHE C 544 -25.74 -8.59 3.18
N ILE C 545 -26.44 -7.45 3.25
CA ILE C 545 -26.63 -6.80 4.55
C ILE C 545 -27.65 -7.57 5.36
N ASP C 546 -28.92 -7.49 4.96
CA ASP C 546 -29.98 -8.13 5.73
C ASP C 546 -30.98 -8.87 4.85
N GLY C 547 -31.14 -8.49 3.59
CA GLY C 547 -32.23 -9.01 2.78
C GLY C 547 -32.19 -10.52 2.61
N SER C 548 -30.99 -11.11 2.65
CA SER C 548 -30.84 -12.53 2.38
C SER C 548 -31.56 -13.39 3.41
N PHE C 549 -31.55 -12.98 4.67
CA PHE C 549 -32.07 -13.85 5.72
C PHE C 549 -33.59 -13.91 5.74
N GLN C 550 -34.28 -12.84 5.32
CA GLN C 550 -35.73 -12.97 5.19
C GLN C 550 -36.10 -14.03 4.17
N LEU C 551 -35.29 -14.21 3.13
CA LEU C 551 -35.55 -15.27 2.16
C LEU C 551 -35.38 -16.63 2.80
N LEU C 552 -34.26 -16.85 3.50
CA LEU C 552 -33.96 -18.17 4.04
C LEU C 552 -34.96 -18.60 5.11
N TYR C 553 -35.29 -17.70 6.03
CA TYR C 553 -36.25 -18.05 7.07
C TYR C 553 -37.65 -18.22 6.49
N PHE C 554 -37.97 -17.47 5.43
CA PHE C 554 -39.24 -17.69 4.73
C PHE C 554 -39.29 -19.10 4.15
N ILE C 555 -38.21 -19.53 3.51
CA ILE C 555 -38.18 -20.88 2.95
C ILE C 555 -38.26 -21.92 4.05
N TYR C 556 -37.60 -21.67 5.19
CA TYR C 556 -37.66 -22.60 6.31
C TYR C 556 -39.10 -22.76 6.81
N SER C 557 -39.79 -21.64 7.03
CA SER C 557 -41.17 -21.71 7.50
C SER C 557 -42.07 -22.39 6.48
N VAL C 558 -41.89 -22.05 5.19
CA VAL C 558 -42.71 -22.66 4.14
C VAL C 558 -42.49 -24.17 4.10
N LEU C 559 -41.23 -24.60 4.19
CA LEU C 559 -40.93 -26.02 4.16
C LEU C 559 -41.53 -26.73 5.36
N VAL C 560 -41.42 -26.15 6.54
CA VAL C 560 -42.00 -26.78 7.72
C VAL C 560 -43.51 -26.91 7.60
N ILE C 561 -44.16 -25.84 7.13
CA ILE C 561 -45.64 -25.87 7.03
C ILE C 561 -46.09 -26.88 5.98
N VAL C 562 -45.45 -26.88 4.81
CA VAL C 562 -45.86 -27.83 3.78
C VAL C 562 -45.55 -29.26 4.23
N SER C 563 -44.47 -29.46 4.98
CA SER C 563 -44.17 -30.79 5.48
C SER C 563 -45.21 -31.24 6.50
N ALA C 564 -45.71 -30.32 7.32
CA ALA C 564 -46.81 -30.64 8.22
C ALA C 564 -48.05 -31.03 7.42
N ALA C 565 -48.30 -30.31 6.32
CA ALA C 565 -49.44 -30.63 5.48
C ALA C 565 -49.33 -32.04 4.90
N LEU C 566 -48.14 -32.42 4.44
CA LEU C 566 -47.93 -33.78 3.93
C LEU C 566 -47.94 -34.80 5.07
N TYR C 567 -47.48 -34.42 6.25
CA TYR C 567 -47.55 -35.27 7.43
C TYR C 567 -48.99 -35.58 7.79
N LEU C 568 -49.90 -34.66 7.50
CA LEU C 568 -51.32 -34.92 7.73
C LEU C 568 -51.79 -36.12 6.91
N ALA C 569 -51.35 -36.22 5.66
CA ALA C 569 -51.83 -37.27 4.76
C ALA C 569 -50.73 -38.23 4.31
N GLY C 570 -49.64 -37.72 3.74
CA GLY C 570 -48.62 -38.57 3.15
C GLY C 570 -47.67 -39.20 4.16
N ILE C 571 -47.69 -40.53 4.26
CA ILE C 571 -46.81 -41.22 5.20
C ILE C 571 -45.36 -41.13 4.74
N GLU C 572 -45.12 -41.41 3.45
CA GLU C 572 -43.76 -41.39 2.95
C GLU C 572 -43.33 -39.98 2.53
N ALA C 573 -44.31 -39.12 2.26
CA ALA C 573 -44.02 -37.86 1.58
C ALA C 573 -43.35 -36.85 2.52
N TYR C 574 -43.84 -36.75 3.77
CA TYR C 574 -43.42 -35.65 4.62
C TYR C 574 -41.95 -35.77 5.05
N LEU C 575 -41.42 -36.99 5.07
CA LEU C 575 -40.06 -37.20 5.54
C LEU C 575 -39.02 -36.54 4.65
N ALA C 576 -39.39 -36.11 3.44
CA ALA C 576 -38.41 -35.54 2.54
C ALA C 576 -37.86 -34.20 3.05
N VAL C 577 -38.72 -33.37 3.63
CA VAL C 577 -38.37 -31.98 3.89
C VAL C 577 -38.29 -31.62 5.37
N MET C 578 -38.50 -32.55 6.30
CA MET C 578 -37.85 -32.43 7.59
C MET C 578 -36.34 -32.36 7.45
N VAL C 579 -35.76 -33.18 6.59
CA VAL C 579 -34.32 -33.15 6.40
C VAL C 579 -33.88 -31.81 5.84
N PHE C 580 -34.58 -31.32 4.80
CA PHE C 580 -34.29 -29.99 4.27
C PHE C 580 -34.54 -28.91 5.30
N ALA C 581 -35.55 -29.09 6.16
CA ALA C 581 -35.86 -28.10 7.18
C ALA C 581 -34.73 -27.97 8.19
N LEU C 582 -34.26 -29.09 8.72
CA LEU C 582 -33.11 -29.03 9.64
C LEU C 582 -31.88 -28.47 8.94
N VAL C 583 -31.62 -28.90 7.71
CA VAL C 583 -30.45 -28.39 6.99
C VAL C 583 -30.51 -26.88 6.88
N LEU C 584 -31.63 -26.36 6.38
CA LEU C 584 -31.74 -24.92 6.14
C LEU C 584 -31.76 -24.15 7.45
N GLY C 585 -32.39 -24.68 8.48
CA GLY C 585 -32.40 -24.00 9.76
C GLY C 585 -31.02 -23.91 10.38
N TRP C 586 -30.26 -25.01 10.36
CA TRP C 586 -28.91 -24.96 10.90
C TRP C 586 -28.02 -24.09 10.04
N MET C 587 -28.37 -23.92 8.76
CA MET C 587 -27.71 -22.90 7.94
C MET C 587 -28.03 -21.50 8.44
N ASN C 588 -29.32 -21.23 8.70
CA ASN C 588 -29.72 -19.89 9.12
C ASN C 588 -29.20 -19.55 10.51
N ALA C 589 -28.85 -20.57 11.30
CA ALA C 589 -28.23 -20.31 12.60
C ALA C 589 -27.02 -19.40 12.48
N LEU C 590 -26.47 -19.25 11.28
CA LEU C 590 -25.35 -18.35 11.04
C LEU C 590 -25.78 -16.87 11.11
N TYR C 591 -27.08 -16.60 11.16
CA TYR C 591 -27.56 -15.22 11.15
C TYR C 591 -27.07 -14.46 12.37
N PHE C 592 -27.12 -15.08 13.54
CA PHE C 592 -26.88 -14.38 14.79
C PHE C 592 -25.40 -14.11 15.07
N THR C 593 -24.51 -14.40 14.13
CA THR C 593 -23.10 -14.06 14.32
C THR C 593 -22.85 -12.57 14.21
N ARG C 594 -23.84 -11.78 13.76
CA ARG C 594 -23.65 -10.35 13.58
C ARG C 594 -23.49 -9.61 14.90
N GLY C 595 -23.88 -10.21 16.02
CA GLY C 595 -23.71 -9.55 17.30
C GLY C 595 -22.25 -9.38 17.68
N LEU C 596 -21.44 -10.41 17.42
CA LEU C 596 -20.01 -10.34 17.69
C LEU C 596 -19.29 -9.93 16.42
N LYS C 597 -18.43 -8.91 16.54
CA LYS C 597 -17.74 -8.39 15.36
C LYS C 597 -16.85 -9.44 14.71
N LEU C 598 -16.14 -10.22 15.53
CA LEU C 598 -15.24 -11.23 14.97
C LEU C 598 -16.03 -12.29 14.20
N THR C 599 -17.16 -12.74 14.76
CA THR C 599 -17.99 -13.71 14.05
C THR C 599 -18.81 -13.05 12.95
N GLY C 600 -19.16 -11.77 13.11
CA GLY C 600 -19.98 -11.11 12.10
C GLY C 600 -19.28 -10.96 10.77
N THR C 601 -18.00 -10.61 10.80
CA THR C 601 -17.23 -10.47 9.57
C THR C 601 -17.12 -11.81 8.84
N TYR C 602 -16.93 -12.89 9.59
CA TYR C 602 -16.72 -14.19 8.96
C TYR C 602 -17.99 -14.66 8.27
N SER C 603 -19.15 -14.30 8.83
CA SER C 603 -20.41 -14.57 8.14
C SER C 603 -20.45 -13.86 6.80
N ILE C 604 -19.97 -12.62 6.75
CA ILE C 604 -19.91 -11.89 5.48
C ILE C 604 -18.99 -12.60 4.51
N MET C 605 -17.82 -13.06 4.99
CA MET C 605 -16.97 -13.93 4.19
C MET C 605 -17.78 -15.04 3.55
N ILE C 606 -18.50 -15.82 4.37
CA ILE C 606 -19.17 -17.01 3.88
C ILE C 606 -20.24 -16.63 2.85
N GLN C 607 -21.03 -15.59 3.14
CA GLN C 607 -22.09 -15.20 2.21
C GLN C 607 -21.51 -14.75 0.87
N LYS C 608 -20.48 -13.90 0.91
CA LYS C 608 -19.93 -13.40 -0.34
C LYS C 608 -19.27 -14.51 -1.14
N ILE C 609 -18.58 -15.44 -0.48
CA ILE C 609 -17.98 -16.56 -1.20
C ILE C 609 -19.05 -17.46 -1.80
N LEU C 610 -20.14 -17.66 -1.06
CA LEU C 610 -21.22 -18.52 -1.56
C LEU C 610 -21.96 -17.88 -2.73
N PHE C 611 -22.02 -16.55 -2.78
CA PHE C 611 -22.84 -15.92 -3.80
C PHE C 611 -22.04 -15.39 -4.98
N LYS C 612 -21.07 -14.50 -4.73
CA LYS C 612 -20.46 -13.73 -5.81
C LYS C 612 -19.65 -14.62 -6.75
N ASP C 613 -18.76 -15.45 -6.19
CA ASP C 613 -17.85 -16.24 -7.00
C ASP C 613 -18.24 -17.69 -7.15
N LEU C 614 -19.01 -18.23 -6.19
CA LEU C 614 -19.39 -19.65 -6.27
C LEU C 614 -20.20 -19.93 -7.52
N PHE C 615 -21.19 -19.09 -7.83
CA PHE C 615 -21.99 -19.32 -9.02
C PHE C 615 -21.21 -19.07 -10.30
N ARG C 616 -20.29 -18.11 -10.29
CA ARG C 616 -19.43 -17.90 -11.47
C ARG C 616 -18.60 -19.14 -11.75
N PHE C 617 -17.92 -19.65 -10.73
CA PHE C 617 -17.11 -20.85 -10.88
C PHE C 617 -17.98 -22.05 -11.27
N LEU C 618 -19.16 -22.16 -10.67
CA LEU C 618 -20.05 -23.27 -11.01
C LEU C 618 -20.52 -23.18 -12.44
N LEU C 619 -20.79 -21.97 -12.94
CA LEU C 619 -21.22 -21.81 -14.33
C LEU C 619 -20.12 -22.22 -15.29
N VAL C 620 -18.91 -21.73 -15.07
CA VAL C 620 -17.81 -22.10 -15.96
C VAL C 620 -17.51 -23.59 -15.86
N TYR C 621 -17.54 -24.13 -14.64
CA TYR C 621 -17.29 -25.55 -14.41
C TYR C 621 -18.32 -26.41 -15.13
N LEU C 622 -19.60 -26.03 -15.03
CA LEU C 622 -20.65 -26.78 -15.71
C LEU C 622 -20.55 -26.64 -17.22
N LEU C 623 -20.06 -25.49 -17.69
CA LEU C 623 -19.78 -25.33 -19.11
C LEU C 623 -18.76 -26.36 -19.57
N PHE C 624 -17.68 -26.50 -18.79
CA PHE C 624 -16.68 -27.52 -19.12
C PHE C 624 -17.26 -28.93 -19.02
N MET C 625 -18.08 -29.19 -17.99
CA MET C 625 -18.71 -30.50 -17.89
C MET C 625 -19.55 -30.83 -19.10
N ILE C 626 -20.44 -29.92 -19.50
CA ILE C 626 -21.31 -30.22 -20.64
C ILE C 626 -20.49 -30.39 -21.91
N GLY C 627 -19.50 -29.52 -22.13
CA GLY C 627 -18.70 -29.65 -23.34
C GLY C 627 -17.95 -30.97 -23.40
N TYR C 628 -17.27 -31.33 -22.32
CA TYR C 628 -16.44 -32.52 -22.35
C TYR C 628 -17.27 -33.80 -22.26
N ALA C 629 -18.43 -33.75 -21.60
CA ALA C 629 -19.31 -34.91 -21.58
C ALA C 629 -19.90 -35.17 -22.96
N SER C 630 -20.36 -34.11 -23.64
CA SER C 630 -20.83 -34.28 -25.01
C SER C 630 -19.69 -34.74 -25.91
N ALA C 631 -18.47 -34.30 -25.61
CA ALA C 631 -17.31 -34.74 -26.38
C ALA C 631 -17.06 -36.23 -26.21
N LEU C 632 -17.03 -36.70 -24.96
CA LEU C 632 -16.66 -38.09 -24.70
C LEU C 632 -17.78 -39.05 -25.07
N VAL C 633 -18.98 -38.82 -24.54
CA VAL C 633 -20.08 -39.77 -24.73
C VAL C 633 -20.45 -39.95 -26.20
N SER C 634 -20.43 -38.88 -26.99
CA SER C 634 -20.80 -39.00 -28.40
C SER C 634 -19.84 -39.89 -29.17
N LEU C 635 -18.60 -40.05 -28.67
CA LEU C 635 -17.63 -40.88 -29.36
C LEU C 635 -17.87 -42.37 -29.12
N LEU C 636 -18.41 -42.73 -27.97
CA LEU C 636 -18.58 -44.14 -27.62
C LEU C 636 -19.52 -44.85 -28.58
N ASN C 637 -19.24 -46.12 -28.84
CA ASN C 637 -20.04 -46.96 -29.71
C ASN C 637 -20.79 -48.00 -28.89
N PRO C 638 -22.12 -48.05 -28.97
CA PRO C 638 -22.94 -48.99 -28.20
C PRO C 638 -23.19 -50.29 -28.94
N ASP C 662 -26.08 -45.55 -24.34
CA ASP C 662 -27.38 -45.43 -23.67
C ASP C 662 -27.58 -44.01 -23.15
N SER C 663 -28.85 -43.63 -22.97
CA SER C 663 -29.16 -42.31 -22.41
C SER C 663 -28.65 -42.18 -20.99
N GLU C 664 -28.79 -43.23 -20.19
CA GLU C 664 -28.34 -43.19 -18.80
C GLU C 664 -26.83 -43.19 -18.65
N THR C 665 -26.08 -43.49 -19.72
CA THR C 665 -24.63 -43.46 -19.63
C THR C 665 -24.11 -42.06 -19.35
N PHE C 666 -24.89 -41.03 -19.71
CA PHE C 666 -24.51 -39.66 -19.37
C PHE C 666 -24.47 -39.46 -17.86
N SER C 667 -25.45 -39.99 -17.14
CA SER C 667 -25.49 -39.83 -15.69
C SER C 667 -24.29 -40.47 -15.02
N THR C 668 -23.93 -41.69 -15.46
CA THR C 668 -22.77 -42.37 -14.88
C THR C 668 -21.49 -41.61 -15.17
N PHE C 669 -21.33 -41.13 -16.40
CA PHE C 669 -20.09 -40.46 -16.78
C PHE C 669 -19.88 -39.18 -16.00
N LEU C 670 -20.95 -38.42 -15.77
CA LEU C 670 -20.82 -37.18 -15.01
C LEU C 670 -20.28 -37.45 -13.61
N LEU C 671 -20.84 -38.44 -12.92
CA LEU C 671 -20.36 -38.78 -11.59
C LEU C 671 -18.95 -39.35 -11.63
N ASP C 672 -18.63 -40.12 -12.67
CA ASP C 672 -17.28 -40.67 -12.78
C ASP C 672 -16.25 -39.56 -12.92
N LEU C 673 -16.51 -38.59 -13.79
CA LEU C 673 -15.59 -37.45 -13.93
C LEU C 673 -15.57 -36.60 -12.67
N PHE C 674 -16.71 -36.44 -12.01
CA PHE C 674 -16.74 -35.67 -10.76
C PHE C 674 -15.87 -36.33 -9.70
N LYS C 675 -15.91 -37.66 -9.59
CA LYS C 675 -15.02 -38.37 -8.69
C LYS C 675 -13.57 -38.23 -9.13
N LEU C 676 -13.33 -38.24 -10.45
CA LEU C 676 -11.97 -38.09 -10.96
C LEU C 676 -11.38 -36.74 -10.55
N THR C 677 -12.19 -35.69 -10.59
CA THR C 677 -11.72 -34.38 -10.12
C THR C 677 -11.36 -34.42 -8.65
N ILE C 678 -12.18 -35.10 -7.84
CA ILE C 678 -11.85 -35.27 -6.42
C ILE C 678 -10.72 -36.29 -6.24
N GLY C 679 -10.57 -37.23 -7.16
CA GLY C 679 -9.52 -38.21 -7.08
C GLY C 679 -9.96 -39.63 -6.79
N MET C 680 -11.26 -39.86 -6.60
CA MET C 680 -11.79 -41.19 -6.33
C MET C 680 -12.41 -41.83 -7.58
N GLY C 681 -12.03 -41.35 -8.76
CA GLY C 681 -12.55 -41.91 -10.01
C GLY C 681 -11.67 -43.04 -10.50
N ASP C 682 -12.30 -44.04 -11.10
CA ASP C 682 -11.58 -45.20 -11.61
C ASP C 682 -11.53 -45.14 -13.13
N LEU C 683 -10.34 -45.32 -13.68
CA LEU C 683 -10.09 -45.18 -15.11
C LEU C 683 -10.26 -46.48 -15.88
N GLU C 684 -11.07 -47.40 -15.38
CA GLU C 684 -11.25 -48.69 -16.05
C GLU C 684 -12.05 -48.59 -17.34
N MET C 685 -12.68 -47.44 -17.61
CA MET C 685 -13.46 -47.28 -18.84
C MET C 685 -12.60 -46.99 -20.06
N LEU C 686 -11.28 -46.86 -19.89
CA LEU C 686 -10.40 -46.63 -21.03
C LEU C 686 -10.45 -47.80 -22.01
N SER C 687 -10.69 -49.01 -21.51
CA SER C 687 -10.71 -50.18 -22.39
C SER C 687 -11.88 -50.11 -23.38
N SER C 688 -13.03 -49.62 -22.93
CA SER C 688 -14.22 -49.59 -23.76
C SER C 688 -14.26 -48.42 -24.74
N THR C 689 -13.26 -47.53 -24.68
CA THR C 689 -13.25 -46.38 -25.58
C THR C 689 -13.03 -46.83 -27.02
N LYS C 690 -13.74 -46.19 -27.95
CA LYS C 690 -13.57 -46.51 -29.36
C LYS C 690 -12.18 -46.12 -29.84
N TYR C 691 -11.72 -44.94 -29.46
CA TYR C 691 -10.37 -44.46 -29.79
C TYR C 691 -9.61 -44.24 -28.50
N PRO C 692 -8.78 -45.18 -28.06
CA PRO C 692 -8.10 -45.01 -26.76
C PRO C 692 -7.18 -43.81 -26.71
N VAL C 693 -6.53 -43.47 -27.83
CA VAL C 693 -5.52 -42.42 -27.81
C VAL C 693 -6.14 -41.06 -27.48
N VAL C 694 -7.27 -40.74 -28.11
CA VAL C 694 -7.85 -39.41 -27.96
C VAL C 694 -8.38 -39.20 -26.54
N PHE C 695 -8.94 -40.23 -25.93
CA PHE C 695 -9.55 -40.07 -24.62
C PHE C 695 -8.51 -39.81 -23.53
N ILE C 696 -7.31 -40.38 -23.68
CA ILE C 696 -6.25 -40.07 -22.72
C ILE C 696 -5.91 -38.59 -22.77
N ILE C 697 -5.74 -38.04 -23.98
CA ILE C 697 -5.45 -36.62 -24.12
C ILE C 697 -6.59 -35.78 -23.58
N LEU C 698 -7.83 -36.18 -23.87
CA LEU C 698 -8.99 -35.42 -23.40
C LEU C 698 -9.06 -35.41 -21.88
N LEU C 699 -8.77 -36.55 -21.24
CA LEU C 699 -8.78 -36.60 -19.79
C LEU C 699 -7.65 -35.76 -19.20
N VAL C 700 -6.49 -35.76 -19.85
CA VAL C 700 -5.39 -34.92 -19.38
C VAL C 700 -5.78 -33.44 -19.45
N THR C 701 -6.39 -33.04 -20.58
CA THR C 701 -6.86 -31.66 -20.68
C THR C 701 -7.95 -31.37 -19.66
N TYR C 702 -8.85 -32.33 -19.42
CA TYR C 702 -9.85 -32.18 -18.38
C TYR C 702 -9.20 -31.85 -17.05
N ILE C 703 -8.23 -32.67 -16.62
CA ILE C 703 -7.61 -32.47 -15.33
C ILE C 703 -6.88 -31.14 -15.28
N ILE C 704 -6.12 -30.82 -16.33
CA ILE C 704 -5.34 -29.58 -16.35
C ILE C 704 -6.26 -28.37 -16.28
N LEU C 705 -7.35 -28.38 -17.06
CA LEU C 705 -8.21 -27.20 -17.12
C LEU C 705 -9.08 -27.07 -15.87
N THR C 706 -9.49 -28.19 -15.28
CA THR C 706 -10.16 -28.11 -13.99
C THR C 706 -9.22 -27.54 -12.93
N PHE C 707 -7.95 -27.95 -12.96
CA PHE C 707 -6.98 -27.35 -12.05
C PHE C 707 -6.82 -25.86 -12.34
N VAL C 708 -6.84 -25.47 -13.61
CA VAL C 708 -6.71 -24.06 -13.98
C VAL C 708 -7.89 -23.26 -13.45
N LEU C 709 -9.10 -23.80 -13.58
CA LEU C 709 -10.28 -23.11 -13.04
C LEU C 709 -10.25 -23.04 -11.53
N LEU C 710 -9.77 -24.10 -10.88
CA LEU C 710 -9.61 -24.05 -9.43
C LEU C 710 -8.63 -22.95 -9.04
N LEU C 711 -7.52 -22.83 -9.78
CA LEU C 711 -6.57 -21.75 -9.52
C LEU C 711 -7.18 -20.39 -9.82
N ASN C 712 -8.05 -20.29 -10.84
CA ASN C 712 -8.72 -19.01 -11.10
C ASN C 712 -9.59 -18.61 -9.93
N MET C 713 -10.40 -19.54 -9.43
CA MET C 713 -11.25 -19.23 -8.29
C MET C 713 -10.40 -18.87 -7.08
N LEU C 714 -9.32 -19.63 -6.86
CA LEU C 714 -8.39 -19.32 -5.78
C LEU C 714 -7.84 -17.90 -5.94
N ILE C 715 -7.39 -17.54 -7.14
CA ILE C 715 -6.71 -16.27 -7.34
C ILE C 715 -7.67 -15.09 -7.22
N ALA C 716 -8.86 -15.23 -7.79
CA ALA C 716 -9.89 -14.22 -7.56
C ALA C 716 -10.12 -14.04 -6.06
N LEU C 717 -10.33 -15.15 -5.35
CA LEU C 717 -10.66 -15.07 -3.93
C LEU C 717 -9.46 -14.60 -3.10
N MET C 718 -8.25 -14.70 -3.63
CA MET C 718 -7.09 -14.31 -2.84
C MET C 718 -6.72 -12.85 -3.05
N GLY C 719 -6.86 -12.37 -4.28
CA GLY C 719 -6.52 -10.97 -4.49
C GLY C 719 -7.70 -10.04 -4.52
N GLU C 720 -8.67 -10.35 -5.38
CA GLU C 720 -9.73 -9.39 -5.67
C GLU C 720 -10.74 -9.34 -4.53
N THR C 721 -10.95 -10.46 -3.85
CA THR C 721 -11.83 -10.48 -2.69
C THR C 721 -11.25 -9.65 -1.54
N VAL C 722 -9.99 -9.91 -1.19
CA VAL C 722 -9.42 -9.21 -0.03
C VAL C 722 -9.22 -7.74 -0.34
N GLY C 723 -9.04 -7.40 -1.62
CA GLY C 723 -8.92 -5.99 -1.98
C GLY C 723 -10.19 -5.21 -1.67
N GLN C 724 -11.34 -5.84 -1.91
CA GLN C 724 -12.61 -5.14 -1.73
C GLN C 724 -13.34 -5.63 -0.48
N VAL C 725 -13.53 -6.94 -0.36
CA VAL C 725 -14.45 -7.49 0.63
C VAL C 725 -13.95 -7.26 2.04
N SER C 726 -12.63 -7.39 2.26
CA SER C 726 -12.09 -7.27 3.61
C SER C 726 -12.38 -5.90 4.20
N LYS C 727 -12.22 -4.85 3.40
CA LYS C 727 -12.58 -3.51 3.86
C LYS C 727 -14.09 -3.37 4.01
N GLU C 728 -14.85 -3.89 3.05
CA GLU C 728 -16.30 -3.72 3.05
C GLU C 728 -16.96 -4.56 4.12
N SER C 729 -16.27 -5.56 4.65
CA SER C 729 -16.89 -6.48 5.60
C SER C 729 -17.21 -5.78 6.92
N LYS C 730 -16.28 -4.97 7.42
CA LYS C 730 -16.56 -4.21 8.63
C LYS C 730 -17.70 -3.23 8.44
N HIS C 731 -17.73 -2.58 7.27
CA HIS C 731 -18.81 -1.63 6.98
C HIS C 731 -20.15 -2.34 6.93
N ILE C 732 -20.20 -3.53 6.32
CA ILE C 732 -21.45 -4.26 6.25
C ILE C 732 -21.86 -4.77 7.63
N TRP C 733 -20.89 -5.18 8.46
CA TRP C 733 -21.23 -5.61 9.80
C TRP C 733 -21.80 -4.46 10.62
N LYS C 734 -21.27 -3.25 10.43
CA LYS C 734 -21.81 -2.11 11.16
C LYS C 734 -23.27 -1.89 10.81
N LEU C 735 -23.61 -1.97 9.51
CA LEU C 735 -24.99 -1.79 9.10
C LEU C 735 -25.88 -2.91 9.64
N GLN C 736 -25.36 -4.15 9.63
CA GLN C 736 -26.13 -5.26 10.16
C GLN C 736 -26.41 -5.08 11.65
N TRP C 737 -25.40 -4.66 12.40
CA TRP C 737 -25.57 -4.43 13.83
C TRP C 737 -26.59 -3.34 14.08
N ALA C 738 -26.51 -2.23 13.33
CA ALA C 738 -27.46 -1.14 13.51
C ALA C 738 -28.89 -1.58 13.19
N THR C 739 -29.06 -2.32 12.08
CA THR C 739 -30.42 -2.72 11.71
C THR C 739 -30.98 -3.74 12.68
N THR C 740 -30.13 -4.59 13.26
CA THR C 740 -30.62 -5.51 14.27
C THR C 740 -31.01 -4.77 15.55
N ILE C 741 -30.23 -3.76 15.94
CA ILE C 741 -30.60 -2.95 17.09
C ILE C 741 -31.98 -2.32 16.87
N LEU C 742 -32.19 -1.76 15.68
CA LEU C 742 -33.46 -1.08 15.42
C LEU C 742 -34.60 -2.08 15.31
N ASP C 743 -34.35 -3.27 14.78
CA ASP C 743 -35.40 -4.29 14.73
C ASP C 743 -35.78 -4.72 16.14
N ILE C 744 -34.80 -4.92 17.02
CA ILE C 744 -35.09 -5.26 18.40
C ILE C 744 -35.92 -4.17 19.06
N GLU C 745 -35.56 -2.89 18.80
CA GLU C 745 -36.37 -1.81 19.34
C GLU C 745 -37.80 -1.86 18.82
N ARG C 746 -37.97 -2.00 17.51
CA ARG C 746 -39.31 -2.01 16.94
C ARG C 746 -40.12 -3.22 17.39
N SER C 747 -39.46 -4.27 17.87
CA SER C 747 -40.19 -5.40 18.44
C SER C 747 -40.97 -4.99 19.68
N PHE C 748 -40.38 -4.13 20.51
CA PHE C 748 -41.01 -3.72 21.76
C PHE C 748 -42.26 -2.88 21.50
N PRO C 749 -43.21 -2.90 22.43
CA PRO C 749 -44.35 -1.99 22.34
C PRO C 749 -43.94 -0.56 22.62
N VAL C 750 -44.87 0.36 22.34
CA VAL C 750 -44.55 1.79 22.40
C VAL C 750 -44.19 2.20 23.82
N PHE C 751 -44.98 1.76 24.80
CA PHE C 751 -44.72 2.18 26.18
C PHE C 751 -43.39 1.63 26.69
N LEU C 752 -43.05 0.39 26.30
CA LEU C 752 -41.78 -0.19 26.73
C LEU C 752 -40.60 0.55 26.13
N ARG C 753 -40.71 0.97 24.86
CA ARG C 753 -39.64 1.70 24.22
C ARG C 753 -39.40 3.04 24.91
N LYS C 754 -40.46 3.68 25.40
CA LYS C 754 -40.30 4.93 26.13
C LYS C 754 -39.50 4.72 27.40
N ALA C 755 -39.66 3.57 28.05
CA ALA C 755 -38.87 3.28 29.25
C ALA C 755 -37.39 3.21 28.93
N PHE C 756 -37.04 2.52 27.83
CA PHE C 756 -35.65 2.44 27.39
C PHE C 756 -35.32 3.55 26.39
N ARG C 757 -35.58 4.79 26.77
CA ARG C 757 -35.31 5.94 25.91
C ARG C 757 -33.97 6.53 26.29
N SER C 758 -33.05 6.57 25.32
CA SER C 758 -31.71 7.07 25.58
C SER C 758 -31.73 8.57 25.83
N GLY C 759 -30.75 9.04 26.59
CA GLY C 759 -30.58 10.45 26.85
C GLY C 759 -31.37 10.93 28.05
N GLU C 760 -31.14 12.19 28.39
CA GLU C 760 -31.74 12.82 29.55
C GLU C 760 -33.00 13.57 29.14
N MET C 761 -33.56 14.33 30.08
CA MET C 761 -34.68 15.23 29.83
C MET C 761 -34.27 16.64 30.20
N VAL C 762 -33.12 17.08 29.69
CA VAL C 762 -32.52 18.33 30.12
C VAL C 762 -33.41 19.52 29.76
N THR C 763 -33.36 20.55 30.58
CA THR C 763 -33.92 21.85 30.27
C THR C 763 -32.80 22.75 29.79
N VAL C 764 -32.89 23.21 28.55
CA VAL C 764 -31.80 23.95 27.92
C VAL C 764 -31.89 25.44 28.22
N GLY C 765 -33.08 26.02 28.14
CA GLY C 765 -33.22 27.43 28.40
C GLY C 765 -34.67 27.86 28.30
N LYS C 766 -34.91 29.12 28.66
CA LYS C 766 -36.25 29.68 28.55
C LYS C 766 -36.58 29.94 27.09
N SER C 767 -37.82 29.64 26.72
CA SER C 767 -38.28 29.84 25.36
C SER C 767 -38.54 31.32 25.13
N SER C 768 -39.15 31.65 23.98
CA SER C 768 -39.48 33.04 23.70
C SER C 768 -40.48 33.59 24.72
N ASP C 769 -41.30 32.71 25.28
CA ASP C 769 -42.26 33.08 26.31
C ASP C 769 -41.76 32.78 27.72
N GLY C 770 -40.50 32.36 27.87
CA GLY C 770 -39.94 32.04 29.15
C GLY C 770 -40.12 30.61 29.61
N THR C 771 -40.87 29.80 28.86
CA THR C 771 -41.07 28.41 29.23
C THR C 771 -39.80 27.60 28.96
N PRO C 772 -39.56 26.56 29.74
CA PRO C 772 -38.40 25.70 29.49
C PRO C 772 -38.58 24.87 28.21
N ASP C 773 -37.44 24.51 27.63
CA ASP C 773 -37.48 23.71 26.40
C ASP C 773 -37.88 22.26 26.70
N ARG C 774 -37.12 21.60 27.58
CA ARG C 774 -37.40 20.21 27.97
C ARG C 774 -37.36 19.29 26.74
N ARG C 775 -36.18 19.20 26.15
CA ARG C 775 -35.94 18.39 24.96
C ARG C 775 -35.04 17.22 25.32
N TRP C 776 -35.40 16.03 24.83
CA TRP C 776 -34.69 14.82 25.19
C TRP C 776 -33.33 14.82 24.52
N CYS C 777 -32.31 15.32 25.20
CA CYS C 777 -30.98 15.46 24.66
C CYS C 777 -30.13 14.26 25.06
N PHE C 778 -28.90 14.24 24.56
CA PHE C 778 -28.00 13.11 24.75
C PHE C 778 -26.59 13.64 24.88
N ARG C 779 -25.98 13.45 26.04
CA ARG C 779 -24.69 14.07 26.34
C ARG C 779 -23.53 13.14 26.02
N VAL C 780 -22.55 13.68 25.31
CA VAL C 780 -21.26 13.03 25.14
C VAL C 780 -20.19 14.04 25.52
N ASP C 781 -19.25 13.59 26.34
CA ASP C 781 -18.24 14.45 26.92
C ASP C 781 -16.88 14.15 26.30
N GLU C 782 -16.09 15.21 26.16
CA GLU C 782 -14.81 15.14 25.46
C GLU C 782 -13.73 15.76 26.33
N VAL C 783 -12.48 15.55 25.92
CA VAL C 783 -11.32 16.12 26.59
C VAL C 783 -10.55 16.91 25.55
N ASN C 784 -10.48 18.22 25.74
CA ASN C 784 -9.79 19.10 24.81
C ASN C 784 -8.75 19.91 25.57
N TRP C 785 -7.52 19.92 25.06
CA TRP C 785 -6.44 20.68 25.65
C TRP C 785 -6.07 21.92 24.85
N SER C 786 -6.98 22.42 24.01
CA SER C 786 -6.71 23.62 23.22
C SER C 786 -7.92 24.56 23.24
N VAL D 148 -35.07 42.20 54.48
CA VAL D 148 -35.23 40.74 54.43
C VAL D 148 -34.37 40.17 53.31
N PHE D 149 -33.44 39.29 53.67
CA PHE D 149 -32.56 38.62 52.72
C PHE D 149 -32.71 37.12 52.89
N ASN D 150 -33.44 36.50 51.99
CA ASN D 150 -33.57 35.05 51.98
C ASN D 150 -32.56 34.45 51.01
N ARG D 151 -32.34 33.15 51.14
CA ARG D 151 -31.33 32.45 50.34
C ARG D 151 -31.56 32.55 48.83
N PRO D 152 -32.75 32.26 48.28
CA PRO D 152 -32.93 32.43 46.84
C PRO D 152 -32.64 33.85 46.36
N ILE D 153 -33.07 34.86 47.12
CA ILE D 153 -32.86 36.25 46.71
C ILE D 153 -31.37 36.58 46.70
N LEU D 154 -30.66 36.19 47.76
CA LEU D 154 -29.24 36.50 47.83
C LEU D 154 -28.47 35.81 46.70
N PHE D 155 -28.82 34.55 46.42
CA PHE D 155 -28.16 33.85 45.33
C PHE D 155 -28.47 34.48 43.98
N ASP D 156 -29.71 34.93 43.77
CA ASP D 156 -30.05 35.60 42.53
C ASP D 156 -29.24 36.89 42.38
N ILE D 157 -29.14 37.67 43.46
CA ILE D 157 -28.38 38.93 43.41
C ILE D 157 -26.92 38.65 43.11
N VAL D 158 -26.33 37.67 43.79
CA VAL D 158 -24.91 37.41 43.63
C VAL D 158 -24.62 36.80 42.26
N SER D 159 -25.55 36.02 41.71
CA SER D 159 -25.35 35.44 40.39
C SER D 159 -25.52 36.50 39.30
N ARG D 160 -26.40 37.47 39.51
CA ARG D 160 -26.57 38.58 38.59
C ARG D 160 -25.48 39.64 38.75
N GLY D 161 -24.67 39.55 39.80
CA GLY D 161 -23.61 40.51 40.01
C GLY D 161 -24.06 41.89 40.43
N SER D 162 -25.28 42.00 40.96
CA SER D 162 -25.82 43.30 41.38
C SER D 162 -25.23 43.67 42.73
N THR D 163 -24.11 44.38 42.70
CA THR D 163 -23.47 44.79 43.95
C THR D 163 -24.30 45.85 44.68
N ALA D 164 -25.21 46.52 43.98
CA ALA D 164 -25.99 47.58 44.61
C ALA D 164 -27.00 47.02 45.61
N ASP D 165 -27.52 45.83 45.35
CA ASP D 165 -28.59 45.25 46.17
C ASP D 165 -28.08 44.70 47.50
N LEU D 166 -26.81 44.90 47.83
CA LEU D 166 -26.22 44.32 49.03
C LEU D 166 -26.00 45.35 50.14
N ASP D 167 -26.50 46.57 49.96
CA ASP D 167 -26.31 47.60 50.97
C ASP D 167 -27.04 47.24 52.27
N GLY D 168 -28.26 46.71 52.16
CA GLY D 168 -29.03 46.39 53.34
C GLY D 168 -28.65 45.07 53.98
N LEU D 169 -27.75 44.32 53.35
CA LEU D 169 -27.33 43.04 53.91
C LEU D 169 -26.61 43.22 55.23
N LEU D 170 -25.76 44.25 55.33
CA LEU D 170 -25.00 44.48 56.55
C LEU D 170 -25.89 44.76 57.76
N PRO D 171 -26.87 45.68 57.71
CA PRO D 171 -27.75 45.86 58.88
C PRO D 171 -28.52 44.60 59.22
N PHE D 172 -28.94 43.83 58.21
CA PHE D 172 -29.67 42.59 58.48
C PHE D 172 -28.78 41.62 59.25
N LEU D 173 -27.54 41.44 58.79
CA LEU D 173 -26.64 40.50 59.46
C LEU D 173 -26.29 40.97 60.86
N LEU D 174 -26.07 42.28 61.03
CA LEU D 174 -25.67 42.79 62.33
C LEU D 174 -26.81 42.74 63.34
N THR D 175 -28.01 43.14 62.92
CA THR D 175 -29.13 43.24 63.87
C THR D 175 -29.67 41.86 64.24
N HIS D 176 -29.77 40.96 63.27
CA HIS D 176 -30.36 39.64 63.49
C HIS D 176 -29.35 38.62 63.99
N LYS D 177 -28.10 39.03 64.20
CA LYS D 177 -27.04 38.15 64.68
C LYS D 177 -26.87 36.94 63.77
N LYS D 178 -26.94 37.20 62.46
CA LYS D 178 -26.77 36.18 61.45
C LYS D 178 -25.45 36.42 60.72
N ARG D 179 -24.82 35.33 60.29
CA ARG D 179 -23.52 35.36 59.64
C ARG D 179 -23.63 34.76 58.25
N LEU D 180 -22.73 35.19 57.36
CA LEU D 180 -22.75 34.69 55.99
C LEU D 180 -22.41 33.20 55.91
N THR D 181 -21.86 32.64 56.97
CA THR D 181 -21.54 31.22 57.03
C THR D 181 -22.66 30.39 57.68
N ASP D 182 -23.81 30.98 57.94
CA ASP D 182 -24.91 30.26 58.55
C ASP D 182 -25.49 29.23 57.58
N GLU D 183 -26.12 28.19 58.15
CA GLU D 183 -26.74 27.16 57.33
C GLU D 183 -27.85 27.71 56.44
N GLU D 184 -28.53 28.77 56.88
CA GLU D 184 -29.61 29.35 56.09
C GLU D 184 -29.10 29.89 54.76
N PHE D 185 -27.80 30.13 54.64
CA PHE D 185 -27.22 30.70 53.44
C PHE D 185 -26.46 29.69 52.60
N ARG D 186 -26.73 28.39 52.77
CA ARG D 186 -26.13 27.35 51.95
C ARG D 186 -27.21 26.49 51.31
N GLU D 187 -26.95 26.04 50.08
CA GLU D 187 -27.81 25.04 49.47
C GLU D 187 -27.76 23.76 50.33
N PRO D 188 -28.91 23.18 50.68
CA PRO D 188 -28.87 21.95 51.49
C PRO D 188 -28.21 20.79 50.77
N SER D 189 -28.13 20.84 49.44
CA SER D 189 -27.59 19.71 48.68
C SER D 189 -26.08 19.62 48.81
N THR D 190 -25.37 20.72 48.55
CA THR D 190 -23.92 20.69 48.44
C THR D 190 -23.19 21.41 49.58
N GLY D 191 -23.82 22.39 50.23
CA GLY D 191 -23.11 23.22 51.17
C GLY D 191 -22.38 24.38 50.54
N LYS D 192 -22.58 24.61 49.24
CA LYS D 192 -21.95 25.72 48.56
C LYS D 192 -22.30 27.05 49.23
N THR D 193 -21.32 27.93 49.33
CA THR D 193 -21.55 29.26 49.87
C THR D 193 -21.65 30.28 48.74
N CYS D 194 -21.76 31.56 49.12
CA CYS D 194 -22.01 32.60 48.13
C CYS D 194 -20.81 32.81 47.20
N LEU D 195 -19.60 32.72 47.75
CA LEU D 195 -18.42 33.01 46.93
C LEU D 195 -18.25 32.03 45.78
N PRO D 196 -18.39 30.71 45.96
CA PRO D 196 -18.39 29.82 44.78
C PRO D 196 -19.48 30.14 43.78
N LYS D 197 -20.68 30.52 44.24
CA LYS D 197 -21.74 30.88 43.30
C LYS D 197 -21.34 32.09 42.47
N ALA D 198 -20.73 33.09 43.11
CA ALA D 198 -20.32 34.27 42.37
C ALA D 198 -19.18 33.98 41.42
N LEU D 199 -18.22 33.14 41.83
CA LEU D 199 -17.10 32.83 40.96
C LEU D 199 -17.53 32.00 39.75
N LEU D 200 -18.42 31.02 39.96
CA LEU D 200 -18.90 30.22 38.84
C LEU D 200 -19.66 31.08 37.83
N ASN D 201 -20.53 31.97 38.32
CA ASN D 201 -21.29 32.87 37.45
C ASN D 201 -20.47 34.14 37.21
N LEU D 202 -19.45 33.98 36.37
CA LEU D 202 -18.53 35.05 36.06
C LEU D 202 -18.96 35.76 34.77
N SER D 203 -19.06 37.08 34.83
CA SER D 203 -19.50 37.89 33.70
C SER D 203 -18.30 38.67 33.15
N ASN D 204 -17.85 38.28 31.96
CA ASN D 204 -16.76 38.97 31.25
C ASN D 204 -15.49 39.02 32.09
N GLY D 205 -15.26 37.99 32.90
CA GLY D 205 -14.05 37.88 33.68
C GLY D 205 -14.01 38.69 34.95
N ARG D 206 -15.07 39.44 35.27
CA ARG D 206 -15.09 40.25 36.49
C ARG D 206 -16.49 40.19 37.10
N ASN D 207 -16.54 39.85 38.39
CA ASN D 207 -17.76 39.99 39.18
C ASN D 207 -17.50 41.01 40.29
N ASP D 208 -18.34 42.03 40.33
CA ASP D 208 -18.10 43.14 41.26
C ASP D 208 -18.49 42.81 42.70
N THR D 209 -19.22 41.74 42.93
CA THR D 209 -19.69 41.40 44.27
C THR D 209 -18.62 40.72 45.12
N ILE D 210 -17.48 40.35 44.54
CA ILE D 210 -16.47 39.62 45.30
C ILE D 210 -15.84 40.47 46.39
N PRO D 211 -15.32 41.68 46.12
CA PRO D 211 -14.78 42.48 47.23
C PRO D 211 -15.82 42.85 48.27
N VAL D 212 -17.07 43.07 47.85
CA VAL D 212 -18.13 43.37 48.80
C VAL D 212 -18.37 42.18 49.72
N LEU D 213 -18.44 40.98 49.14
CA LEU D 213 -18.64 39.78 49.94
C LEU D 213 -17.47 39.56 50.89
N LEU D 214 -16.25 39.82 50.43
CA LEU D 214 -15.09 39.69 51.31
C LEU D 214 -15.19 40.68 52.47
N ASP D 215 -15.55 41.93 52.18
CA ASP D 215 -15.69 42.94 53.23
C ASP D 215 -16.72 42.51 54.24
N ILE D 216 -17.85 41.99 53.77
CA ILE D 216 -18.85 41.42 54.68
C ILE D 216 -18.24 40.29 55.49
N ALA D 217 -17.34 39.52 54.87
CA ALA D 217 -16.73 38.38 55.55
C ALA D 217 -15.92 38.82 56.76
N GLU D 218 -15.10 39.86 56.62
CA GLU D 218 -14.39 40.27 57.84
C GLU D 218 -15.33 41.03 58.78
N ARG D 219 -16.30 41.77 58.23
CA ARG D 219 -17.17 42.58 59.08
C ARG D 219 -18.05 41.73 59.98
N THR D 220 -18.46 40.54 59.51
CA THR D 220 -19.19 39.61 60.37
C THR D 220 -18.28 38.88 61.34
N GLY D 221 -16.96 38.95 61.15
CA GLY D 221 -16.01 38.36 62.07
C GLY D 221 -15.65 36.91 61.78
N ASN D 222 -16.24 36.30 60.76
CA ASN D 222 -16.02 34.88 60.45
C ASN D 222 -15.59 34.72 59.01
N MET D 223 -14.60 35.49 58.59
CA MET D 223 -14.09 35.41 57.23
C MET D 223 -13.41 34.07 56.97
N ARG D 224 -12.72 33.53 57.97
CA ARG D 224 -11.95 32.30 57.79
C ARG D 224 -12.85 31.14 57.40
N GLU D 225 -14.00 31.00 58.06
CA GLU D 225 -14.92 29.93 57.72
C GLU D 225 -15.57 30.13 56.36
N PHE D 226 -15.65 31.37 55.89
CA PHE D 226 -16.31 31.69 54.62
C PHE D 226 -15.40 31.49 53.42
N ILE D 227 -14.16 32.00 53.49
CA ILE D 227 -13.30 32.06 52.31
C ILE D 227 -12.93 30.66 51.84
N ASN D 228 -12.75 29.73 52.77
CA ASN D 228 -12.47 28.33 52.43
C ASN D 228 -13.57 27.47 53.07
N SER D 229 -14.67 27.32 52.36
CA SER D 229 -15.79 26.50 52.82
C SER D 229 -15.92 25.29 51.92
N PRO D 230 -15.53 24.10 52.35
CA PRO D 230 -15.59 22.93 51.48
C PRO D 230 -17.03 22.54 51.16
N PHE D 231 -17.20 22.01 49.95
CA PHE D 231 -18.47 21.44 49.57
C PHE D 231 -18.71 20.17 50.37
N ARG D 232 -19.98 19.90 50.67
CA ARG D 232 -20.32 18.76 51.51
C ARG D 232 -20.80 17.54 50.74
N ASP D 233 -21.29 17.70 49.52
CA ASP D 233 -21.79 16.58 48.75
C ASP D 233 -20.65 15.64 48.39
N ILE D 234 -20.98 14.35 48.28
CA ILE D 234 -19.99 13.33 47.94
C ILE D 234 -19.46 13.57 46.53
N TYR D 235 -20.23 14.29 45.71
CA TYR D 235 -19.87 14.47 44.31
C TYR D 235 -18.78 15.51 44.13
N TYR D 236 -18.77 16.57 44.92
CA TYR D 236 -17.79 17.64 44.84
C TYR D 236 -17.05 17.85 46.17
N ARG D 237 -16.93 16.81 46.98
CA ARG D 237 -16.45 16.95 48.34
C ARG D 237 -15.08 17.60 48.40
N GLY D 238 -14.92 18.57 49.30
CA GLY D 238 -13.65 19.19 49.56
C GLY D 238 -13.32 20.40 48.73
N GLN D 239 -13.99 20.60 47.61
CA GLN D 239 -13.66 21.70 46.71
C GLN D 239 -13.91 23.03 47.40
N THR D 240 -12.99 23.96 47.23
CA THR D 240 -13.10 25.29 47.82
C THR D 240 -13.16 26.35 46.72
N ALA D 241 -13.41 27.59 47.13
CA ALA D 241 -13.47 28.69 46.18
C ALA D 241 -12.14 28.88 45.47
N LEU D 242 -11.04 28.48 46.10
CA LEU D 242 -9.74 28.59 45.45
C LEU D 242 -9.65 27.70 44.22
N HIS D 243 -10.22 26.49 44.30
CA HIS D 243 -10.25 25.61 43.14
C HIS D 243 -11.02 26.25 41.99
N ILE D 244 -12.17 26.85 42.28
CA ILE D 244 -12.96 27.50 41.24
C ILE D 244 -12.18 28.67 40.64
N ALA D 245 -11.53 29.47 41.48
CA ALA D 245 -10.77 30.61 40.98
C ALA D 245 -9.65 30.14 40.06
N ILE D 246 -8.96 29.06 40.44
CA ILE D 246 -7.86 28.56 39.62
C ILE D 246 -8.38 27.97 38.32
N GLU D 247 -9.49 27.22 38.38
CA GLU D 247 -10.01 26.56 37.19
C GLU D 247 -10.55 27.57 36.20
N ARG D 248 -11.20 28.63 36.68
CA ARG D 248 -11.74 29.66 35.80
C ARG D 248 -10.65 30.51 35.15
N ARG D 249 -9.39 30.31 35.56
CA ARG D 249 -8.24 31.00 34.96
C ARG D 249 -8.27 32.51 35.25
N CYS D 250 -8.54 32.85 36.50
CA CYS D 250 -8.53 34.23 36.96
C CYS D 250 -7.36 34.42 37.91
N LYS D 251 -6.23 34.90 37.38
CA LYS D 251 -5.07 35.17 38.23
C LYS D 251 -5.36 36.26 39.24
N HIS D 252 -6.04 37.34 38.82
CA HIS D 252 -6.35 38.41 39.76
C HIS D 252 -7.26 37.92 40.87
N TYR D 253 -8.27 37.13 40.53
CA TYR D 253 -9.15 36.60 41.57
C TYR D 253 -8.44 35.64 42.51
N VAL D 254 -7.55 34.79 42.01
CA VAL D 254 -6.82 33.89 42.90
C VAL D 254 -5.89 34.70 43.81
N GLU D 255 -5.32 35.79 43.29
CA GLU D 255 -4.48 36.65 44.12
C GLU D 255 -5.30 37.29 45.24
N LEU D 256 -6.41 37.93 44.90
CA LEU D 256 -7.21 38.57 45.94
C LEU D 256 -7.86 37.55 46.87
N LEU D 257 -7.99 36.31 46.43
CA LEU D 257 -8.58 35.29 47.27
C LEU D 257 -7.57 34.69 48.24
N VAL D 258 -6.32 34.53 47.80
CA VAL D 258 -5.31 33.97 48.70
C VAL D 258 -4.74 35.05 49.62
N ALA D 259 -4.75 36.32 49.19
CA ALA D 259 -4.25 37.37 50.04
C ALA D 259 -5.13 37.60 51.26
N GLN D 260 -6.39 37.17 51.21
CA GLN D 260 -7.31 37.32 52.32
C GLN D 260 -7.29 36.09 53.23
N GLY D 261 -6.57 35.05 52.84
CA GLY D 261 -6.42 33.88 53.70
C GLY D 261 -7.04 32.60 53.18
N ALA D 262 -6.94 32.36 51.87
CA ALA D 262 -7.42 31.11 51.29
C ALA D 262 -6.43 29.99 51.54
N ASP D 263 -6.93 28.83 51.92
CA ASP D 263 -6.07 27.67 52.13
C ASP D 263 -5.58 27.14 50.78
N VAL D 264 -4.26 27.01 50.63
CA VAL D 264 -3.67 26.60 49.36
C VAL D 264 -3.31 25.13 49.40
N HIS D 265 -3.82 24.41 50.39
CA HIS D 265 -3.57 22.98 50.49
C HIS D 265 -4.85 22.18 50.63
N ALA D 266 -6.01 22.81 50.43
CA ALA D 266 -7.28 22.10 50.53
C ALA D 266 -7.38 21.06 49.43
N GLN D 267 -7.77 19.84 49.80
CA GLN D 267 -7.77 18.70 48.90
C GLN D 267 -9.19 18.46 48.39
N ALA D 268 -9.38 18.61 47.09
CA ALA D 268 -10.67 18.35 46.45
C ALA D 268 -10.74 16.86 46.12
N ARG D 269 -11.40 16.09 46.97
CA ARG D 269 -11.39 14.63 46.86
C ARG D 269 -12.79 14.06 46.63
N GLY D 270 -13.66 14.79 45.96
CA GLY D 270 -14.98 14.29 45.66
C GLY D 270 -14.97 13.26 44.56
N ARG D 271 -16.15 12.68 44.30
CA ARG D 271 -16.25 11.66 43.27
C ARG D 271 -16.01 12.23 41.88
N PHE D 272 -16.26 13.53 41.68
CA PHE D 272 -15.98 14.13 40.38
C PHE D 272 -14.49 14.28 40.16
N PHE D 273 -13.73 14.58 41.21
CA PHE D 273 -12.28 14.77 41.10
C PHE D 273 -11.55 13.44 41.34
N GLN D 274 -11.85 12.46 40.50
CA GLN D 274 -11.25 11.14 40.59
C GLN D 274 -10.80 10.70 39.22
N PRO D 275 -9.84 9.78 39.14
CA PRO D 275 -9.38 9.29 37.83
C PRO D 275 -10.52 8.67 37.05
N LYS D 276 -10.42 8.77 35.72
CA LYS D 276 -11.50 8.31 34.85
C LYS D 276 -11.83 6.84 35.09
N ASP D 277 -10.86 6.06 35.57
CA ASP D 277 -11.07 4.63 35.72
C ASP D 277 -11.86 4.27 36.98
N GLU D 278 -12.05 5.21 37.90
CA GLU D 278 -12.70 4.92 39.18
C GLU D 278 -13.96 5.77 39.32
N GLY D 279 -14.61 6.09 38.21
CA GLY D 279 -15.81 6.89 38.24
C GLY D 279 -15.55 8.36 38.51
N GLY D 280 -14.93 9.02 37.54
CA GLY D 280 -14.68 10.45 37.63
C GLY D 280 -14.39 10.99 36.25
N TYR D 281 -14.36 12.32 36.17
CA TYR D 281 -14.09 12.99 34.90
C TYR D 281 -12.80 13.77 34.86
N PHE D 282 -12.19 14.10 36.01
CA PHE D 282 -10.96 14.87 35.99
C PHE D 282 -10.18 14.62 37.26
N TYR D 283 -8.99 14.04 37.14
CA TYR D 283 -8.06 13.90 38.27
C TYR D 283 -6.85 14.78 37.98
N PHE D 284 -6.71 15.86 38.76
CA PHE D 284 -5.67 16.84 38.55
C PHE D 284 -4.64 16.84 39.66
N GLY D 285 -4.67 15.86 40.55
CA GLY D 285 -3.75 15.78 41.66
C GLY D 285 -4.32 16.19 42.99
N GLU D 286 -5.60 16.57 43.05
CA GLU D 286 -6.30 16.75 44.31
C GLU D 286 -5.68 17.88 45.14
N LEU D 287 -5.28 18.97 44.48
CA LEU D 287 -4.59 20.03 45.19
C LEU D 287 -4.60 21.30 44.35
N PRO D 288 -4.72 22.48 44.95
CA PRO D 288 -4.75 23.71 44.15
C PRO D 288 -3.52 23.91 43.29
N LEU D 289 -2.34 23.63 43.82
CA LEU D 289 -1.13 23.72 43.02
C LEU D 289 -1.13 22.70 41.90
N SER D 290 -1.52 21.46 42.21
CA SER D 290 -1.64 20.44 41.17
C SER D 290 -2.73 20.80 40.19
N LEU D 291 -3.76 21.52 40.65
CA LEU D 291 -4.82 21.94 39.74
C LEU D 291 -4.32 22.99 38.75
N ALA D 292 -3.61 24.00 39.23
CA ALA D 292 -3.05 25.00 38.34
C ALA D 292 -1.99 24.39 37.44
N ALA D 293 -1.34 23.32 37.90
CA ALA D 293 -0.35 22.65 37.08
C ALA D 293 -0.99 21.82 35.98
N CYS D 294 -2.10 21.16 36.29
CA CYS D 294 -2.71 20.22 35.35
C CYS D 294 -3.63 20.90 34.35
N THR D 295 -3.86 22.21 34.49
CA THR D 295 -4.65 22.96 33.52
C THR D 295 -3.82 23.97 32.75
N ASN D 296 -2.50 23.80 32.72
CA ASN D 296 -1.59 24.64 31.93
C ASN D 296 -1.74 26.12 32.31
N GLN D 297 -1.39 26.42 33.57
CA GLN D 297 -1.46 27.76 34.11
C GLN D 297 -0.13 28.09 34.76
N PRO D 298 0.91 28.30 33.97
CA PRO D 298 2.24 28.51 34.57
C PRO D 298 2.32 29.74 35.46
N HIS D 299 1.63 30.83 35.11
CA HIS D 299 1.73 32.06 35.89
C HIS D 299 1.06 31.90 37.26
N ILE D 300 -0.11 31.25 37.28
CA ILE D 300 -0.77 31.02 38.56
C ILE D 300 0.07 30.10 39.44
N VAL D 301 0.74 29.14 38.84
CA VAL D 301 1.65 28.27 39.61
C VAL D 301 2.82 29.07 40.15
N ASN D 302 3.40 29.95 39.33
CA ASN D 302 4.49 30.78 39.80
C ASN D 302 4.06 31.62 40.99
N TYR D 303 2.85 32.20 40.91
CA TYR D 303 2.36 33.00 42.03
C TYR D 303 2.10 32.12 43.25
N LEU D 304 1.56 30.92 43.05
CA LEU D 304 1.24 30.05 44.18
C LEU D 304 2.49 29.59 44.90
N THR D 305 3.58 29.37 44.16
CA THR D 305 4.81 28.88 44.78
C THR D 305 5.52 29.98 45.57
N GLU D 306 5.48 31.21 45.08
CA GLU D 306 6.13 32.34 45.73
C GLU D 306 5.13 33.49 45.88
N ASN D 307 4.71 33.75 47.11
CA ASN D 307 3.84 34.87 47.44
C ASN D 307 4.05 35.21 48.90
N PRO D 308 3.93 36.49 49.27
CA PRO D 308 4.19 36.88 50.66
C PRO D 308 3.28 36.21 51.68
N HIS D 309 2.03 35.90 51.32
CA HIS D 309 1.07 35.47 52.32
C HIS D 309 1.23 34.00 52.70
N LYS D 310 1.05 33.10 51.73
CA LYS D 310 1.08 31.67 52.02
C LYS D 310 1.57 30.93 50.79
N LYS D 311 2.66 30.18 50.94
CA LYS D 311 3.32 29.51 49.83
C LYS D 311 3.00 28.02 49.87
N ALA D 312 2.58 27.48 48.73
CA ALA D 312 2.28 26.06 48.61
C ALA D 312 3.53 25.34 48.09
N ASP D 313 4.11 24.48 48.91
CA ASP D 313 5.30 23.76 48.51
C ASP D 313 4.97 22.64 47.54
N MET D 314 5.90 22.37 46.63
CA MET D 314 5.70 21.36 45.60
C MET D 314 5.74 19.94 46.15
N ARG D 315 6.22 19.74 47.37
CA ARG D 315 6.44 18.40 47.89
C ARG D 315 5.21 17.79 48.53
N ARG D 316 4.14 18.55 48.72
CA ARG D 316 2.98 18.02 49.42
C ARG D 316 2.28 16.97 48.55
N GLN D 317 1.87 15.89 49.19
CA GLN D 317 1.17 14.79 48.53
C GLN D 317 -0.30 14.83 48.89
N ASP D 318 -1.13 14.34 47.97
CA ASP D 318 -2.56 14.26 48.22
C ASP D 318 -2.88 12.97 48.97
N SER D 319 -4.16 12.62 49.03
CA SER D 319 -4.56 11.39 49.73
C SER D 319 -3.96 10.16 49.06
N ARG D 320 -3.93 10.14 47.73
CA ARG D 320 -3.31 9.02 47.02
C ARG D 320 -1.79 9.00 47.18
N GLY D 321 -1.19 10.08 47.67
CA GLY D 321 0.25 10.21 47.71
C GLY D 321 0.85 10.87 46.50
N ASN D 322 0.06 11.10 45.45
CA ASN D 322 0.55 11.70 44.22
C ASN D 322 0.99 13.13 44.48
N THR D 323 2.25 13.43 44.15
CA THR D 323 2.72 14.80 44.21
C THR D 323 2.31 15.54 42.94
N VAL D 324 2.88 16.73 42.75
CA VAL D 324 2.55 17.51 41.56
C VAL D 324 2.98 16.77 40.30
N LEU D 325 4.13 16.09 40.34
CA LEU D 325 4.64 15.43 39.15
C LEU D 325 3.87 14.15 38.84
N HIS D 326 3.46 13.41 39.87
CA HIS D 326 2.58 12.27 39.62
C HIS D 326 1.30 12.71 38.95
N ALA D 327 0.73 13.83 39.40
CA ALA D 327 -0.48 14.35 38.78
C ALA D 327 -0.22 14.76 37.34
N LEU D 328 0.87 15.49 37.10
CA LEU D 328 1.18 15.93 35.75
C LEU D 328 1.42 14.76 34.81
N VAL D 329 1.89 13.64 35.34
CA VAL D 329 1.93 12.40 34.57
C VAL D 329 0.52 11.88 34.34
N ALA D 330 -0.32 11.92 35.36
CA ALA D 330 -1.63 11.29 35.30
C ALA D 330 -2.51 11.91 34.22
N ILE D 331 -2.45 13.23 34.06
CA ILE D 331 -3.25 13.90 33.04
C ILE D 331 -2.63 13.81 31.65
N ALA D 332 -1.35 13.46 31.54
CA ALA D 332 -0.69 13.46 30.25
C ALA D 332 -1.31 12.42 29.34
N ASP D 333 -1.45 12.79 28.07
CA ASP D 333 -1.84 11.85 27.03
C ASP D 333 -0.69 11.72 26.05
N ASN D 334 -0.85 10.85 25.08
CA ASN D 334 0.14 10.71 24.02
C ASN D 334 -0.11 11.68 22.88
N THR D 335 -1.20 12.43 22.93
CA THR D 335 -1.42 13.51 21.97
C THR D 335 -0.38 14.60 22.16
N ARG D 336 0.06 15.18 21.05
CA ARG D 336 1.16 16.14 21.10
C ARG D 336 0.74 17.43 21.80
N GLU D 337 -0.48 17.90 21.53
CA GLU D 337 -0.93 19.17 22.10
C GLU D 337 -0.93 19.13 23.62
N ASN D 338 -1.10 17.94 24.19
CA ASN D 338 -0.95 17.72 25.63
C ASN D 338 0.53 17.70 26.00
N THR D 339 1.35 17.04 25.18
CA THR D 339 2.73 16.79 25.53
C THR D 339 3.53 18.08 25.61
N LYS D 340 3.30 19.04 24.70
CA LYS D 340 4.10 20.26 24.76
C LYS D 340 4.04 20.91 26.12
N PHE D 341 2.85 21.04 26.71
CA PHE D 341 2.83 21.71 27.99
C PHE D 341 3.12 20.77 29.15
N VAL D 342 2.79 19.48 29.03
CA VAL D 342 3.10 18.56 30.13
C VAL D 342 4.60 18.50 30.36
N THR D 343 5.38 18.25 29.30
CA THR D 343 6.82 18.13 29.48
C THR D 343 7.45 19.45 29.90
N LYS D 344 7.05 20.54 29.24
CA LYS D 344 7.58 21.86 29.58
C LYS D 344 7.36 22.20 31.04
N MET D 345 6.14 21.98 31.54
CA MET D 345 5.85 22.43 32.88
C MET D 345 6.33 21.43 33.91
N TYR D 346 6.48 20.17 33.53
CA TYR D 346 7.21 19.23 34.38
C TYR D 346 8.62 19.72 34.62
N ASP D 347 9.31 20.13 33.56
CA ASP D 347 10.65 20.67 33.73
C ASP D 347 10.62 21.94 34.58
N LEU D 348 9.64 22.82 34.33
CA LEU D 348 9.53 24.05 35.11
C LEU D 348 9.41 23.75 36.60
N LEU D 349 8.47 22.88 36.96
CA LEU D 349 8.25 22.57 38.37
C LEU D 349 9.45 21.87 39.00
N LEU D 350 10.10 20.97 38.26
CA LEU D 350 11.25 20.28 38.81
C LEU D 350 12.39 21.25 39.09
N LEU D 351 12.66 22.15 38.14
CA LEU D 351 13.70 23.16 38.37
C LEU D 351 13.35 24.08 39.52
N LYS D 352 12.08 24.48 39.64
CA LYS D 352 11.68 25.35 40.74
C LYS D 352 11.85 24.65 42.08
N CYS D 353 11.46 23.38 42.17
CA CYS D 353 11.63 22.64 43.43
C CYS D 353 13.10 22.46 43.76
N ALA D 354 13.93 22.22 42.75
CA ALA D 354 15.37 22.12 42.99
C ALA D 354 15.93 23.44 43.50
N ARG D 355 15.53 24.55 42.89
CA ARG D 355 16.06 25.85 43.26
C ARG D 355 15.65 26.23 44.69
N LEU D 356 14.37 26.10 45.00
CA LEU D 356 13.91 26.44 46.35
C LEU D 356 14.47 25.47 47.38
N PHE D 357 14.37 24.17 47.09
CA PHE D 357 14.83 23.15 48.02
C PHE D 357 15.95 22.35 47.37
N PRO D 358 17.22 22.66 47.64
CA PRO D 358 18.30 21.92 46.95
C PRO D 358 18.54 20.54 47.52
N ASP D 359 18.27 20.33 48.81
CA ASP D 359 18.56 19.04 49.43
C ASP D 359 17.68 17.93 48.85
N SER D 360 16.38 18.20 48.68
CA SER D 360 15.44 17.18 48.25
C SER D 360 15.40 17.07 46.73
N ASN D 361 14.91 15.93 46.26
CA ASN D 361 14.63 15.70 44.85
C ASN D 361 13.15 15.41 44.70
N LEU D 362 12.45 16.22 43.90
CA LEU D 362 11.00 16.07 43.81
C LEU D 362 10.60 14.79 43.09
N GLU D 363 11.43 14.30 42.18
CA GLU D 363 11.16 13.02 41.54
C GLU D 363 11.36 11.85 42.48
N ALA D 364 11.99 12.07 43.64
CA ALA D 364 12.39 10.98 44.53
C ALA D 364 11.34 10.68 45.61
N VAL D 365 10.19 11.33 45.56
CA VAL D 365 9.13 11.08 46.55
C VAL D 365 8.06 10.22 45.91
N LEU D 366 7.69 9.15 46.59
CA LEU D 366 6.80 8.14 46.05
C LEU D 366 5.37 8.34 46.54
N ASN D 367 4.42 7.75 45.82
CA ASN D 367 3.03 7.81 46.23
C ASN D 367 2.71 6.60 47.10
N ASN D 368 1.42 6.38 47.38
CA ASN D 368 1.03 5.25 48.21
C ASN D 368 1.25 3.92 47.52
N ASP D 369 1.39 3.94 46.19
CA ASP D 369 1.67 2.72 45.44
C ASP D 369 3.17 2.45 45.32
N GLY D 370 4.01 3.33 45.84
CA GLY D 370 5.45 3.14 45.80
C GLY D 370 6.13 3.59 44.53
N LEU D 371 5.38 4.04 43.54
CA LEU D 371 5.95 4.44 42.27
C LEU D 371 6.48 5.87 42.35
N SER D 372 7.28 6.24 41.36
CA SER D 372 7.81 7.58 41.17
C SER D 372 7.29 8.09 39.85
N PRO D 373 7.38 9.40 39.59
CA PRO D 373 6.81 9.93 38.35
C PRO D 373 7.27 9.20 37.10
N LEU D 374 8.55 8.85 37.02
CA LEU D 374 9.01 8.08 35.87
C LEU D 374 8.43 6.67 35.89
N MET D 375 8.44 6.02 37.05
CA MET D 375 7.86 4.68 37.15
C MET D 375 6.36 4.73 36.89
N MET D 376 5.68 5.77 37.38
CA MET D 376 4.24 5.90 37.16
C MET D 376 3.93 6.11 35.68
N ALA D 377 4.73 6.93 35.00
CA ALA D 377 4.58 7.09 33.56
C ALA D 377 4.93 5.83 32.79
N ALA D 378 5.76 4.97 33.37
CA ALA D 378 6.14 3.74 32.68
C ALA D 378 5.00 2.75 32.62
N LYS D 379 4.29 2.56 33.73
CA LYS D 379 3.24 1.56 33.79
C LYS D 379 1.88 2.09 33.37
N THR D 380 1.75 3.38 33.12
CA THR D 380 0.51 3.95 32.61
C THR D 380 0.54 4.17 31.11
N GLY D 381 1.73 4.18 30.50
CA GLY D 381 1.85 4.29 29.06
C GLY D 381 1.80 5.70 28.56
N LYS D 382 2.63 6.58 29.13
CA LYS D 382 2.69 7.98 28.73
C LYS D 382 4.04 8.22 28.06
N ILE D 383 4.11 7.99 26.75
CA ILE D 383 5.38 8.12 26.04
C ILE D 383 5.90 9.55 26.11
N GLY D 384 5.03 10.52 25.90
CA GLY D 384 5.48 11.89 25.74
C GLY D 384 6.27 12.40 26.94
N ILE D 385 5.84 12.03 28.13
CA ILE D 385 6.59 12.42 29.33
C ILE D 385 7.63 11.38 29.72
N PHE D 386 7.44 10.11 29.35
CA PHE D 386 8.41 9.09 29.69
C PHE D 386 9.75 9.33 29.00
N GLN D 387 9.72 9.51 27.67
CA GLN D 387 10.96 9.77 26.96
C GLN D 387 11.55 11.12 27.33
N HIS D 388 10.70 12.10 27.64
CA HIS D 388 11.20 13.40 28.03
C HIS D 388 11.92 13.33 29.38
N ILE D 389 11.41 12.49 30.29
CA ILE D 389 12.08 12.32 31.57
C ILE D 389 13.40 11.60 31.39
N ILE D 390 13.42 10.54 30.58
CA ILE D 390 14.68 9.80 30.40
C ILE D 390 15.73 10.65 29.73
N ARG D 391 15.37 11.34 28.65
CA ARG D 391 16.36 12.01 27.81
C ARG D 391 16.64 13.44 28.22
N ARG D 392 16.12 13.89 29.36
CA ARG D 392 16.30 15.30 29.74
C ARG D 392 17.75 15.57 30.11
N GLU D 393 18.23 16.75 29.75
CA GLU D 393 19.53 17.23 30.18
C GLU D 393 19.40 18.71 30.54
N VAL D 394 20.07 19.12 31.60
CA VAL D 394 19.99 20.49 32.10
C VAL D 394 21.32 21.16 31.83
N THR D 395 21.30 22.21 30.99
CA THR D 395 22.52 22.92 30.66
C THR D 395 23.00 23.79 31.81
N ASP D 396 22.07 24.40 32.55
CA ASP D 396 22.44 25.25 33.67
C ASP D 396 23.19 24.46 34.73
N GLU D 397 24.36 24.98 35.13
CA GLU D 397 25.20 24.27 36.10
C GLU D 397 24.55 24.22 37.47
N ASP D 398 23.68 25.17 37.79
CA ASP D 398 23.10 25.25 39.13
C ASP D 398 22.27 24.02 39.44
N THR D 399 21.49 23.52 38.48
CA THR D 399 20.65 22.36 38.67
C THR D 399 20.91 21.32 37.58
N ARG D 400 22.18 21.18 37.18
CA ARG D 400 22.53 20.18 36.19
C ARG D 400 22.52 18.77 36.76
N HIS D 401 22.66 18.62 38.08
CA HIS D 401 22.78 17.31 38.68
C HIS D 401 21.55 16.43 38.48
N LEU D 402 20.37 17.03 38.32
CA LEU D 402 19.15 16.27 38.10
C LEU D 402 18.83 16.11 36.61
N SER D 403 19.82 15.69 35.85
CA SER D 403 19.64 15.32 34.45
C SER D 403 20.02 13.86 34.29
N ARG D 404 19.47 13.23 33.25
CA ARG D 404 19.64 11.80 33.07
C ARG D 404 20.35 11.44 31.77
N LYS D 405 20.93 12.41 31.08
CA LYS D 405 21.72 12.15 29.89
C LYS D 405 22.86 13.14 29.86
N PHE D 406 24.09 12.65 30.04
CA PHE D 406 25.27 13.50 30.03
C PHE D 406 26.10 13.21 28.79
N LYS D 407 26.84 14.23 28.34
CA LYS D 407 27.72 14.12 27.19
C LYS D 407 29.14 13.88 27.71
N ASP D 408 29.63 12.65 27.54
CA ASP D 408 30.92 12.29 28.10
C ASP D 408 32.07 13.00 27.39
N TRP D 409 32.24 12.71 26.10
CA TRP D 409 33.35 13.29 25.34
C TRP D 409 32.92 13.44 23.89
N ALA D 410 33.69 14.23 23.15
CA ALA D 410 33.43 14.44 21.73
C ALA D 410 34.75 14.60 21.00
N TYR D 411 34.83 13.98 19.83
CA TYR D 411 35.98 14.16 18.94
C TYR D 411 35.43 14.28 17.53
N GLY D 412 35.33 15.51 17.03
CA GLY D 412 34.73 15.74 15.75
C GLY D 412 33.31 15.19 15.71
N PRO D 413 32.97 14.49 14.65
CA PRO D 413 31.62 13.94 14.49
C PRO D 413 31.43 12.60 15.19
N VAL D 414 31.93 12.50 16.42
CA VAL D 414 31.65 11.35 17.27
C VAL D 414 31.32 11.84 18.67
N TYR D 415 30.04 11.96 18.98
CA TYR D 415 29.58 12.42 20.29
C TYR D 415 29.10 11.21 21.08
N SER D 416 29.75 10.94 22.21
CA SER D 416 29.40 9.83 23.07
C SER D 416 28.74 10.38 24.33
N SER D 417 27.43 10.57 24.27
CA SER D 417 26.63 10.91 25.43
C SER D 417 26.27 9.65 26.19
N LEU D 418 26.27 9.73 27.51
CA LEU D 418 26.00 8.56 28.32
C LEU D 418 24.74 8.78 29.14
N TYR D 419 23.80 7.85 29.02
CA TYR D 419 22.52 7.92 29.69
C TYR D 419 22.62 7.38 31.10
N ASP D 420 21.75 7.87 31.97
CA ASP D 420 21.67 7.41 33.35
C ASP D 420 20.67 6.26 33.43
N LEU D 421 21.05 5.20 34.13
CA LEU D 421 20.14 4.11 34.45
C LEU D 421 20.13 3.82 35.95
N SER D 422 20.22 4.87 36.77
CA SER D 422 20.13 4.68 38.21
C SER D 422 18.81 4.04 38.61
N SER D 423 17.76 4.29 37.84
CA SER D 423 16.44 3.71 38.12
C SER D 423 15.99 2.68 37.11
N LEU D 424 16.51 2.72 35.88
CA LEU D 424 16.08 1.77 34.86
C LEU D 424 16.54 0.35 35.18
N ASP D 425 17.75 0.22 35.72
CA ASP D 425 18.34 -1.08 36.03
C ASP D 425 18.86 -1.05 37.47
N THR D 426 18.08 -1.61 38.39
CA THR D 426 18.42 -1.60 39.80
C THR D 426 18.92 -2.94 40.32
N CYS D 427 18.97 -3.98 39.48
CA CYS D 427 19.42 -5.30 39.88
C CYS D 427 18.60 -5.82 41.07
N GLY D 428 17.29 -5.65 40.99
CA GLY D 428 16.39 -6.15 42.01
C GLY D 428 16.57 -5.49 43.36
N GLU D 429 16.68 -4.18 43.39
CA GLU D 429 16.83 -3.47 44.65
C GLU D 429 15.81 -2.36 44.84
N GLU D 430 15.43 -1.66 43.78
CA GLU D 430 14.60 -0.46 43.93
C GLU D 430 13.50 -0.41 42.87
N ALA D 431 12.87 -1.55 42.60
CA ALA D 431 11.70 -1.63 41.72
C ALA D 431 11.99 -0.96 40.38
N SER D 432 12.88 -1.59 39.62
CA SER D 432 13.41 -1.01 38.40
C SER D 432 12.29 -0.66 37.42
N VAL D 433 12.53 0.39 36.64
CA VAL D 433 11.56 0.82 35.64
C VAL D 433 11.41 -0.23 34.55
N LEU D 434 12.48 -0.94 34.22
CA LEU D 434 12.42 -1.91 33.13
C LEU D 434 11.48 -3.06 33.46
N GLU D 435 11.53 -3.56 34.70
CA GLU D 435 10.63 -4.64 35.09
C GLU D 435 9.18 -4.19 35.04
N ILE D 436 8.91 -2.97 35.52
CA ILE D 436 7.56 -2.41 35.45
C ILE D 436 7.11 -2.30 34.00
N LEU D 437 8.00 -1.84 33.13
CA LEU D 437 7.64 -1.56 31.75
C LEU D 437 7.42 -2.84 30.95
N VAL D 438 8.10 -3.92 31.31
CA VAL D 438 7.93 -5.17 30.58
C VAL D 438 6.77 -6.00 31.11
N TYR D 439 6.50 -5.97 32.42
CA TYR D 439 5.46 -6.78 33.03
C TYR D 439 4.14 -6.03 33.18
N ASN D 440 4.14 -4.91 33.89
CA ASN D 440 2.89 -4.27 34.33
C ASN D 440 2.47 -3.08 33.47
N SER D 441 3.18 -2.78 32.39
CA SER D 441 2.84 -1.60 31.60
C SER D 441 1.59 -1.87 30.76
N LYS D 442 1.17 -0.83 30.02
CA LYS D 442 0.01 -0.93 29.16
C LYS D 442 0.39 -1.64 27.86
N ILE D 443 -0.36 -2.69 27.53
CA ILE D 443 0.02 -3.59 26.43
C ILE D 443 0.08 -2.84 25.11
N GLU D 444 -0.91 -1.99 24.84
CA GLU D 444 -1.03 -1.39 23.52
C GLU D 444 0.13 -0.47 23.21
N ASN D 445 0.76 0.11 24.23
CA ASN D 445 1.84 1.06 24.02
C ASN D 445 3.21 0.52 24.43
N ARG D 446 3.27 -0.73 24.90
CA ARG D 446 4.52 -1.28 25.41
C ARG D 446 5.59 -1.39 24.33
N HIS D 447 5.20 -1.82 23.13
CA HIS D 447 6.16 -1.99 22.05
C HIS D 447 6.83 -0.67 21.68
N GLU D 448 6.17 0.45 21.97
CA GLU D 448 6.76 1.76 21.71
C GLU D 448 7.56 2.27 22.89
N MET D 449 7.18 1.91 24.11
CA MET D 449 7.99 2.29 25.27
C MET D 449 9.32 1.55 25.28
N LEU D 450 9.35 0.32 24.79
CA LEU D 450 10.60 -0.45 24.77
C LEU D 450 11.52 -0.04 23.63
N ALA D 451 11.23 1.05 22.92
CA ALA D 451 12.08 1.53 21.84
C ALA D 451 12.79 2.82 22.20
N VAL D 452 12.69 3.28 23.45
CA VAL D 452 13.36 4.51 23.85
C VAL D 452 14.88 4.30 23.84
N GLU D 453 15.60 5.40 23.70
CA GLU D 453 17.03 5.33 23.36
C GLU D 453 17.87 4.47 24.29
N PRO D 454 17.80 4.58 25.61
CA PRO D 454 18.67 3.76 26.47
C PRO D 454 18.07 2.45 26.94
N ILE D 455 16.89 2.05 26.46
CA ILE D 455 16.27 0.81 26.88
C ILE D 455 16.53 -0.30 25.86
N ASN D 456 16.43 0.00 24.56
CA ASN D 456 16.71 -1.02 23.56
C ASN D 456 18.16 -1.48 23.63
N GLU D 457 19.09 -0.53 23.69
CA GLU D 457 20.50 -0.88 23.81
C GLU D 457 20.79 -1.57 25.14
N LEU D 458 20.11 -1.16 26.20
CA LEU D 458 20.30 -1.83 27.49
C LEU D 458 19.85 -3.29 27.41
N LEU D 459 18.71 -3.53 26.77
CA LEU D 459 18.24 -4.91 26.62
C LEU D 459 19.18 -5.72 25.75
N ARG D 460 19.70 -5.13 24.66
CA ARG D 460 20.66 -5.85 23.83
C ARG D 460 21.92 -6.17 24.62
N ASP D 461 22.39 -5.22 25.43
CA ASP D 461 23.58 -5.45 26.24
C ASP D 461 23.35 -6.58 27.24
N LYS D 462 22.19 -6.60 27.89
CA LYS D 462 21.90 -7.65 28.84
C LYS D 462 21.73 -8.99 28.14
N TRP D 463 21.29 -8.97 26.89
CA TRP D 463 21.24 -10.19 26.09
C TRP D 463 22.65 -10.70 25.79
N ARG D 464 23.57 -9.79 25.48
CA ARG D 464 24.92 -10.20 25.11
C ARG D 464 25.69 -10.69 26.33
N LYS D 465 25.61 -9.98 27.45
CA LYS D 465 26.45 -10.29 28.59
C LYS D 465 26.06 -11.62 29.25
N PHE D 466 24.76 -11.82 29.47
CA PHE D 466 24.33 -13.06 30.13
C PHE D 466 23.05 -13.64 29.54
N GLY D 467 22.49 -13.04 28.50
CA GLY D 467 21.20 -13.48 28.00
C GLY D 467 21.31 -14.63 27.01
N ALA D 468 22.19 -14.49 26.02
CA ALA D 468 22.32 -15.51 25.00
C ALA D 468 22.82 -16.83 25.59
N VAL D 469 23.86 -16.76 26.43
CA VAL D 469 24.47 -17.98 26.95
C VAL D 469 23.50 -18.73 27.84
N SER D 470 22.80 -18.02 28.73
CA SER D 470 21.88 -18.69 29.64
C SER D 470 20.68 -19.25 28.88
N PHE D 471 20.16 -18.50 27.91
CA PHE D 471 19.04 -19.01 27.12
C PHE D 471 19.43 -20.28 26.36
N TYR D 472 20.61 -20.27 25.74
CA TYR D 472 21.01 -21.43 24.96
C TYR D 472 21.34 -22.63 25.84
N ILE D 473 21.93 -22.37 27.02
CA ILE D 473 22.12 -23.45 27.98
C ILE D 473 20.78 -24.06 28.37
N ASN D 474 19.78 -23.21 28.61
CA ASN D 474 18.45 -23.72 28.94
C ASN D 474 17.87 -24.55 27.80
N VAL D 475 18.05 -24.07 26.55
CA VAL D 475 17.51 -24.80 25.40
C VAL D 475 18.16 -26.18 25.29
N VAL D 476 19.49 -26.23 25.39
CA VAL D 476 20.20 -27.50 25.27
C VAL D 476 19.82 -28.44 26.40
N SER D 477 19.74 -27.92 27.63
CA SER D 477 19.37 -28.75 28.77
C SER D 477 17.96 -29.29 28.61
N TYR D 478 17.03 -28.45 28.13
CA TYR D 478 15.66 -28.92 27.91
C TYR D 478 15.62 -30.01 26.85
N LEU D 479 16.35 -29.83 25.75
CA LEU D 479 16.35 -30.86 24.71
C LEU D 479 16.96 -32.16 25.20
N CYS D 480 18.07 -32.08 25.95
CA CYS D 480 18.68 -33.29 26.50
C CYS D 480 17.73 -33.98 27.47
N ALA D 481 17.09 -33.22 28.35
CA ALA D 481 16.15 -33.80 29.29
C ALA D 481 14.98 -34.47 28.58
N MET D 482 14.54 -33.88 27.46
CA MET D 482 13.41 -34.47 26.75
C MET D 482 13.82 -35.69 25.96
N VAL D 483 15.05 -35.72 25.44
CA VAL D 483 15.56 -36.95 24.84
C VAL D 483 15.62 -38.06 25.88
N ILE D 484 16.10 -37.73 27.08
CA ILE D 484 16.12 -38.71 28.18
C ILE D 484 14.71 -39.15 28.51
N PHE D 485 13.75 -38.23 28.49
CA PHE D 485 12.35 -38.56 28.76
C PHE D 485 11.82 -39.54 27.73
N THR D 486 12.11 -39.30 26.45
CA THR D 486 11.68 -40.20 25.40
C THR D 486 12.32 -41.58 25.57
N LEU D 487 13.61 -41.62 25.88
CA LEU D 487 14.29 -42.89 26.08
C LEU D 487 13.68 -43.66 27.23
N THR D 488 13.38 -42.98 28.34
CA THR D 488 12.73 -43.63 29.47
C THR D 488 11.34 -44.14 29.10
N ALA D 489 10.60 -43.36 28.30
CA ALA D 489 9.28 -43.79 27.89
C ALA D 489 9.35 -45.05 27.03
N TYR D 490 10.31 -45.11 26.10
CA TYR D 490 10.41 -46.29 25.24
C TYR D 490 10.97 -47.49 25.98
N TYR D 491 11.96 -47.28 26.84
CA TYR D 491 12.64 -48.38 27.52
C TYR D 491 11.79 -49.04 28.59
N GLN D 492 10.61 -48.52 28.88
CA GLN D 492 9.72 -49.11 29.86
C GLN D 492 9.16 -50.44 29.35
N PRO D 493 9.30 -51.53 30.10
CA PRO D 493 8.68 -52.80 29.66
C PRO D 493 7.18 -52.80 29.89
N LEU D 494 6.41 -53.22 28.89
CA LEU D 494 4.97 -53.20 28.99
C LEU D 494 4.40 -54.41 29.75
N GLU D 495 5.22 -55.43 30.00
CA GLU D 495 4.76 -56.63 30.69
C GLU D 495 5.13 -56.53 32.17
N GLY D 496 4.12 -56.63 33.03
CA GLY D 496 4.34 -56.58 34.46
C GLY D 496 3.61 -55.46 35.16
N THR D 497 3.27 -55.67 36.43
CA THR D 497 2.59 -54.66 37.24
C THR D 497 3.61 -53.90 38.09
N PRO D 498 3.59 -52.57 38.06
CA PRO D 498 4.53 -51.80 38.87
C PRO D 498 4.20 -51.92 40.35
N PRO D 499 5.18 -51.71 41.25
CA PRO D 499 6.57 -51.38 40.97
C PRO D 499 7.39 -52.55 40.45
N TYR D 500 8.28 -52.28 39.50
CA TYR D 500 9.13 -53.32 38.93
C TYR D 500 10.35 -53.57 39.82
N PRO D 501 10.86 -54.81 39.83
CA PRO D 501 12.07 -55.10 40.61
C PRO D 501 13.30 -54.56 39.91
N TYR D 502 13.98 -53.61 40.55
CA TYR D 502 15.18 -52.98 39.99
C TYR D 502 16.40 -53.76 40.49
N ARG D 503 16.86 -54.69 39.67
CA ARG D 503 18.06 -55.48 39.97
C ARG D 503 19.09 -55.41 38.84
N THR D 504 18.65 -55.44 37.59
CA THR D 504 19.54 -55.34 36.45
C THR D 504 20.02 -53.89 36.29
N THR D 505 21.21 -53.74 35.73
CA THR D 505 21.72 -52.40 35.43
C THR D 505 20.78 -51.65 34.50
N VAL D 506 20.13 -52.35 33.57
CA VAL D 506 19.14 -51.72 32.70
C VAL D 506 17.99 -51.17 33.54
N ASP D 507 17.58 -51.93 34.56
CA ASP D 507 16.57 -51.42 35.49
C ASP D 507 17.08 -50.19 36.22
N TYR D 508 18.38 -50.15 36.54
CA TYR D 508 18.94 -48.98 37.22
C TYR D 508 18.90 -47.74 36.33
N LEU D 509 19.24 -47.89 35.04
CA LEU D 509 19.14 -46.75 34.14
C LEU D 509 17.68 -46.34 33.91
N ARG D 510 16.77 -47.32 33.87
CA ARG D 510 15.34 -46.98 33.78
C ARG D 510 14.90 -46.17 34.99
N LEU D 511 15.32 -46.58 36.19
CA LEU D 511 14.97 -45.84 37.40
C LEU D 511 15.59 -44.45 37.38
N ALA D 512 16.83 -44.34 36.89
CA ALA D 512 17.47 -43.03 36.79
C ALA D 512 16.72 -42.11 35.85
N GLY D 513 16.29 -42.63 34.69
CA GLY D 513 15.48 -41.84 33.79
C GLY D 513 14.16 -41.41 34.41
N GLU D 514 13.51 -42.32 35.13
CA GLU D 514 12.25 -41.98 35.77
C GLU D 514 12.44 -40.88 36.82
N VAL D 515 13.47 -41.01 37.66
CA VAL D 515 13.65 -40.04 38.72
C VAL D 515 14.08 -38.70 38.14
N ILE D 516 14.88 -38.69 37.06
CA ILE D 516 15.25 -37.42 36.46
C ILE D 516 14.04 -36.77 35.80
N THR D 517 13.13 -37.57 35.24
CA THR D 517 11.90 -37.01 34.69
C THR D 517 11.05 -36.38 35.80
N LEU D 518 10.91 -37.06 36.93
CA LEU D 518 10.17 -36.48 38.04
C LEU D 518 10.83 -35.22 38.58
N PHE D 519 12.17 -35.21 38.64
CA PHE D 519 12.87 -34.00 39.08
C PHE D 519 12.63 -32.85 38.12
N THR D 520 12.66 -33.12 36.82
CA THR D 520 12.35 -32.08 35.84
C THR D 520 10.93 -31.57 36.00
N GLY D 521 9.98 -32.49 36.23
CA GLY D 521 8.59 -32.08 36.39
C GLY D 521 8.37 -31.22 37.63
N VAL D 522 8.98 -31.62 38.75
CA VAL D 522 8.81 -30.84 39.98
C VAL D 522 9.53 -29.50 39.86
N LEU D 523 10.67 -29.46 39.18
CA LEU D 523 11.33 -28.17 38.94
C LEU D 523 10.45 -27.27 38.07
N PHE D 524 9.79 -27.86 37.06
CA PHE D 524 8.89 -27.10 36.22
C PHE D 524 7.73 -26.52 37.04
N PHE D 525 7.16 -27.34 37.92
CA PHE D 525 6.08 -26.87 38.78
C PHE D 525 6.56 -25.74 39.68
N PHE D 526 7.75 -25.90 40.28
CA PHE D 526 8.26 -24.87 41.18
C PHE D 526 8.51 -23.56 40.43
N THR D 527 9.08 -23.64 39.23
CA THR D 527 9.43 -22.42 38.51
C THR D 527 8.23 -21.80 37.82
N ASN D 528 7.14 -22.55 37.64
CA ASN D 528 5.96 -21.98 37.01
C ASN D 528 4.99 -21.41 38.05
N ILE D 529 4.84 -22.08 39.19
CA ILE D 529 3.97 -21.54 40.23
C ILE D 529 4.50 -20.21 40.74
N LYS D 530 5.81 -20.13 40.97
CA LYS D 530 6.40 -18.87 41.42
C LYS D 530 6.25 -17.77 40.37
N ASP D 531 6.46 -18.12 39.10
CA ASP D 531 6.35 -17.12 38.04
C ASP D 531 4.90 -16.63 37.91
N LEU D 532 3.94 -17.55 37.98
CA LEU D 532 2.54 -17.15 37.94
C LEU D 532 2.14 -16.39 39.20
N PHE D 533 2.70 -16.78 40.35
CA PHE D 533 2.40 -16.08 41.60
C PHE D 533 2.92 -14.65 41.55
N MET D 534 4.13 -14.45 41.01
CA MET D 534 4.73 -13.12 41.00
C MET D 534 4.02 -12.19 40.02
N LYS D 535 3.66 -12.71 38.85
CA LYS D 535 3.06 -11.90 37.79
C LYS D 535 1.54 -11.93 37.87
N LYS D 536 0.92 -10.91 37.31
CA LYS D 536 -0.54 -10.85 37.27
C LYS D 536 -1.08 -11.84 36.23
N CYS D 537 -2.31 -12.28 36.46
CA CYS D 537 -2.96 -13.16 35.50
C CYS D 537 -3.34 -12.37 34.26
N PRO D 538 -2.86 -12.77 33.09
CA PRO D 538 -3.09 -11.96 31.87
C PRO D 538 -4.50 -12.14 31.32
N GLY D 539 -4.79 -11.37 30.29
CA GLY D 539 -6.05 -11.46 29.57
C GLY D 539 -5.85 -11.52 28.07
N VAL D 540 -6.77 -10.90 27.33
CA VAL D 540 -6.64 -10.86 25.87
C VAL D 540 -5.46 -9.97 25.48
N ASN D 541 -4.81 -10.32 24.39
CA ASN D 541 -3.66 -9.66 23.76
C ASN D 541 -2.38 -9.87 24.56
N SER D 542 -2.42 -10.53 25.72
CA SER D 542 -1.22 -10.82 26.50
C SER D 542 -0.96 -12.30 26.67
N LEU D 543 -1.93 -13.17 26.35
CA LEU D 543 -1.69 -14.60 26.40
C LEU D 543 -0.64 -15.03 25.38
N PHE D 544 -0.70 -14.44 24.18
CA PHE D 544 0.22 -14.83 23.12
C PHE D 544 1.65 -14.41 23.43
N ILE D 545 1.84 -13.47 24.34
CA ILE D 545 3.19 -13.06 24.70
C ILE D 545 3.89 -14.14 25.52
N ASP D 546 3.42 -14.35 26.75
CA ASP D 546 4.03 -15.37 27.61
C ASP D 546 3.00 -16.20 28.35
N GLY D 547 1.80 -15.68 28.61
CA GLY D 547 0.86 -16.35 29.50
C GLY D 547 0.48 -17.74 29.02
N SER D 548 0.50 -17.95 27.71
CA SER D 548 0.10 -19.25 27.16
C SER D 548 1.01 -20.37 27.62
N PHE D 549 2.32 -20.13 27.65
CA PHE D 549 3.25 -21.20 27.99
C PHE D 549 3.22 -21.55 29.47
N GLN D 550 3.01 -20.57 30.36
CA GLN D 550 2.92 -20.89 31.77
C GLN D 550 1.77 -21.85 32.05
N LEU D 551 0.67 -21.72 31.29
CA LEU D 551 -0.41 -22.69 31.39
C LEU D 551 0.06 -24.07 30.92
N LEU D 552 0.72 -24.13 29.77
CA LEU D 552 1.07 -25.41 29.18
C LEU D 552 2.07 -26.17 30.04
N TYR D 553 3.09 -25.49 30.57
CA TYR D 553 4.07 -26.18 31.40
C TYR D 553 3.45 -26.59 32.73
N PHE D 554 2.49 -25.80 33.23
CA PHE D 554 1.72 -26.21 34.40
C PHE D 554 0.99 -27.51 34.14
N ILE D 555 0.32 -27.62 33.00
CA ILE D 555 -0.41 -28.84 32.67
C ILE D 555 0.55 -29.99 32.48
N TYR D 556 1.72 -29.74 31.90
CA TYR D 556 2.71 -30.79 31.75
C TYR D 556 3.17 -31.33 33.09
N SER D 557 3.48 -30.43 34.03
CA SER D 557 3.89 -30.87 35.36
C SER D 557 2.77 -31.64 36.06
N VAL D 558 1.54 -31.14 35.94
CA VAL D 558 0.41 -31.82 36.57
C VAL D 558 0.23 -33.21 35.99
N LEU D 559 0.33 -33.34 34.66
CA LEU D 559 0.18 -34.63 34.02
C LEU D 559 1.28 -35.59 34.44
N VAL D 560 2.52 -35.12 34.52
CA VAL D 560 3.61 -35.99 34.96
C VAL D 560 3.38 -36.45 36.40
N ILE D 561 2.95 -35.54 37.27
CA ILE D 561 2.74 -35.90 38.67
C ILE D 561 1.61 -36.92 38.80
N VAL D 562 0.49 -36.69 38.10
CA VAL D 562 -0.62 -37.65 38.21
C VAL D 562 -0.24 -38.98 37.57
N SER D 563 0.59 -38.95 36.51
CA SER D 563 1.07 -40.20 35.92
C SER D 563 1.92 -40.96 36.91
N ALA D 564 2.78 -40.27 37.65
CA ALA D 564 3.58 -40.94 38.68
C ALA D 564 2.69 -41.50 39.78
N ALA D 565 1.67 -40.74 40.17
CA ALA D 565 0.74 -41.22 41.20
C ALA D 565 0.03 -42.49 40.76
N LEU D 566 -0.42 -42.54 39.50
CA LEU D 566 -1.05 -43.74 38.97
C LEU D 566 -0.03 -44.88 38.86
N TYR D 567 1.19 -44.56 38.43
CA TYR D 567 2.27 -45.55 38.37
C TYR D 567 2.53 -46.18 39.73
N LEU D 568 2.32 -45.42 40.80
CA LEU D 568 2.47 -45.97 42.13
C LEU D 568 1.49 -47.12 42.37
N ALA D 569 0.24 -46.95 41.96
CA ALA D 569 -0.80 -47.93 42.22
C ALA D 569 -1.39 -48.54 40.97
N GLY D 570 -1.89 -47.73 40.04
CA GLY D 570 -2.58 -48.25 38.87
C GLY D 570 -1.67 -48.73 37.77
N ILE D 571 -1.71 -50.03 37.47
CA ILE D 571 -0.86 -50.58 36.41
C ILE D 571 -1.32 -50.07 35.05
N GLU D 572 -2.62 -50.07 34.81
CA GLU D 572 -3.14 -49.66 33.51
C GLU D 572 -3.28 -48.14 33.42
N ALA D 573 -3.39 -47.47 34.58
CA ALA D 573 -3.80 -46.07 34.59
C ALA D 573 -2.70 -45.15 34.07
N TYR D 574 -1.46 -45.36 34.54
CA TYR D 574 -0.42 -44.35 34.29
C TYR D 574 -0.03 -44.29 32.82
N LEU D 575 -0.17 -45.38 32.07
CA LEU D 575 0.18 -45.38 30.67
C LEU D 575 -0.72 -44.49 29.83
N ALA D 576 -1.88 -44.07 30.36
CA ALA D 576 -2.80 -43.27 29.58
C ALA D 576 -2.31 -41.84 29.44
N VAL D 577 -1.78 -41.25 30.51
CA VAL D 577 -1.46 -39.84 30.54
C VAL D 577 0.02 -39.55 30.36
N MET D 578 0.91 -40.54 30.54
CA MET D 578 2.32 -40.31 30.25
C MET D 578 2.54 -39.98 28.78
N VAL D 579 1.83 -40.66 27.88
CA VAL D 579 1.96 -40.41 26.46
C VAL D 579 1.51 -39.00 26.11
N PHE D 580 0.37 -38.57 26.67
CA PHE D 580 -0.08 -37.21 26.43
C PHE D 580 0.86 -36.21 27.07
N ALA D 581 1.55 -36.61 28.14
CA ALA D 581 2.56 -35.74 28.75
C ALA D 581 3.73 -35.52 27.80
N LEU D 582 4.21 -36.60 27.15
CA LEU D 582 5.24 -36.42 26.13
C LEU D 582 4.74 -35.54 24.99
N VAL D 583 3.49 -35.75 24.57
CA VAL D 583 2.92 -34.93 23.50
C VAL D 583 2.96 -33.45 23.89
N LEU D 584 2.46 -33.14 25.07
CA LEU D 584 2.39 -31.76 25.53
C LEU D 584 3.78 -31.16 25.66
N GLY D 585 4.74 -31.93 26.20
CA GLY D 585 6.08 -31.41 26.35
C GLY D 585 6.78 -31.15 25.03
N TRP D 586 6.61 -32.05 24.07
CA TRP D 586 7.24 -31.84 22.77
C TRP D 586 6.58 -30.69 22.02
N MET D 587 5.30 -30.42 22.30
CA MET D 587 4.69 -29.20 21.78
C MET D 587 5.21 -27.98 22.52
N ASN D 588 5.53 -28.14 23.81
CA ASN D 588 6.05 -27.03 24.60
C ASN D 588 7.44 -26.62 24.16
N ALA D 589 8.22 -27.58 23.64
CA ALA D 589 9.56 -27.26 23.15
C ALA D 589 9.55 -26.11 22.16
N LEU D 590 8.39 -25.74 21.64
CA LEU D 590 8.26 -24.60 20.76
C LEU D 590 8.46 -23.28 21.49
N TYR D 591 8.51 -23.31 22.83
CA TYR D 591 8.65 -22.07 23.60
C TYR D 591 9.95 -21.36 23.29
N PHE D 592 11.04 -22.10 23.18
CA PHE D 592 12.37 -21.50 23.10
C PHE D 592 12.72 -20.95 21.73
N THR D 593 11.79 -20.96 20.78
CA THR D 593 12.05 -20.35 19.48
C THR D 593 12.13 -18.82 19.57
N ARG D 594 11.72 -18.24 20.69
CA ARG D 594 11.70 -16.79 20.82
C ARG D 594 13.10 -16.17 20.83
N GLY D 595 14.13 -16.97 21.09
CA GLY D 595 15.48 -16.43 21.07
C GLY D 595 15.93 -15.99 19.68
N LEU D 596 15.61 -16.79 18.67
CA LEU D 596 15.92 -16.44 17.29
C LEU D 596 14.72 -15.73 16.67
N LYS D 597 14.98 -14.58 16.05
CA LYS D 597 13.89 -13.78 15.50
C LYS D 597 13.15 -14.53 14.40
N LEU D 598 13.88 -15.22 13.53
CA LEU D 598 13.23 -15.94 12.43
C LEU D 598 12.34 -17.06 12.97
N THR D 599 12.81 -17.80 13.96
CA THR D 599 11.98 -18.84 14.56
C THR D 599 10.96 -18.26 15.53
N GLY D 600 11.24 -17.10 16.13
CA GLY D 600 10.31 -16.53 17.09
C GLY D 600 8.99 -16.10 16.44
N THR D 601 9.08 -15.52 15.24
CA THR D 601 7.86 -15.11 14.53
C THR D 601 6.99 -16.31 14.19
N TYR D 602 7.62 -17.40 13.75
CA TYR D 602 6.86 -18.57 13.31
C TYR D 602 6.04 -19.15 14.46
N SER D 603 6.61 -19.16 15.66
CA SER D 603 5.86 -19.65 16.83
C SER D 603 4.64 -18.79 17.08
N ILE D 604 4.78 -17.47 16.94
CA ILE D 604 3.65 -16.56 17.13
C ILE D 604 2.56 -16.87 16.11
N MET D 605 2.95 -17.08 14.86
CA MET D 605 1.96 -17.41 13.83
C MET D 605 1.28 -18.74 14.13
N ILE D 606 2.04 -19.74 14.60
CA ILE D 606 1.43 -21.01 14.97
C ILE D 606 0.40 -20.81 16.06
N GLN D 607 0.75 -20.02 17.09
CA GLN D 607 -0.17 -19.79 18.19
C GLN D 607 -1.43 -19.08 17.72
N LYS D 608 -1.28 -18.07 16.88
CA LYS D 608 -2.44 -17.31 16.42
C LYS D 608 -3.34 -18.18 15.54
N ILE D 609 -2.76 -18.99 14.66
CA ILE D 609 -3.56 -19.90 13.84
C ILE D 609 -4.28 -20.91 14.72
N LEU D 610 -3.60 -21.42 15.75
CA LEU D 610 -4.21 -22.42 16.62
C LEU D 610 -5.34 -21.82 17.46
N PHE D 611 -5.25 -20.54 17.80
CA PHE D 611 -6.23 -19.98 18.72
C PHE D 611 -7.33 -19.17 18.05
N LYS D 612 -6.95 -18.13 17.31
CA LYS D 612 -7.93 -17.14 16.84
C LYS D 612 -8.92 -17.75 15.86
N ASP D 613 -8.43 -18.49 14.89
CA ASP D 613 -9.28 -18.99 13.80
C ASP D 613 -9.59 -20.48 13.90
N LEU D 614 -8.74 -21.27 14.55
CA LEU D 614 -8.99 -22.70 14.61
C LEU D 614 -10.28 -23.02 15.34
N PHE D 615 -10.53 -22.35 16.47
CA PHE D 615 -11.77 -22.58 17.19
C PHE D 615 -12.97 -22.01 16.45
N ARG D 616 -12.80 -20.90 15.73
CA ARG D 616 -13.89 -20.40 14.89
C ARG D 616 -14.28 -21.41 13.82
N PHE D 617 -13.29 -21.96 13.13
CA PHE D 617 -13.55 -22.98 12.11
C PHE D 617 -14.17 -24.21 12.74
N LEU D 618 -13.66 -24.61 13.91
CA LEU D 618 -14.20 -25.79 14.57
C LEU D 618 -15.65 -25.58 14.99
N LEU D 619 -15.99 -24.37 15.44
CA LEU D 619 -17.36 -24.08 15.85
C LEU D 619 -18.30 -24.10 14.64
N VAL D 620 -17.92 -23.43 13.56
CA VAL D 620 -18.78 -23.43 12.37
C VAL D 620 -18.91 -24.84 11.80
N TYR D 621 -17.79 -25.57 11.75
CA TYR D 621 -17.79 -26.91 11.19
C TYR D 621 -18.59 -27.87 12.08
N LEU D 622 -18.55 -27.66 13.41
CA LEU D 622 -19.39 -28.43 14.32
C LEU D 622 -20.86 -28.13 14.10
N LEU D 623 -21.20 -26.85 13.91
CA LEU D 623 -22.56 -26.49 13.56
C LEU D 623 -23.01 -27.26 12.31
N PHE D 624 -22.16 -27.25 11.29
CA PHE D 624 -22.50 -27.94 10.05
C PHE D 624 -22.61 -29.46 10.26
N MET D 625 -21.68 -30.06 11.01
CA MET D 625 -21.75 -31.51 11.19
C MET D 625 -23.00 -31.90 11.96
N ILE D 626 -23.33 -31.16 13.03
CA ILE D 626 -24.51 -31.54 13.79
C ILE D 626 -25.76 -31.37 12.95
N GLY D 627 -25.86 -30.28 12.18
CA GLY D 627 -27.02 -30.09 11.33
C GLY D 627 -27.18 -31.20 10.31
N TYR D 628 -26.11 -31.51 9.57
CA TYR D 628 -26.22 -32.48 8.49
C TYR D 628 -26.34 -33.91 9.03
N ALA D 629 -25.72 -34.19 10.18
CA ALA D 629 -25.86 -35.52 10.78
C ALA D 629 -27.28 -35.75 11.28
N SER D 630 -27.85 -34.75 11.96
CA SER D 630 -29.23 -34.87 12.41
C SER D 630 -30.17 -34.99 11.21
N ALA D 631 -29.84 -34.30 10.12
CA ALA D 631 -30.64 -34.42 8.91
C ALA D 631 -30.57 -35.83 8.32
N LEU D 632 -29.36 -36.35 8.15
CA LEU D 632 -29.19 -37.64 7.49
C LEU D 632 -29.72 -38.79 8.34
N VAL D 633 -29.22 -38.91 9.58
CA VAL D 633 -29.55 -40.07 10.40
C VAL D 633 -31.04 -40.17 10.70
N SER D 634 -31.73 -39.05 10.91
CA SER D 634 -33.16 -39.12 11.21
C SER D 634 -33.95 -39.68 10.03
N LEU D 635 -33.41 -39.62 8.82
CA LEU D 635 -34.12 -40.15 7.66
C LEU D 635 -34.04 -41.68 7.60
N LEU D 636 -32.96 -42.26 8.10
CA LEU D 636 -32.79 -43.71 8.00
C LEU D 636 -33.87 -44.45 8.76
N ASN D 637 -34.31 -45.57 8.20
CA ASN D 637 -35.31 -46.44 8.80
C ASN D 637 -34.66 -47.72 9.30
N PRO D 638 -34.71 -48.00 10.61
CA PRO D 638 -34.08 -49.19 11.19
C PRO D 638 -35.03 -50.38 11.28
N ASP D 662 -29.77 -46.99 15.09
CA ASP D 662 -29.18 -47.24 16.40
C ASP D 662 -28.54 -45.98 16.97
N SER D 663 -28.39 -45.94 18.29
CA SER D 663 -27.74 -44.79 18.93
C SER D 663 -26.29 -44.67 18.49
N GLU D 664 -25.60 -45.81 18.36
CA GLU D 664 -24.19 -45.79 17.97
C GLU D 664 -23.98 -45.39 16.52
N THR D 665 -25.04 -45.31 15.72
CA THR D 665 -24.89 -44.95 14.31
C THR D 665 -24.35 -43.54 14.13
N PHE D 666 -24.48 -42.70 15.16
CA PHE D 666 -23.90 -41.37 15.09
C PHE D 666 -22.39 -41.42 14.96
N SER D 667 -21.74 -42.30 15.74
CA SER D 667 -20.28 -42.37 15.71
C SER D 667 -19.77 -42.84 14.36
N THR D 668 -20.41 -43.87 13.79
CA THR D 668 -20.00 -44.36 12.48
C THR D 668 -20.18 -43.28 11.41
N PHE D 669 -21.33 -42.61 11.43
CA PHE D 669 -21.58 -41.57 10.43
C PHE D 669 -20.59 -40.42 10.57
N LEU D 670 -20.28 -40.03 11.81
CA LEU D 670 -19.34 -38.93 12.01
C LEU D 670 -18.00 -39.22 11.37
N LEU D 671 -17.42 -40.40 11.67
CA LEU D 671 -16.11 -40.73 11.12
C LEU D 671 -16.18 -40.95 9.61
N ASP D 672 -17.27 -41.54 9.12
CA ASP D 672 -17.38 -41.78 7.68
C ASP D 672 -17.46 -40.47 6.90
N LEU D 673 -18.27 -39.52 7.37
CA LEU D 673 -18.31 -38.21 6.74
C LEU D 673 -16.97 -37.49 6.87
N PHE D 674 -16.32 -37.61 8.03
CA PHE D 674 -15.01 -36.98 8.21
C PHE D 674 -14.00 -37.54 7.20
N LYS D 675 -14.02 -38.84 6.97
CA LYS D 675 -13.17 -39.44 5.95
C LYS D 675 -13.56 -38.94 4.55
N LEU D 676 -14.87 -38.80 4.31
CA LEU D 676 -15.32 -38.29 3.02
C LEU D 676 -14.77 -36.90 2.74
N THR D 677 -14.73 -36.05 3.77
CA THR D 677 -14.12 -34.73 3.62
C THR D 677 -12.63 -34.85 3.31
N ILE D 678 -11.93 -35.74 4.00
CA ILE D 678 -10.52 -35.99 3.68
C ILE D 678 -10.36 -36.71 2.36
N GLY D 679 -11.34 -37.51 1.96
CA GLY D 679 -11.30 -38.22 0.69
C GLY D 679 -11.15 -39.72 0.79
N MET D 680 -11.06 -40.27 2.00
CA MET D 680 -10.98 -41.72 2.21
C MET D 680 -12.30 -42.30 2.68
N GLY D 681 -13.41 -41.63 2.39
CA GLY D 681 -14.72 -42.13 2.78
C GLY D 681 -15.35 -42.94 1.66
N ASP D 682 -16.04 -44.02 2.04
CA ASP D 682 -16.68 -44.90 1.09
C ASP D 682 -18.19 -44.64 1.07
N LEU D 683 -18.74 -44.49 -0.13
CA LEU D 683 -20.13 -44.10 -0.32
C LEU D 683 -21.07 -45.29 -0.47
N GLU D 684 -20.74 -46.42 0.17
CA GLU D 684 -21.55 -47.63 0.00
C GLU D 684 -22.88 -47.57 0.71
N MET D 685 -23.11 -46.60 1.60
CA MET D 685 -24.37 -46.52 2.31
C MET D 685 -25.51 -45.94 1.48
N LEU D 686 -25.23 -45.51 0.24
CA LEU D 686 -26.30 -44.97 -0.60
C LEU D 686 -27.39 -46.00 -0.85
N SER D 687 -27.05 -47.29 -0.84
CA SER D 687 -28.05 -48.32 -1.04
C SER D 687 -29.02 -48.38 0.14
N SER D 688 -28.53 -48.20 1.35
CA SER D 688 -29.34 -48.35 2.56
C SER D 688 -30.19 -47.14 2.87
N THR D 689 -30.05 -46.05 2.10
CA THR D 689 -30.84 -44.85 2.35
C THR D 689 -32.30 -45.09 2.00
N LYS D 690 -33.20 -44.56 2.83
CA LYS D 690 -34.62 -44.68 2.56
C LYS D 690 -35.00 -43.92 1.29
N TYR D 691 -34.49 -42.70 1.15
CA TYR D 691 -34.71 -41.90 -0.06
C TYR D 691 -33.35 -41.67 -0.72
N PRO D 692 -33.01 -42.43 -1.76
CA PRO D 692 -31.66 -42.29 -2.36
C PRO D 692 -31.41 -40.92 -2.96
N VAL D 693 -32.43 -40.28 -3.52
CA VAL D 693 -32.22 -39.03 -4.26
C VAL D 693 -31.76 -37.92 -3.33
N VAL D 694 -32.39 -37.79 -2.17
CA VAL D 694 -32.13 -36.64 -1.30
C VAL D 694 -30.73 -36.69 -0.73
N PHE D 695 -30.24 -37.90 -0.39
CA PHE D 695 -28.93 -38.01 0.25
C PHE D 695 -27.81 -37.65 -0.70
N ILE D 696 -27.97 -37.91 -1.99
CA ILE D 696 -26.96 -37.47 -2.96
C ILE D 696 -26.84 -35.95 -2.94
N ILE D 697 -27.98 -35.27 -2.96
CA ILE D 697 -27.97 -33.81 -2.94
C ILE D 697 -27.34 -33.30 -1.64
N LEU D 698 -27.71 -33.90 -0.51
CA LEU D 698 -27.14 -33.47 0.76
C LEU D 698 -25.65 -33.69 0.84
N LEU D 699 -25.17 -34.82 0.32
CA LEU D 699 -23.72 -35.07 0.33
C LEU D 699 -23.00 -34.07 -0.57
N VAL D 700 -23.60 -33.75 -1.73
CA VAL D 700 -23.01 -32.73 -2.59
C VAL D 700 -22.94 -31.39 -1.88
N THR D 701 -24.00 -31.02 -1.18
CA THR D 701 -23.98 -29.77 -0.41
C THR D 701 -22.93 -29.83 0.70
N TYR D 702 -22.83 -30.96 1.39
CA TYR D 702 -21.80 -31.12 2.42
C TYR D 702 -20.43 -30.83 1.83
N ILE D 703 -20.11 -31.49 0.71
CA ILE D 703 -18.79 -31.31 0.11
C ILE D 703 -18.58 -29.86 -0.32
N ILE D 704 -19.58 -29.28 -0.98
CA ILE D 704 -19.42 -27.93 -1.54
C ILE D 704 -19.23 -26.91 -0.43
N LEU D 705 -20.06 -26.96 0.62
CA LEU D 705 -19.95 -25.96 1.68
C LEU D 705 -18.75 -26.21 2.59
N THR D 706 -18.31 -27.47 2.73
CA THR D 706 -17.04 -27.68 3.42
C THR D 706 -15.88 -27.11 2.62
N PHE D 707 -15.92 -27.25 1.30
CA PHE D 707 -14.91 -26.60 0.46
C PHE D 707 -15.00 -25.09 0.58
N VAL D 708 -16.22 -24.55 0.66
CA VAL D 708 -16.41 -23.11 0.84
C VAL D 708 -15.83 -22.67 2.18
N LEU D 709 -16.05 -23.45 3.23
CA LEU D 709 -15.49 -23.13 4.54
C LEU D 709 -13.97 -23.16 4.51
N LEU D 710 -13.39 -24.15 3.82
CA LEU D 710 -11.93 -24.20 3.71
C LEU D 710 -11.41 -22.98 2.94
N LEU D 711 -12.08 -22.62 1.85
CA LEU D 711 -11.71 -21.40 1.13
C LEU D 711 -11.86 -20.18 2.00
N ASN D 712 -12.91 -20.11 2.81
CA ASN D 712 -13.13 -18.95 3.68
C ASN D 712 -12.02 -18.84 4.72
N MET D 713 -11.64 -19.97 5.33
CA MET D 713 -10.56 -19.93 6.31
C MET D 713 -9.26 -19.53 5.64
N LEU D 714 -9.00 -20.09 4.46
CA LEU D 714 -7.81 -19.70 3.70
C LEU D 714 -7.79 -18.20 3.49
N ILE D 715 -8.88 -17.66 2.94
CA ILE D 715 -8.94 -16.24 2.56
C ILE D 715 -8.83 -15.36 3.80
N ALA D 716 -9.53 -15.70 4.88
CA ALA D 716 -9.46 -14.89 6.09
C ALA D 716 -8.05 -14.84 6.64
N LEU D 717 -7.44 -16.01 6.86
CA LEU D 717 -6.11 -16.03 7.45
C LEU D 717 -5.06 -15.49 6.49
N MET D 718 -5.43 -15.35 5.21
CA MET D 718 -4.42 -15.15 4.20
C MET D 718 -4.47 -13.74 3.62
N GLY D 719 -5.58 -13.05 3.78
CA GLY D 719 -5.57 -11.61 3.65
C GLY D 719 -5.54 -10.87 4.97
N GLU D 720 -6.53 -11.14 5.83
CA GLU D 720 -6.74 -10.29 6.99
C GLU D 720 -5.67 -10.53 8.05
N THR D 721 -5.29 -11.78 8.25
CA THR D 721 -4.26 -12.10 9.23
C THR D 721 -2.91 -11.51 8.84
N VAL D 722 -2.49 -11.67 7.58
CA VAL D 722 -1.21 -11.12 7.16
C VAL D 722 -1.28 -9.59 7.16
N GLY D 723 -2.49 -9.03 7.02
CA GLY D 723 -2.63 -7.61 7.20
C GLY D 723 -2.26 -7.15 8.59
N GLN D 724 -2.62 -7.94 9.61
CA GLN D 724 -2.42 -7.52 10.99
C GLN D 724 -1.24 -8.27 11.62
N VAL D 725 -1.25 -9.59 11.55
CA VAL D 725 -0.34 -10.40 12.35
C VAL D 725 1.10 -10.23 11.90
N SER D 726 1.34 -10.07 10.60
CA SER D 726 2.70 -9.94 10.10
C SER D 726 3.40 -8.75 10.72
N LYS D 727 2.71 -7.62 10.81
CA LYS D 727 3.23 -6.48 11.54
C LYS D 727 3.30 -6.76 13.04
N GLU D 728 2.27 -7.41 13.58
CA GLU D 728 2.20 -7.64 15.02
C GLU D 728 3.19 -8.70 15.47
N SER D 729 3.65 -9.55 14.55
CA SER D 729 4.52 -10.66 14.94
C SER D 729 5.85 -10.15 15.47
N LYS D 730 6.47 -9.20 14.79
CA LYS D 730 7.74 -8.64 15.26
C LYS D 730 7.56 -7.94 16.60
N HIS D 731 6.47 -7.19 16.76
CA HIS D 731 6.23 -6.49 18.01
C HIS D 731 6.05 -7.47 19.16
N ILE D 732 5.33 -8.57 18.93
CA ILE D 732 5.14 -9.56 19.99
C ILE D 732 6.45 -10.27 20.29
N TRP D 733 7.24 -10.56 19.26
CA TRP D 733 8.53 -11.21 19.51
C TRP D 733 9.44 -10.32 20.33
N LYS D 734 9.41 -9.01 20.08
CA LYS D 734 10.24 -8.10 20.87
C LYS D 734 9.87 -8.17 22.34
N LEU D 735 8.58 -8.17 22.65
CA LEU D 735 8.14 -8.28 24.03
C LEU D 735 8.52 -9.61 24.64
N GLN D 736 8.40 -10.69 23.87
CA GLN D 736 8.80 -12.00 24.36
C GLN D 736 10.29 -12.03 24.69
N TRP D 737 11.10 -11.47 23.80
CA TRP D 737 12.54 -11.44 24.01
C TRP D 737 12.89 -10.65 25.26
N ALA D 738 12.26 -9.48 25.43
CA ALA D 738 12.54 -8.67 26.61
C ALA D 738 12.12 -9.38 27.88
N THR D 739 10.94 -10.01 27.89
CA THR D 739 10.48 -10.65 29.12
C THR D 739 11.33 -11.88 29.44
N THR D 740 11.84 -12.58 28.42
CA THR D 740 12.74 -13.69 28.70
C THR D 740 14.07 -13.21 29.24
N ILE D 741 14.59 -12.10 28.71
CA ILE D 741 15.81 -11.53 29.26
C ILE D 741 15.62 -11.21 30.74
N LEU D 742 14.50 -10.57 31.06
CA LEU D 742 14.28 -10.16 32.44
C LEU D 742 14.02 -11.36 33.35
N ASP D 743 13.36 -12.40 32.84
CA ASP D 743 13.19 -13.62 33.62
C ASP D 743 14.52 -14.29 33.90
N ILE D 744 15.40 -14.35 32.90
CA ILE D 744 16.72 -14.92 33.10
C ILE D 744 17.47 -14.12 34.16
N GLU D 745 17.38 -12.79 34.11
CA GLU D 745 18.02 -11.98 35.15
C GLU D 745 17.45 -12.29 36.52
N ARG D 746 16.12 -12.31 36.64
CA ARG D 746 15.51 -12.55 37.95
C ARG D 746 15.80 -13.95 38.47
N SER D 747 16.18 -14.88 37.59
CA SER D 747 16.61 -16.19 38.06
C SER D 747 17.86 -16.10 38.92
N PHE D 748 18.79 -15.22 38.54
CA PHE D 748 20.06 -15.11 39.24
C PHE D 748 19.86 -14.56 40.65
N PRO D 749 20.77 -14.89 41.57
CA PRO D 749 20.73 -14.26 42.90
C PRO D 749 21.17 -12.81 42.82
N VAL D 750 20.95 -12.09 43.93
CA VAL D 750 21.17 -10.65 43.95
C VAL D 750 22.64 -10.33 43.69
N PHE D 751 23.54 -11.03 44.38
CA PHE D 751 24.96 -10.71 44.23
C PHE D 751 25.45 -10.97 42.83
N LEU D 752 24.97 -12.05 42.20
CA LEU D 752 25.40 -12.38 40.85
C LEU D 752 24.92 -11.35 39.84
N ARG D 753 23.70 -10.84 40.04
CA ARG D 753 23.17 -9.81 39.14
C ARG D 753 24.01 -8.54 39.20
N LYS D 754 24.53 -8.20 40.39
CA LYS D 754 25.38 -7.02 40.51
C LYS D 754 26.65 -7.19 39.68
N ALA D 755 27.16 -8.42 39.58
CA ALA D 755 28.34 -8.66 38.76
C ALA D 755 28.06 -8.38 37.29
N PHE D 756 26.91 -8.84 36.79
CA PHE D 756 26.49 -8.56 35.42
C PHE D 756 25.64 -7.31 35.33
N ARG D 757 26.15 -6.20 35.85
CA ARG D 757 25.43 -4.93 35.84
C ARG D 757 25.92 -4.10 34.67
N SER D 758 25.01 -3.74 33.77
CA SER D 758 25.38 -3.00 32.59
C SER D 758 25.79 -1.57 32.94
N GLY D 759 26.63 -1.00 32.08
CA GLY D 759 27.05 0.37 32.23
C GLY D 759 28.27 0.52 33.12
N GLU D 760 28.76 1.76 33.18
CA GLU D 760 29.98 2.10 33.90
C GLU D 760 29.64 2.58 35.30
N MET D 761 30.65 3.09 36.00
CA MET D 761 30.51 3.69 37.31
C MET D 761 30.98 5.14 37.25
N VAL D 762 30.51 5.86 36.22
CA VAL D 762 31.09 7.15 35.88
C VAL D 762 30.85 8.16 37.00
N THR D 763 31.78 9.11 37.11
CA THR D 763 31.61 10.28 37.96
C THR D 763 31.22 11.45 37.07
N VAL D 764 30.06 12.04 37.35
CA VAL D 764 29.51 13.06 36.46
C VAL D 764 29.93 14.46 36.89
N GLY D 765 29.92 14.74 38.18
CA GLY D 765 30.31 16.05 38.66
C GLY D 765 30.26 16.12 40.17
N LYS D 766 30.61 17.29 40.68
CA LYS D 766 30.54 17.53 42.12
C LYS D 766 29.11 17.87 42.51
N SER D 767 28.69 17.35 43.65
CA SER D 767 27.34 17.59 44.14
C SER D 767 27.25 18.99 44.74
N SER D 768 26.13 19.30 45.39
CA SER D 768 25.99 20.61 46.02
C SER D 768 27.01 20.81 47.12
N ASP D 769 27.47 19.73 47.74
CA ASP D 769 28.50 19.78 48.77
C ASP D 769 29.88 19.44 48.21
N GLY D 770 30.01 19.29 46.90
CA GLY D 770 31.28 18.97 46.28
C GLY D 770 31.59 17.50 46.15
N THR D 771 30.76 16.62 46.71
CA THR D 771 31.01 15.20 46.62
C THR D 771 30.74 14.70 45.20
N PRO D 772 31.47 13.68 44.76
CA PRO D 772 31.22 13.11 43.42
C PRO D 772 29.89 12.40 43.36
N ASP D 773 29.35 12.30 42.13
CA ASP D 773 28.04 11.70 41.94
C ASP D 773 28.12 10.17 42.01
N ARG D 774 29.00 9.57 41.23
CA ARG D 774 29.17 8.12 41.19
C ARG D 774 27.84 7.43 40.85
N ARG D 775 27.36 7.70 39.65
CA ARG D 775 26.05 7.27 39.20
C ARG D 775 26.19 6.27 38.06
N TRP D 776 25.56 5.11 38.21
CA TRP D 776 25.73 4.03 37.23
C TRP D 776 25.09 4.43 35.92
N CYS D 777 25.88 4.92 34.98
CA CYS D 777 25.39 5.39 33.70
C CYS D 777 25.66 4.35 32.62
N PHE D 778 25.25 4.67 31.40
CA PHE D 778 25.34 3.73 30.29
C PHE D 778 25.54 4.54 29.01
N ARG D 779 26.68 4.37 28.37
CA ARG D 779 27.06 5.21 27.25
C ARG D 779 26.64 4.59 25.92
N VAL D 780 26.04 5.42 25.06
CA VAL D 780 25.84 5.08 23.67
C VAL D 780 26.37 6.23 22.84
N ASP D 781 27.16 5.90 21.83
CA ASP D 781 27.86 6.89 21.03
C ASP D 781 27.27 6.94 19.64
N GLU D 782 27.34 8.14 19.05
CA GLU D 782 26.70 8.41 17.77
C GLU D 782 27.64 9.23 16.91
N VAL D 783 27.24 9.42 15.66
CA VAL D 783 27.95 10.29 14.73
C VAL D 783 26.96 11.34 14.23
N ASN D 784 27.37 12.60 14.30
CA ASN D 784 26.54 13.69 13.82
C ASN D 784 27.40 14.59 12.95
N TRP D 785 26.92 14.88 11.75
CA TRP D 785 27.62 15.75 10.81
C TRP D 785 26.99 17.12 10.68
N SER D 786 26.23 17.56 11.68
CA SER D 786 25.60 18.87 11.65
C SER D 786 25.64 19.53 13.03
C12 XPW E . -17.08 -14.26 -32.88
C13 XPW E . -15.72 -13.91 -33.38
C14 XPW E . -14.84 -14.14 -32.16
C15 XPW E . -13.44 -13.53 -32.36
C16 XPW E . -13.56 -12.05 -32.64
C17 XPW E . -14.38 -11.76 -33.89
C18 XPW E . -13.56 -12.23 -35.11
C19 XPW E . -14.62 -10.24 -33.95
C23 XPW E . -17.62 -9.30 -35.75
C01 XPW E . -23.45 -16.81 -36.29
C02 XPW E . -23.30 -16.26 -34.88
C03 XPW E . -23.81 -17.30 -33.88
O04 XPW E . -24.04 -15.08 -34.76
C05 XPW E . -21.84 -15.97 -34.60
C06 XPW E . -21.05 -14.99 -35.47
N07 XPW E . -19.65 -14.73 -35.20
C08 XPW E . -19.00 -15.41 -34.09
C09 XPW E . -19.77 -16.39 -33.22
N10 XPW E . -21.18 -16.65 -33.51
N11 XPW E . -17.60 -15.16 -33.81
N20 XPW E . -15.67 -9.87 -34.89
C21 XPW E . -15.52 -9.66 -36.23
N22 XPW E . -16.73 -9.32 -36.75
C24 XPW E . -19.16 -8.98 -35.71
C25 XPW E . -19.91 -9.05 -34.41
C26 XPW E . -19.19 -9.41 -33.17
C27 XPW E . -17.73 -9.72 -33.21
C28 XPW E . -16.95 -9.63 -34.59
C29 XPW E . -19.93 -9.48 -31.84
N30 XPW E . -20.49 -9.54 -30.86
C31 XPW E . -15.73 -12.48 -33.90
O32 XPW E . -15.29 -15.00 -34.18
C33 XPW E . -16.45 -15.81 -34.45
O34 XPW E . -16.47 -16.82 -35.06
C12 XPW F . 28.46 -23.05 -15.44
C13 XPW F . 29.07 -22.67 -14.15
C14 XPW F . 27.89 -22.59 -13.20
C15 XPW F . 28.23 -21.87 -11.90
C16 XPW F . 28.77 -20.47 -12.19
C17 XPW F . 30.03 -20.52 -13.06
C18 XPW F . 31.16 -21.15 -12.23
C19 XPW F . 30.38 -19.08 -13.45
C23 XPW F . 32.30 -18.84 -16.51
C01 XPW F . 31.09 -26.85 -21.56
C02 XPW F . 29.78 -26.08 -21.43
C03 XPW F . 28.62 -27.02 -21.76
O04 XPW F . 29.78 -24.99 -22.30
C05 XPW F . 29.63 -25.59 -19.99
C06 XPW F . 30.68 -24.68 -19.37
N07 XPW F . 30.52 -24.22 -18.01
C08 XPW F . 29.35 -24.62 -17.24
C09 XPW F . 28.30 -25.53 -17.87
N10 XPW F . 28.46 -25.99 -19.23
N11 XPW F . 29.18 -24.18 -15.87
N20 XPW F . 31.36 -19.01 -14.54
C21 XPW F . 32.72 -19.04 -14.39
N22 XPW F . 33.29 -18.94 -15.63
C24 XPW F . 32.31 -18.69 -18.09
C25 XPW F . 31.02 -18.60 -18.85
C26 XPW F . 29.74 -18.64 -18.11
C27 XPW F . 29.73 -18.78 -16.62
C28 XPW F . 31.11 -18.87 -15.84
C29 XPW F . 28.41 -18.54 -18.86
N30 XPW F . 27.43 -18.47 -19.41
C31 XPW F . 29.83 -21.36 -14.33
O32 XPW F . 29.71 -23.82 -13.61
C33 XPW F . 29.74 -24.81 -14.67
O34 XPW F . 30.12 -25.92 -14.59
C12 XPW G . -34.74 -13.78 13.46
C13 XPW G . -35.17 -13.11 12.20
C14 XPW G . -33.97 -13.30 11.28
C15 XPW G . -34.05 -12.40 10.05
C16 XPW G . -34.13 -10.94 10.48
C17 XPW G . -35.37 -10.67 11.34
C18 XPW G . -36.60 -10.79 10.44
C19 XPW G . -35.24 -9.25 11.90
C23 XPW G . -36.99 -8.74 15.04
C01 XPW G . -38.56 -17.26 19.12
C02 XPW G . -37.08 -16.88 19.08
C03 XPW G . -36.24 -18.14 19.33
O04 XPW G . -36.81 -15.94 20.07
C05 XPW G . -36.74 -16.32 17.71
C06 XPW G . -37.46 -15.08 17.18
N07 XPW G . -37.13 -14.56 15.88
C08 XPW G . -36.11 -15.20 15.07
C09 XPW G . -35.38 -16.44 15.60
N10 XPW G . -35.72 -16.97 16.91
N11 XPW G . -35.77 -14.68 13.76
N20 XPW G . -36.16 -8.99 13.01
C21 XPW G . -37.46 -8.59 12.91
N22 XPW G . -37.96 -8.45 14.16
C24 XPW G . -36.96 -8.76 16.61
C25 XPW G . -35.70 -9.15 17.33
C26 XPW G . -34.49 -9.51 16.56
C27 XPW G . -34.53 -9.49 15.05
C28 XPW G . -35.86 -9.07 14.32
C29 XPW G . -33.21 -9.91 17.27
N30 XPW G . -32.25 -10.19 17.80
C31 XPW G . -35.51 -11.65 12.50
O32 XPW G . -36.09 -13.97 11.55
C33 XPW G . -36.44 -15.01 12.50
O34 XPW G . -37.13 -15.95 12.30
C12 XPW H . 10.83 -22.54 30.85
C13 XPW H . 9.67 -21.82 31.42
C14 XPW H . 8.73 -21.65 30.23
C15 XPW H . 7.64 -20.62 30.49
C16 XPW H . 8.25 -19.27 30.89
C17 XPW H . 9.11 -19.39 32.14
C18 XPW H . 8.17 -19.69 33.33
C19 XPW H . 9.83 -18.05 32.34
C23 XPW H . 12.93 -18.31 34.19
C01 XPW H . 15.99 -27.34 33.88
C02 XPW H . 16.03 -26.65 32.51
C03 XPW H . 16.16 -27.72 31.42
O04 XPW H . 17.13 -25.78 32.45
C05 XPW H . 14.74 -25.88 32.30
C06 XPW H . 14.32 -24.79 33.28
N07 XPW H . 13.08 -24.06 33.07
C08 XPW H . 12.25 -24.37 31.91
C09 XPW H . 12.68 -25.46 30.92
N10 XPW H . 13.90 -26.19 31.15
N11 XPW H . 11.02 -23.65 31.69
N20 XPW H . 10.93 -18.14 33.30
C21 XPW H . 10.83 -18.01 34.66
N22 XPW H . 12.07 -18.13 35.19
C24 XPW H . 14.49 -18.52 34.16
C25 XPW H . 15.21 -18.70 32.85
C26 XPW H . 14.44 -18.69 31.59
C27 XPW H . 12.95 -18.50 31.63
C28 XPW H . 12.22 -18.30 33.00
C29 XPW H . 15.14 -18.88 30.25
N30 XPW H . 15.67 -19.02 29.26
C31 XPW H . 10.14 -20.51 32.04
O32 XPW H . 8.90 -22.76 32.16
C33 XPW H . 9.72 -23.94 32.30
O34 XPW H . 9.40 -24.96 32.81
#